data_5TUB
#
_entry.id   5TUB
#
_cell.length_a   224.790
_cell.length_b   149.740
_cell.length_c   95.030
_cell.angle_alpha   90.00
_cell.angle_beta   108.93
_cell.angle_gamma   90.00
#
_symmetry.space_group_name_H-M   'C 1 2 1'
#
loop_
_entity.id
_entity.type
_entity.pdbx_description
1 polymer 'Shark TBC1D15 GTPase-activating Protein'
2 water water
#
_entity_poly.entity_id   1
_entity_poly.type   'polypeptide(L)'
_entity_poly.pdbx_seq_one_letter_code
;LEINHQEEPGFEVITRIDLGIRPEIQRGEPVSIERWSQCMDAEGKVLDPENVKKLIFRGGLCHAVRKLTWKFLLNYFPWD
SSKEDRRLLIKRKTDEYFRMKLQWKSVSEEQEKRNTRLKDYKSLIEKDVNRTDRTNPFYEGHENPGLILLHDILMTYCMY
DFDLGYIQGMSDLLSPILYVMENEVDAFWCFVAFIEQMHCNFEEQMQGMKTELSQLSTLLKLLDLGFWNYLESQESGYLY
FCFRWLLIRFKREFNFQDTLRLWEVMWTGLPCQNFHLLICCAILDSEKQKIMENHYGFNEILKHINELSLKLDVEEVLCK
AEAIYCQMMKCKDLPQAVGEILGLKDST
;
_entity_poly.pdbx_strand_id   A,B,C,D
#
# COMPACT_ATOMS: atom_id res chain seq x y z
N PHE A 11 -6.22 -16.37 -6.43
CA PHE A 11 -6.34 -17.14 -7.66
C PHE A 11 -5.12 -18.04 -7.86
N GLU A 12 -4.69 -18.72 -6.81
CA GLU A 12 -3.55 -19.64 -6.89
C GLU A 12 -3.97 -21.02 -7.41
N VAL A 13 -5.23 -21.08 -7.83
CA VAL A 13 -5.77 -22.20 -8.56
C VAL A 13 -5.18 -22.27 -9.98
N ILE A 14 -4.60 -21.16 -10.43
CA ILE A 14 -4.07 -21.08 -11.77
C ILE A 14 -2.76 -21.83 -11.93
N THR A 15 -2.09 -22.11 -10.80
CA THR A 15 -0.84 -22.85 -10.83
C THR A 15 -1.07 -24.34 -11.10
N ARG A 16 -2.23 -24.83 -10.66
CA ARG A 16 -2.57 -26.25 -10.79
C ARG A 16 -3.35 -26.54 -12.08
N ILE A 17 -3.65 -25.47 -12.80
CA ILE A 17 -4.22 -25.54 -14.15
C ILE A 17 -3.16 -25.81 -15.23
N ASP A 18 -3.59 -26.36 -16.37
CA ASP A 18 -2.68 -26.53 -17.50
C ASP A 18 -3.38 -26.19 -18.81
N LEU A 19 -2.78 -25.27 -19.58
CA LEU A 19 -3.29 -24.96 -20.91
C LEU A 19 -2.30 -25.53 -21.90
N GLY A 20 -2.68 -26.62 -22.54
CA GLY A 20 -1.68 -27.43 -23.21
C GLY A 20 -1.01 -26.84 -24.43
N ILE A 21 -1.81 -26.55 -25.45
CA ILE A 21 -1.29 -26.18 -26.75
C ILE A 21 -2.18 -25.13 -27.38
N ARG A 22 -1.57 -24.09 -27.92
CA ARG A 22 -2.31 -23.07 -28.64
C ARG A 22 -2.54 -23.56 -30.07
N PRO A 23 -3.81 -23.77 -30.44
CA PRO A 23 -4.12 -24.27 -31.78
C PRO A 23 -3.78 -23.26 -32.86
N GLU A 24 -3.64 -23.72 -34.09
CA GLU A 24 -3.40 -22.82 -35.22
C GLU A 24 -4.72 -22.39 -35.83
N ILE A 25 -4.91 -21.08 -35.97
CA ILE A 25 -6.15 -20.54 -36.49
C ILE A 25 -6.03 -20.16 -37.95
N GLN A 26 -6.97 -20.65 -38.75
CA GLN A 26 -7.05 -20.33 -40.17
C GLN A 26 -8.01 -19.16 -40.30
N ARG A 27 -7.51 -18.05 -40.83
CA ARG A 27 -8.25 -16.80 -40.79
C ARG A 27 -9.45 -16.73 -41.74
N GLY A 28 -9.24 -16.96 -43.04
CA GLY A 28 -10.35 -16.85 -43.97
C GLY A 28 -10.37 -15.62 -44.87
N GLU A 29 -11.46 -15.46 -45.61
CA GLU A 29 -11.59 -14.43 -46.64
C GLU A 29 -12.78 -13.52 -46.43
N PRO A 30 -12.63 -12.22 -46.70
CA PRO A 30 -13.68 -11.22 -46.49
C PRO A 30 -14.89 -11.44 -47.37
N VAL A 31 -16.06 -11.05 -46.88
CA VAL A 31 -17.30 -11.29 -47.59
C VAL A 31 -17.40 -10.41 -48.82
N SER A 32 -17.53 -11.03 -49.98
CA SER A 32 -17.72 -10.33 -51.25
C SER A 32 -19.17 -9.86 -51.41
N ILE A 33 -19.39 -8.92 -52.33
CA ILE A 33 -20.74 -8.53 -52.74
C ILE A 33 -21.56 -9.74 -53.15
N GLU A 34 -20.91 -10.69 -53.84
CA GLU A 34 -21.59 -11.89 -54.29
C GLU A 34 -22.12 -12.66 -53.09
N ARG A 35 -21.25 -12.93 -52.12
CA ARG A 35 -21.61 -13.73 -50.95
C ARG A 35 -22.72 -13.08 -50.13
N TRP A 36 -22.66 -11.77 -49.98
CA TRP A 36 -23.67 -11.07 -49.22
C TRP A 36 -25.03 -11.21 -49.89
N SER A 37 -25.03 -11.16 -51.22
CA SER A 37 -26.28 -11.24 -52.00
C SER A 37 -27.02 -12.55 -51.80
N GLN A 38 -26.25 -13.59 -51.52
CA GLN A 38 -26.82 -14.90 -51.24
C GLN A 38 -27.45 -14.90 -49.87
N CYS A 39 -26.89 -14.09 -48.97
CA CYS A 39 -27.38 -14.03 -47.60
C CYS A 39 -28.62 -13.14 -47.42
N MET A 40 -28.88 -12.25 -48.37
CA MET A 40 -30.05 -11.39 -48.27
C MET A 40 -31.18 -11.93 -49.16
N ASP A 41 -32.38 -11.93 -48.59
CA ASP A 41 -33.59 -12.42 -49.22
C ASP A 41 -34.06 -11.47 -50.32
N ALA A 42 -35.13 -11.83 -51.01
CA ALA A 42 -35.71 -10.98 -52.04
C ALA A 42 -36.49 -9.83 -51.39
N GLU A 43 -37.10 -10.10 -50.24
CA GLU A 43 -37.81 -9.08 -49.48
C GLU A 43 -36.80 -8.11 -48.85
N GLY A 44 -35.54 -8.54 -48.79
CA GLY A 44 -34.52 -7.73 -48.17
C GLY A 44 -34.10 -8.31 -46.85
N LYS A 45 -34.79 -9.34 -46.38
CA LYS A 45 -34.44 -10.01 -45.13
C LYS A 45 -33.08 -10.67 -45.18
N VAL A 46 -32.36 -10.63 -44.07
CA VAL A 46 -31.15 -11.40 -43.96
C VAL A 46 -31.56 -12.84 -43.64
N LEU A 47 -31.20 -13.77 -44.52
CA LEU A 47 -31.65 -15.16 -44.40
C LEU A 47 -31.26 -15.81 -43.06
N ASP A 48 -29.97 -16.00 -42.85
CA ASP A 48 -29.50 -16.62 -41.62
C ASP A 48 -28.51 -15.70 -40.92
N PRO A 49 -29.04 -14.83 -40.03
CA PRO A 49 -28.24 -13.77 -39.40
C PRO A 49 -27.12 -14.32 -38.52
N GLU A 50 -27.32 -15.48 -37.92
CA GLU A 50 -26.28 -16.09 -37.12
C GLU A 50 -25.15 -16.59 -38.00
N ASN A 51 -25.52 -17.11 -39.17
CA ASN A 51 -24.54 -17.54 -40.16
C ASN A 51 -23.73 -16.37 -40.71
N VAL A 52 -24.42 -15.27 -40.99
CA VAL A 52 -23.78 -14.05 -41.46
C VAL A 52 -22.70 -13.60 -40.48
N LYS A 53 -23.02 -13.67 -39.19
CA LYS A 53 -22.08 -13.27 -38.16
C LYS A 53 -20.87 -14.19 -38.17
N LYS A 54 -21.10 -15.47 -38.43
CA LYS A 54 -20.03 -16.44 -38.51
C LYS A 54 -19.09 -16.11 -39.67
N LEU A 55 -19.67 -15.70 -40.80
CA LEU A 55 -18.90 -15.36 -41.99
C LEU A 55 -18.09 -14.09 -41.78
N ILE A 56 -18.75 -13.07 -41.22
CA ILE A 56 -18.08 -11.79 -40.97
C ILE A 56 -16.95 -11.99 -39.98
N PHE A 57 -17.12 -12.90 -39.03
CA PHE A 57 -16.10 -13.07 -38.02
C PHE A 57 -14.76 -13.57 -38.58
N ARG A 58 -14.76 -14.70 -39.28
CA ARG A 58 -13.47 -15.24 -39.74
C ARG A 58 -12.86 -14.38 -40.85
N GLY A 59 -13.62 -14.09 -41.90
CA GLY A 59 -13.06 -13.34 -43.01
C GLY A 59 -13.16 -11.82 -42.95
N GLY A 60 -14.18 -11.30 -42.28
CA GLY A 60 -14.42 -9.88 -42.31
C GLY A 60 -15.29 -9.45 -43.47
N LEU A 61 -15.29 -8.16 -43.77
CA LEU A 61 -16.08 -7.64 -44.88
C LEU A 61 -15.23 -6.87 -45.86
N CYS A 62 -15.54 -7.01 -47.14
CA CYS A 62 -14.94 -6.18 -48.16
C CYS A 62 -15.52 -4.78 -48.06
N HIS A 63 -14.72 -3.77 -48.43
CA HIS A 63 -15.10 -2.38 -48.16
C HIS A 63 -16.38 -1.92 -48.84
N ALA A 64 -16.76 -2.56 -49.95
CA ALA A 64 -17.92 -2.11 -50.70
C ALA A 64 -19.21 -2.36 -49.92
N VAL A 65 -19.34 -3.58 -49.39
CA VAL A 65 -20.55 -4.00 -48.70
C VAL A 65 -20.59 -3.42 -47.27
N ARG A 66 -19.49 -2.83 -46.89
CA ARG A 66 -19.27 -2.36 -45.53
C ARG A 66 -20.31 -1.32 -45.08
N LYS A 67 -20.84 -0.56 -46.03
CA LYS A 67 -21.82 0.47 -45.69
C LYS A 67 -23.16 -0.10 -45.24
N LEU A 68 -23.60 -1.15 -45.92
CA LEU A 68 -24.88 -1.76 -45.61
C LEU A 68 -24.78 -2.71 -44.41
N THR A 69 -23.73 -3.51 -44.40
CA THR A 69 -23.58 -4.57 -43.40
C THR A 69 -23.30 -4.01 -42.02
N TRP A 70 -22.59 -2.89 -41.95
CA TRP A 70 -22.30 -2.29 -40.66
C TRP A 70 -23.59 -1.87 -39.96
N LYS A 71 -24.58 -1.45 -40.74
CA LYS A 71 -25.85 -1.06 -40.17
C LYS A 71 -26.51 -2.23 -39.43
N PHE A 72 -26.25 -3.45 -39.90
CA PHE A 72 -26.78 -4.62 -39.21
C PHE A 72 -25.95 -4.94 -37.96
N LEU A 73 -24.63 -4.91 -38.12
CA LEU A 73 -23.72 -5.19 -37.03
C LEU A 73 -23.94 -4.23 -35.87
N LEU A 74 -24.17 -2.97 -36.21
CA LEU A 74 -24.36 -1.90 -35.23
C LEU A 74 -25.83 -1.68 -34.83
N ASN A 75 -26.71 -2.59 -35.24
CA ASN A 75 -28.08 -2.66 -34.74
C ASN A 75 -29.00 -1.56 -35.25
N TYR A 76 -28.48 -0.67 -36.09
CA TYR A 76 -29.29 0.28 -36.84
C TYR A 76 -30.38 -0.42 -37.67
N PHE A 77 -29.99 -1.45 -38.41
CA PHE A 77 -30.91 -2.31 -39.13
C PHE A 77 -31.11 -3.61 -38.38
N PRO A 78 -32.32 -3.85 -37.87
CA PRO A 78 -32.55 -5.14 -37.20
C PRO A 78 -32.43 -6.32 -38.18
N TRP A 79 -31.87 -7.44 -37.72
CA TRP A 79 -31.62 -8.57 -38.61
C TRP A 79 -32.88 -9.18 -39.23
N ASP A 80 -33.96 -9.25 -38.45
CA ASP A 80 -35.19 -9.87 -38.94
C ASP A 80 -35.98 -8.94 -39.85
N SER A 81 -35.51 -7.70 -40.01
CA SER A 81 -36.22 -6.70 -40.81
C SER A 81 -36.12 -6.89 -42.32
N SER A 82 -37.16 -6.45 -43.01
CA SER A 82 -37.21 -6.43 -44.46
C SER A 82 -36.94 -5.02 -44.99
N LYS A 83 -36.99 -4.86 -46.31
CA LYS A 83 -36.71 -3.57 -46.92
C LYS A 83 -37.83 -2.57 -46.60
N GLU A 84 -39.07 -3.05 -46.59
CA GLU A 84 -40.20 -2.18 -46.22
C GLU A 84 -40.13 -1.77 -44.76
N ASP A 85 -39.72 -2.69 -43.89
CA ASP A 85 -39.57 -2.35 -42.48
C ASP A 85 -38.56 -1.22 -42.36
N ARG A 86 -37.46 -1.36 -43.09
CA ARG A 86 -36.37 -0.39 -43.04
C ARG A 86 -36.78 0.99 -43.58
N ARG A 87 -37.56 1.02 -44.66
CA ARG A 87 -37.96 2.31 -45.23
C ARG A 87 -38.74 3.14 -44.21
N LEU A 88 -39.60 2.46 -43.45
CA LEU A 88 -40.37 3.13 -42.42
C LEU A 88 -39.47 3.47 -41.24
N LEU A 89 -38.55 2.57 -40.92
CA LEU A 89 -37.63 2.76 -39.82
C LEU A 89 -36.73 3.98 -40.03
N ILE A 90 -36.16 4.07 -41.22
CA ILE A 90 -35.28 5.17 -41.58
C ILE A 90 -36.00 6.52 -41.50
N LYS A 91 -37.27 6.54 -41.90
CA LYS A 91 -38.03 7.77 -41.83
C LYS A 91 -38.21 8.20 -40.37
N ARG A 92 -38.52 7.25 -39.50
CA ARG A 92 -38.67 7.57 -38.08
C ARG A 92 -37.35 8.05 -37.48
N LYS A 93 -36.25 7.31 -37.71
CA LYS A 93 -34.94 7.65 -37.12
C LYS A 93 -34.44 9.01 -37.63
N THR A 94 -34.86 9.38 -38.83
CA THR A 94 -34.39 10.62 -39.43
C THR A 94 -35.09 11.82 -38.81
N ASP A 95 -36.41 11.74 -38.66
CA ASP A 95 -37.16 12.81 -38.02
C ASP A 95 -36.68 12.99 -36.59
N GLU A 96 -36.48 11.86 -35.92
CA GLU A 96 -36.05 11.85 -34.55
C GLU A 96 -34.66 12.49 -34.43
N TYR A 97 -33.79 12.24 -35.39
CA TYR A 97 -32.46 12.81 -35.37
C TYR A 97 -32.49 14.34 -35.48
N PHE A 98 -33.19 14.85 -36.48
CA PHE A 98 -33.18 16.29 -36.71
C PHE A 98 -33.98 17.01 -35.64
N ARG A 99 -34.88 16.29 -34.98
CA ARG A 99 -35.60 16.85 -33.84
C ARG A 99 -34.63 17.19 -32.72
N MET A 100 -33.71 16.26 -32.45
CA MET A 100 -32.72 16.45 -31.41
C MET A 100 -31.66 17.46 -31.82
N LYS A 101 -31.28 17.42 -33.09
CA LYS A 101 -30.26 18.34 -33.60
C LYS A 101 -30.71 19.77 -33.40
N LEU A 102 -32.01 19.99 -33.62
CA LEU A 102 -32.61 21.30 -33.48
C LEU A 102 -32.47 21.81 -32.05
N GLN A 103 -32.46 20.88 -31.09
CA GLN A 103 -32.41 21.23 -29.67
C GLN A 103 -31.11 21.93 -29.30
N TRP A 104 -29.97 21.45 -29.79
CA TRP A 104 -28.72 22.18 -29.57
C TRP A 104 -28.50 23.30 -30.58
N LYS A 105 -29.02 23.14 -31.79
CA LYS A 105 -28.73 24.10 -32.84
C LYS A 105 -29.53 25.39 -32.72
N SER A 106 -30.64 25.35 -31.98
CA SER A 106 -31.51 26.51 -31.79
C SER A 106 -31.18 27.28 -30.53
N VAL A 107 -30.15 26.84 -29.81
CA VAL A 107 -29.66 27.51 -28.60
C VAL A 107 -28.95 28.79 -28.99
N SER A 108 -29.28 29.89 -28.32
CA SER A 108 -28.74 31.18 -28.69
C SER A 108 -27.42 31.47 -28.00
N GLU A 109 -26.86 32.64 -28.28
CA GLU A 109 -25.61 33.07 -27.67
C GLU A 109 -25.83 33.34 -26.17
N GLU A 110 -26.87 34.11 -25.83
CA GLU A 110 -27.21 34.36 -24.41
C GLU A 110 -27.41 33.03 -23.68
N GLN A 111 -28.17 32.16 -24.33
CA GLN A 111 -28.59 30.88 -23.79
C GLN A 111 -27.42 29.95 -23.49
N GLU A 112 -26.41 29.97 -24.36
CA GLU A 112 -25.27 29.07 -24.23
C GLU A 112 -24.39 29.46 -23.06
N LYS A 113 -24.25 30.76 -22.80
CA LYS A 113 -23.48 31.25 -21.67
C LYS A 113 -24.09 30.74 -20.37
N ARG A 114 -25.41 30.63 -20.33
CA ARG A 114 -26.09 30.21 -19.11
C ARG A 114 -26.25 28.70 -19.03
N ASN A 115 -25.81 27.98 -20.06
CA ASN A 115 -25.70 26.53 -19.95
C ASN A 115 -24.24 26.13 -20.02
N THR A 116 -23.67 25.80 -18.88
CA THR A 116 -22.23 25.58 -18.84
C THR A 116 -21.87 24.19 -19.30
N ARG A 117 -22.69 23.20 -18.97
CA ARG A 117 -22.38 21.84 -19.38
C ARG A 117 -22.48 21.68 -20.88
N LEU A 118 -23.44 22.36 -21.51
CA LEU A 118 -23.54 22.32 -22.96
C LEU A 118 -22.39 23.10 -23.58
N LYS A 119 -22.10 24.26 -23.00
CA LYS A 119 -21.00 25.10 -23.48
C LYS A 119 -19.68 24.34 -23.42
N ASP A 120 -19.47 23.59 -22.34
CA ASP A 120 -18.25 22.83 -22.15
C ASP A 120 -18.18 21.61 -23.08
N TYR A 121 -19.31 20.94 -23.28
CA TYR A 121 -19.37 19.83 -24.21
C TYR A 121 -18.98 20.33 -25.59
N LYS A 122 -19.54 21.47 -25.96
CA LYS A 122 -19.34 22.07 -27.27
C LYS A 122 -17.87 22.39 -27.53
N SER A 123 -17.18 22.89 -26.51
CA SER A 123 -15.77 23.25 -26.66
C SER A 123 -14.88 21.99 -26.76
N LEU A 124 -15.20 20.96 -25.99
CA LEU A 124 -14.46 19.69 -26.07
C LEU A 124 -14.56 19.12 -27.47
N ILE A 125 -15.75 19.21 -28.05
CA ILE A 125 -15.96 18.70 -29.39
C ILE A 125 -15.09 19.43 -30.42
N GLU A 126 -15.05 20.75 -30.33
CA GLU A 126 -14.24 21.54 -31.25
C GLU A 126 -12.74 21.27 -31.09
N LYS A 127 -12.31 21.03 -29.85
CA LYS A 127 -10.90 20.71 -29.58
C LYS A 127 -10.58 19.37 -30.27
N ASP A 128 -11.45 18.37 -30.11
CA ASP A 128 -11.22 17.04 -30.63
C ASP A 128 -11.52 16.88 -32.12
N VAL A 129 -12.51 17.59 -32.64
CA VAL A 129 -12.85 17.43 -34.04
C VAL A 129 -11.80 18.04 -34.98
N ASN A 130 -11.34 19.25 -34.68
CA ASN A 130 -10.29 19.85 -35.51
C ASN A 130 -8.98 19.11 -35.34
N ARG A 131 -8.86 18.35 -34.28
CA ARG A 131 -7.72 17.46 -34.19
C ARG A 131 -8.21 16.03 -34.41
N THR A 132 -8.38 15.60 -35.65
CA THR A 132 -8.82 14.21 -35.90
C THR A 132 -8.43 13.69 -37.25
N ASP A 133 -7.57 12.67 -37.30
CA ASP A 133 -7.27 11.99 -38.56
C ASP A 133 -7.16 12.93 -39.74
N ARG A 134 -6.34 13.98 -39.63
CA ARG A 134 -6.35 14.99 -40.67
C ARG A 134 -5.56 14.49 -41.88
N THR A 135 -4.87 13.37 -41.71
CA THR A 135 -4.16 12.73 -42.80
C THR A 135 -5.12 11.94 -43.70
N ASN A 136 -6.29 11.62 -43.17
CA ASN A 136 -7.28 10.82 -43.89
C ASN A 136 -8.08 11.66 -44.86
N PRO A 137 -8.21 11.20 -46.13
CA PRO A 137 -8.84 11.96 -47.22
C PRO A 137 -10.26 12.43 -46.96
N PHE A 138 -10.97 11.74 -46.07
CA PHE A 138 -12.33 12.14 -45.74
C PHE A 138 -12.35 13.46 -44.99
N TYR A 139 -11.48 13.59 -44.00
CA TYR A 139 -11.50 14.75 -43.12
C TYR A 139 -10.51 15.86 -43.46
N GLU A 140 -9.72 15.67 -44.51
CA GLU A 140 -8.76 16.70 -44.91
C GLU A 140 -9.32 17.53 -46.07
N GLY A 141 -9.31 18.84 -45.90
CA GLY A 141 -9.83 19.75 -46.90
C GLY A 141 -9.83 21.15 -46.32
N HIS A 142 -10.00 22.16 -47.15
CA HIS A 142 -9.96 23.54 -46.66
C HIS A 142 -11.11 23.76 -45.69
N GLU A 143 -12.33 23.58 -46.19
CA GLU A 143 -13.49 23.45 -45.32
C GLU A 143 -14.03 22.04 -45.52
N ASN A 144 -13.76 21.15 -44.58
CA ASN A 144 -14.15 19.77 -44.79
C ASN A 144 -15.58 19.49 -44.34
N PRO A 145 -16.38 18.89 -45.22
CA PRO A 145 -17.77 18.54 -44.90
C PRO A 145 -17.86 17.47 -43.80
N GLY A 146 -16.93 16.52 -43.83
CA GLY A 146 -16.92 15.43 -42.88
C GLY A 146 -16.69 15.90 -41.46
N LEU A 147 -15.83 16.89 -41.29
CA LEU A 147 -15.54 17.47 -39.98
C LEU A 147 -16.76 18.18 -39.42
N ILE A 148 -17.54 18.79 -40.31
CA ILE A 148 -18.77 19.45 -39.90
C ILE A 148 -19.79 18.41 -39.45
N LEU A 149 -19.87 17.30 -40.19
CA LEU A 149 -20.77 16.22 -39.79
C LEU A 149 -20.33 15.64 -38.46
N LEU A 150 -19.02 15.50 -38.27
CA LEU A 150 -18.46 15.01 -37.02
C LEU A 150 -18.94 15.83 -35.84
N HIS A 151 -18.86 17.15 -36.00
CA HIS A 151 -19.34 18.09 -35.00
C HIS A 151 -20.85 17.94 -34.77
N ASP A 152 -21.62 17.99 -35.85
CA ASP A 152 -23.07 17.93 -35.75
C ASP A 152 -23.55 16.62 -35.13
N ILE A 153 -22.93 15.51 -35.52
CA ILE A 153 -23.35 14.22 -34.99
C ILE A 153 -23.05 14.13 -33.50
N LEU A 154 -21.88 14.64 -33.09
CA LEU A 154 -21.51 14.62 -31.68
C LEU A 154 -22.38 15.53 -30.82
N MET A 155 -22.67 16.74 -31.29
CA MET A 155 -23.55 17.67 -30.58
C MET A 155 -24.95 17.08 -30.42
N THR A 156 -25.46 16.46 -31.47
CA THR A 156 -26.78 15.84 -31.40
C THR A 156 -26.74 14.68 -30.39
N TYR A 157 -25.60 14.02 -30.25
CA TYR A 157 -25.54 12.96 -29.26
C TYR A 157 -25.67 13.53 -27.84
N CYS A 158 -25.15 14.73 -27.61
CA CYS A 158 -25.31 15.36 -26.30
C CYS A 158 -26.77 15.59 -25.93
N MET A 159 -27.63 15.85 -26.92
CA MET A 159 -29.04 15.98 -26.64
C MET A 159 -29.67 14.61 -26.40
N TYR A 160 -29.18 13.60 -27.13
CA TYR A 160 -29.66 12.23 -26.96
C TYR A 160 -29.40 11.71 -25.56
N ASP A 161 -28.13 11.76 -25.14
CA ASP A 161 -27.73 11.44 -23.78
C ASP A 161 -27.01 12.65 -23.19
N PHE A 162 -27.69 13.41 -22.34
CA PHE A 162 -27.07 14.63 -21.82
C PHE A 162 -26.19 14.38 -20.61
N ASP A 163 -26.48 13.32 -19.85
CA ASP A 163 -25.66 12.95 -18.71
C ASP A 163 -24.26 12.60 -19.16
N LEU A 164 -24.15 11.87 -20.27
CA LEU A 164 -22.85 11.50 -20.82
C LEU A 164 -22.22 12.68 -21.54
N GLY A 165 -22.99 13.31 -22.43
CA GLY A 165 -22.48 14.40 -23.24
C GLY A 165 -21.33 13.93 -24.12
N TYR A 166 -20.22 14.66 -24.07
CA TYR A 166 -19.03 14.27 -24.81
C TYR A 166 -17.82 14.06 -23.91
N ILE A 167 -17.18 12.90 -24.06
CA ILE A 167 -15.92 12.63 -23.40
C ILE A 167 -14.84 12.49 -24.46
N GLN A 168 -13.67 13.06 -24.21
CA GLN A 168 -12.58 13.04 -25.18
C GLN A 168 -12.23 11.62 -25.61
N GLY A 169 -12.12 11.44 -26.92
CA GLY A 169 -11.87 10.13 -27.48
C GLY A 169 -13.10 9.58 -28.15
N MET A 170 -14.26 10.17 -27.85
CA MET A 170 -15.47 9.70 -28.50
C MET A 170 -15.49 10.09 -29.99
N SER A 171 -14.79 11.17 -30.33
CA SER A 171 -14.69 11.59 -31.73
C SER A 171 -13.90 10.57 -32.53
N ASP A 172 -12.93 9.93 -31.88
CA ASP A 172 -12.15 8.89 -32.55
C ASP A 172 -13.00 7.65 -32.80
N LEU A 173 -14.02 7.45 -31.97
CA LEU A 173 -14.95 6.35 -32.15
C LEU A 173 -15.96 6.58 -33.27
N LEU A 174 -16.35 7.85 -33.45
CA LEU A 174 -17.34 8.18 -34.49
C LEU A 174 -16.69 8.22 -35.86
N SER A 175 -15.46 8.71 -35.90
CA SER A 175 -14.72 8.94 -37.15
C SER A 175 -14.78 7.79 -38.17
N PRO A 176 -14.49 6.53 -37.76
CA PRO A 176 -14.61 5.46 -38.75
C PRO A 176 -16.05 5.18 -39.17
N ILE A 177 -16.98 5.31 -38.23
CA ILE A 177 -18.37 5.00 -38.50
C ILE A 177 -18.95 6.00 -39.51
N LEU A 178 -18.60 7.27 -39.35
CA LEU A 178 -19.06 8.31 -40.28
C LEU A 178 -18.45 8.03 -41.65
N TYR A 179 -17.16 7.70 -41.67
CA TYR A 179 -16.45 7.39 -42.91
C TYR A 179 -17.11 6.30 -43.73
N VAL A 180 -17.58 5.25 -43.05
CA VAL A 180 -18.25 4.15 -43.73
C VAL A 180 -19.66 4.53 -44.13
N MET A 181 -20.38 5.19 -43.24
CA MET A 181 -21.79 5.48 -43.47
C MET A 181 -22.02 6.61 -44.49
N GLU A 182 -21.25 7.68 -44.37
CA GLU A 182 -21.34 8.81 -45.28
C GLU A 182 -22.68 9.55 -45.18
N ASN A 183 -23.55 9.10 -44.28
CA ASN A 183 -24.79 9.80 -43.99
C ASN A 183 -24.84 10.26 -42.53
N GLU A 184 -25.23 11.52 -42.35
CA GLU A 184 -25.24 12.15 -41.03
C GLU A 184 -26.15 11.41 -40.07
N VAL A 185 -27.37 11.10 -40.51
CA VAL A 185 -28.31 10.35 -39.69
C VAL A 185 -27.83 8.93 -39.43
N ASP A 186 -27.46 8.21 -40.49
CA ASP A 186 -27.00 6.83 -40.36
C ASP A 186 -25.83 6.69 -39.39
N ALA A 187 -24.85 7.58 -39.53
CA ALA A 187 -23.69 7.51 -38.68
C ALA A 187 -24.08 7.75 -37.23
N PHE A 188 -25.03 8.66 -37.02
CA PHE A 188 -25.45 8.99 -35.67
C PHE A 188 -25.98 7.77 -34.94
N TRP A 189 -26.96 7.10 -35.52
CA TRP A 189 -27.62 5.99 -34.85
C TRP A 189 -26.70 4.77 -34.70
N CYS A 190 -25.71 4.67 -35.58
CA CYS A 190 -24.74 3.60 -35.45
C CYS A 190 -23.78 3.92 -34.32
N PHE A 191 -23.39 5.18 -34.25
CA PHE A 191 -22.55 5.66 -33.18
C PHE A 191 -23.22 5.45 -31.81
N VAL A 192 -24.52 5.72 -31.74
CA VAL A 192 -25.27 5.54 -30.51
C VAL A 192 -25.15 4.11 -29.99
N ALA A 193 -25.36 3.15 -30.88
CA ALA A 193 -25.31 1.75 -30.52
C ALA A 193 -23.88 1.32 -30.12
N PHE A 194 -22.90 1.94 -30.76
CA PHE A 194 -21.50 1.66 -30.47
C PHE A 194 -21.14 2.13 -29.07
N ILE A 195 -21.68 3.28 -28.69
CA ILE A 195 -21.43 3.81 -27.33
C ILE A 195 -22.21 3.06 -26.26
N GLU A 196 -23.44 2.63 -26.58
CA GLU A 196 -24.27 1.94 -25.60
C GLU A 196 -23.65 0.64 -25.05
N GLN A 197 -22.98 -0.14 -25.89
CA GLN A 197 -22.32 -1.36 -25.42
C GLN A 197 -21.20 -1.03 -24.44
N MET A 198 -20.54 0.11 -24.67
CA MET A 198 -19.40 0.56 -23.88
C MET A 198 -19.72 1.60 -22.82
N HIS A 199 -20.99 1.98 -22.70
CA HIS A 199 -21.37 3.24 -22.05
C HIS A 199 -20.72 3.49 -20.68
N CYS A 200 -20.55 2.43 -19.91
CA CYS A 200 -19.93 2.53 -18.58
C CYS A 200 -18.53 3.16 -18.65
N ASN A 201 -17.81 2.87 -19.73
CA ASN A 201 -16.44 3.34 -19.89
C ASN A 201 -16.33 4.85 -19.83
N PHE A 202 -17.35 5.55 -20.32
CA PHE A 202 -17.28 7.00 -20.47
C PHE A 202 -17.95 7.79 -19.35
N GLU A 203 -18.58 7.09 -18.41
CA GLU A 203 -19.22 7.75 -17.28
C GLU A 203 -18.19 8.42 -16.38
N GLU A 204 -18.62 9.46 -15.64
CA GLU A 204 -17.69 10.36 -14.95
C GLU A 204 -16.67 9.62 -14.11
N GLN A 205 -17.15 8.75 -13.23
CA GLN A 205 -16.26 7.83 -12.57
C GLN A 205 -16.16 6.69 -13.54
N MET A 206 -14.98 6.41 -14.08
CA MET A 206 -14.97 5.47 -15.19
C MET A 206 -14.81 4.07 -14.66
N GLN A 207 -15.91 3.34 -14.69
CA GLN A 207 -15.94 1.94 -14.36
C GLN A 207 -16.19 1.25 -15.67
N GLY A 208 -15.63 0.07 -15.87
CA GLY A 208 -15.74 -0.55 -17.17
C GLY A 208 -14.52 -0.13 -17.95
N MET A 209 -13.93 1.01 -17.59
CA MET A 209 -12.52 1.21 -17.90
C MET A 209 -11.75 0.53 -16.78
N LYS A 210 -12.27 0.65 -15.57
CA LYS A 210 -11.68 -0.04 -14.44
C LYS A 210 -12.05 -1.51 -14.47
N THR A 211 -13.30 -1.79 -14.78
CA THR A 211 -13.80 -3.16 -14.81
C THR A 211 -13.11 -3.96 -15.92
N GLU A 212 -12.99 -3.36 -17.09
CA GLU A 212 -12.31 -4.03 -18.20
C GLU A 212 -10.83 -4.25 -17.90
N LEU A 213 -10.20 -3.27 -17.26
CA LEU A 213 -8.80 -3.42 -16.89
C LEU A 213 -8.64 -4.50 -15.81
N SER A 214 -9.62 -4.63 -14.93
CA SER A 214 -9.58 -5.70 -13.94
C SER A 214 -9.74 -7.05 -14.60
N GLN A 215 -10.66 -7.12 -15.57
CA GLN A 215 -10.91 -8.35 -16.28
C GLN A 215 -9.68 -8.74 -17.07
N LEU A 216 -8.96 -7.74 -17.59
CA LEU A 216 -7.77 -7.99 -18.37
C LEU A 216 -6.67 -8.55 -17.48
N SER A 217 -6.56 -8.00 -16.27
CA SER A 217 -5.55 -8.46 -15.34
C SER A 217 -5.82 -9.91 -14.92
N THR A 218 -7.10 -10.23 -14.74
CA THR A 218 -7.51 -11.58 -14.40
C THR A 218 -7.15 -12.58 -15.49
N LEU A 219 -7.37 -12.20 -16.74
CA LEU A 219 -7.01 -13.07 -17.87
C LEU A 219 -5.50 -13.25 -17.96
N LEU A 220 -4.75 -12.17 -17.78
CA LEU A 220 -3.29 -12.26 -17.88
C LEU A 220 -2.72 -13.12 -16.76
N LYS A 221 -3.34 -13.07 -15.60
CA LYS A 221 -2.91 -13.90 -14.48
C LYS A 221 -2.90 -15.39 -14.85
N LEU A 222 -3.91 -15.82 -15.59
CA LEU A 222 -4.03 -17.21 -16.00
C LEU A 222 -3.07 -17.56 -17.14
N LEU A 223 -2.86 -16.61 -18.05
CA LEU A 223 -2.08 -16.85 -19.27
C LEU A 223 -0.57 -16.91 -19.00
N ASP A 224 0.03 -15.78 -18.63
CA ASP A 224 1.40 -15.80 -18.13
C ASP A 224 1.43 -15.29 -16.70
N LEU A 225 1.69 -16.20 -15.76
CA LEU A 225 1.64 -15.84 -14.35
C LEU A 225 2.88 -15.04 -13.95
N GLY A 226 3.99 -15.31 -14.61
CA GLY A 226 5.24 -14.61 -14.30
C GLY A 226 5.18 -13.18 -14.78
N PHE A 227 4.58 -12.98 -15.94
CA PHE A 227 4.42 -11.65 -16.49
C PHE A 227 3.49 -10.83 -15.62
N TRP A 228 2.48 -11.50 -15.07
CA TRP A 228 1.56 -10.86 -14.15
C TRP A 228 2.30 -10.42 -12.89
N ASN A 229 3.16 -11.30 -12.38
CA ASN A 229 3.96 -11.01 -11.19
C ASN A 229 4.99 -9.91 -11.41
N TYR A 230 5.60 -9.88 -12.58
CA TYR A 230 6.58 -8.83 -12.87
C TYR A 230 5.91 -7.46 -12.85
N LEU A 231 4.69 -7.38 -13.38
CA LEU A 231 3.91 -6.13 -13.41
C LEU A 231 3.60 -5.68 -12.00
N GLU A 232 3.34 -6.64 -11.11
CA GLU A 232 3.12 -6.33 -9.70
C GLU A 232 4.37 -5.80 -9.01
N SER A 233 5.54 -6.30 -9.42
CA SER A 233 6.81 -5.89 -8.84
C SER A 233 7.11 -4.43 -9.17
N GLN A 234 6.69 -4.01 -10.35
CA GLN A 234 6.93 -2.66 -10.84
C GLN A 234 5.77 -1.73 -10.52
N GLU A 235 4.80 -2.26 -9.78
CA GLU A 235 3.62 -1.52 -9.34
C GLU A 235 2.77 -1.06 -10.54
N SER A 236 2.89 -1.79 -11.64
CA SER A 236 2.10 -1.56 -12.84
C SER A 236 0.87 -2.48 -12.94
N GLY A 237 0.58 -3.21 -11.88
CA GLY A 237 -0.50 -4.21 -11.87
C GLY A 237 -1.85 -3.78 -12.44
N TYR A 238 -2.35 -2.61 -12.05
CA TYR A 238 -3.46 -2.03 -12.78
C TYR A 238 -2.86 -1.54 -14.08
N LEU A 239 -3.40 -1.99 -15.21
CA LEU A 239 -2.69 -1.75 -16.46
C LEU A 239 -3.16 -0.49 -17.14
N TYR A 240 -2.36 0.57 -17.04
CA TYR A 240 -2.76 1.85 -17.59
C TYR A 240 -2.10 2.07 -18.93
N PHE A 241 -1.26 1.14 -19.34
CA PHE A 241 -0.65 1.23 -20.64
C PHE A 241 -1.62 0.63 -21.66
N CYS A 242 -2.65 -0.03 -21.15
CA CYS A 242 -3.72 -0.56 -21.99
C CYS A 242 -4.97 0.34 -22.05
N PHE A 243 -4.94 1.49 -21.38
CA PHE A 243 -6.12 2.35 -21.29
C PHE A 243 -6.57 2.84 -22.67
N ARG A 244 -5.64 3.40 -23.42
CA ARG A 244 -5.93 3.90 -24.75
C ARG A 244 -6.37 2.78 -25.69
N TRP A 245 -5.84 1.58 -25.48
CA TRP A 245 -6.27 0.43 -26.25
C TRP A 245 -7.76 0.16 -26.11
N LEU A 246 -8.22 0.03 -24.87
CA LEU A 246 -9.60 -0.34 -24.58
C LEU A 246 -10.56 0.80 -24.83
N LEU A 247 -10.15 2.01 -24.42
CA LEU A 247 -11.02 3.17 -24.48
C LEU A 247 -11.43 3.51 -25.91
N ILE A 248 -10.44 3.60 -26.80
CA ILE A 248 -10.66 3.97 -28.20
C ILE A 248 -10.80 2.70 -29.05
N ARG A 249 -10.84 1.55 -28.40
CA ARG A 249 -10.97 0.27 -29.09
C ARG A 249 -9.90 0.10 -30.16
N PHE A 250 -8.65 0.33 -29.74
CA PHE A 250 -7.46 0.08 -30.56
C PHE A 250 -7.29 1.02 -31.75
N LYS A 251 -8.23 1.92 -31.97
CA LYS A 251 -8.18 2.82 -33.12
C LYS A 251 -6.82 3.52 -33.33
N ARG A 252 -6.21 3.96 -32.23
CA ARG A 252 -4.92 4.64 -32.29
C ARG A 252 -3.77 3.68 -32.61
N GLU A 253 -4.01 2.38 -32.50
CA GLU A 253 -2.94 1.39 -32.71
C GLU A 253 -2.94 0.76 -34.11
N PHE A 254 -3.86 1.19 -34.98
CA PHE A 254 -3.97 0.59 -36.31
C PHE A 254 -4.25 1.62 -37.40
N ASN A 255 -4.01 1.20 -38.64
CA ASN A 255 -4.36 1.98 -39.83
C ASN A 255 -5.88 2.11 -39.91
N PHE A 256 -6.36 3.09 -40.68
CA PHE A 256 -7.80 3.28 -40.82
C PHE A 256 -8.46 2.02 -41.36
N GLN A 257 -7.91 1.47 -42.44
CA GLN A 257 -8.50 0.27 -43.04
C GLN A 257 -8.38 -0.93 -42.10
N ASP A 258 -7.32 -0.93 -41.32
CA ASP A 258 -7.07 -1.96 -40.33
C ASP A 258 -8.13 -1.92 -39.22
N THR A 259 -8.44 -0.72 -38.76
CA THR A 259 -9.40 -0.50 -37.69
C THR A 259 -10.77 -1.01 -38.10
N LEU A 260 -11.13 -0.76 -39.35
CA LEU A 260 -12.40 -1.17 -39.89
C LEU A 260 -12.60 -2.69 -39.77
N ARG A 261 -11.57 -3.47 -40.09
CA ARG A 261 -11.72 -4.92 -40.03
C ARG A 261 -11.80 -5.39 -38.58
N LEU A 262 -10.94 -4.81 -37.75
CA LEU A 262 -10.90 -5.17 -36.35
C LEU A 262 -12.25 -4.94 -35.70
N TRP A 263 -12.89 -3.81 -36.02
CA TRP A 263 -14.20 -3.51 -35.45
C TRP A 263 -15.30 -4.41 -36.02
N GLU A 264 -15.27 -4.66 -37.33
CA GLU A 264 -16.20 -5.59 -37.96
C GLU A 264 -16.26 -6.92 -37.22
N VAL A 265 -15.09 -7.50 -37.04
CA VAL A 265 -14.98 -8.82 -36.45
C VAL A 265 -15.48 -8.82 -35.02
N MET A 266 -15.13 -7.77 -34.27
CA MET A 266 -15.58 -7.65 -32.89
C MET A 266 -17.08 -7.53 -32.79
N TRP A 267 -17.67 -6.67 -33.63
CA TRP A 267 -19.09 -6.36 -33.55
C TRP A 267 -20.00 -7.57 -33.85
N THR A 268 -19.41 -8.66 -34.33
CA THR A 268 -20.19 -9.88 -34.52
C THR A 268 -20.48 -10.52 -33.17
N GLY A 269 -19.66 -10.19 -32.18
CA GLY A 269 -19.81 -10.75 -30.85
C GLY A 269 -19.35 -12.19 -30.74
N LEU A 270 -18.39 -12.56 -31.58
CA LEU A 270 -17.85 -13.90 -31.60
C LEU A 270 -16.36 -13.83 -31.28
N PRO A 271 -15.79 -14.96 -30.80
CA PRO A 271 -16.40 -16.20 -30.31
C PRO A 271 -17.02 -16.07 -28.92
N CYS A 272 -16.49 -15.17 -28.11
CA CYS A 272 -16.90 -15.09 -26.72
C CYS A 272 -17.43 -13.70 -26.39
N GLN A 273 -17.80 -13.49 -25.13
CA GLN A 273 -18.49 -12.27 -24.72
C GLN A 273 -17.61 -11.04 -24.81
N ASN A 274 -16.44 -11.06 -24.18
CA ASN A 274 -15.53 -9.95 -24.41
C ASN A 274 -14.33 -10.40 -25.20
N PHE A 275 -14.34 -10.12 -26.49
CA PHE A 275 -13.26 -10.56 -27.35
C PHE A 275 -12.11 -9.57 -27.31
N HIS A 276 -12.44 -8.31 -27.10
CA HIS A 276 -11.45 -7.24 -27.13
C HIS A 276 -10.42 -7.42 -26.03
N LEU A 277 -10.79 -8.14 -24.98
CA LEU A 277 -9.85 -8.41 -23.91
C LEU A 277 -8.78 -9.39 -24.37
N LEU A 278 -9.19 -10.36 -25.17
CA LEU A 278 -8.28 -11.36 -25.71
C LEU A 278 -7.38 -10.73 -26.76
N ILE A 279 -7.91 -9.73 -27.44
CA ILE A 279 -7.13 -8.99 -28.42
C ILE A 279 -5.99 -8.23 -27.73
N CYS A 280 -6.24 -7.73 -26.53
CA CYS A 280 -5.20 -7.14 -25.70
C CYS A 280 -4.15 -8.20 -25.35
N CYS A 281 -4.61 -9.38 -24.98
CA CYS A 281 -3.71 -10.49 -24.69
C CYS A 281 -2.90 -10.89 -25.91
N ALA A 282 -3.55 -10.91 -27.06
CA ALA A 282 -2.90 -11.31 -28.30
C ALA A 282 -1.75 -10.36 -28.63
N ILE A 283 -1.99 -9.06 -28.46
CA ILE A 283 -0.96 -8.07 -28.72
C ILE A 283 0.17 -8.15 -27.70
N LEU A 284 -0.19 -8.36 -26.44
CA LEU A 284 0.78 -8.38 -25.34
C LEU A 284 1.63 -9.65 -25.32
N ASP A 285 1.10 -10.74 -25.85
CA ASP A 285 1.77 -12.03 -25.80
C ASP A 285 3.17 -12.01 -26.39
N SER A 286 3.35 -11.32 -27.52
CA SER A 286 4.64 -11.26 -28.19
C SER A 286 5.66 -10.40 -27.44
N GLU A 287 5.17 -9.44 -26.67
CA GLU A 287 6.05 -8.48 -26.01
C GLU A 287 6.40 -8.83 -24.55
N LYS A 288 5.90 -9.97 -24.08
CA LYS A 288 6.13 -10.37 -22.69
C LYS A 288 7.60 -10.49 -22.32
N GLN A 289 8.40 -11.16 -23.16
CA GLN A 289 9.82 -11.38 -22.84
C GLN A 289 10.61 -10.08 -22.84
N LYS A 290 10.44 -9.31 -23.90
CA LYS A 290 11.18 -8.07 -24.10
C LYS A 290 11.01 -7.13 -22.90
N ILE A 291 9.82 -7.14 -22.30
CA ILE A 291 9.54 -6.31 -21.15
C ILE A 291 10.23 -6.81 -19.88
N MET A 292 10.17 -8.12 -19.66
CA MET A 292 10.72 -8.73 -18.45
C MET A 292 12.25 -8.75 -18.46
N GLU A 293 12.83 -9.09 -19.62
CA GLU A 293 14.28 -9.18 -19.80
C GLU A 293 14.96 -7.86 -19.52
N ASN A 294 14.40 -6.80 -20.09
CA ASN A 294 14.95 -5.46 -19.98
C ASN A 294 14.62 -4.76 -18.66
N HIS A 295 13.80 -5.39 -17.83
CA HIS A 295 13.48 -4.85 -16.50
C HIS A 295 12.92 -3.43 -16.62
N TYR A 296 11.93 -3.27 -17.48
CA TYR A 296 11.43 -1.95 -17.85
C TYR A 296 10.88 -1.09 -16.73
N GLY A 297 9.71 -1.45 -16.21
CA GLY A 297 8.99 -0.59 -15.27
C GLY A 297 7.95 0.23 -16.05
N PHE A 298 7.01 0.86 -15.34
CA PHE A 298 5.84 1.44 -16.00
C PHE A 298 6.12 2.39 -17.14
N ASN A 299 7.00 3.36 -16.90
CA ASN A 299 7.25 4.39 -17.89
C ASN A 299 7.83 3.77 -19.17
N GLU A 300 8.80 2.86 -19.01
CA GLU A 300 9.44 2.19 -20.14
C GLU A 300 8.47 1.24 -20.84
N ILE A 301 7.55 0.65 -20.09
CA ILE A 301 6.56 -0.25 -20.68
C ILE A 301 5.59 0.53 -21.58
N LEU A 302 5.15 1.68 -21.10
CA LEU A 302 4.26 2.54 -21.86
C LEU A 302 4.96 2.98 -23.14
N LYS A 303 6.26 3.20 -23.03
CA LYS A 303 7.07 3.58 -24.18
C LYS A 303 7.09 2.43 -25.19
N HIS A 304 7.31 1.21 -24.71
CA HIS A 304 7.40 0.06 -25.59
C HIS A 304 6.08 -0.21 -26.32
N ILE A 305 4.96 0.02 -25.64
CA ILE A 305 3.65 -0.24 -26.21
C ILE A 305 3.24 0.86 -27.20
N ASN A 306 3.62 2.10 -26.89
CA ASN A 306 3.38 3.20 -27.80
C ASN A 306 4.14 3.01 -29.12
N GLU A 307 5.23 2.27 -29.07
CA GLU A 307 6.06 2.04 -30.24
C GLU A 307 5.53 0.86 -31.06
N LEU A 308 4.46 0.23 -30.56
CA LEU A 308 3.82 -0.86 -31.28
C LEU A 308 2.79 -0.32 -32.27
N SER A 309 2.47 0.95 -32.13
CA SER A 309 1.44 1.57 -32.94
C SER A 309 1.79 1.51 -34.43
N LEU A 310 0.82 1.07 -35.23
CA LEU A 310 0.96 0.96 -36.69
C LEU A 310 1.96 -0.09 -37.13
N LYS A 311 2.64 -0.69 -36.17
CA LYS A 311 3.60 -1.76 -36.43
C LYS A 311 2.94 -3.13 -36.26
N LEU A 312 1.65 -3.13 -35.98
CA LEU A 312 0.92 -4.37 -35.68
C LEU A 312 0.20 -4.94 -36.89
N ASP A 313 0.21 -6.26 -37.02
CA ASP A 313 -0.55 -6.93 -38.06
C ASP A 313 -1.89 -7.40 -37.57
N VAL A 314 -2.96 -6.90 -38.19
CA VAL A 314 -4.30 -7.11 -37.69
C VAL A 314 -4.64 -8.56 -37.58
N GLU A 315 -4.39 -9.27 -38.67
CA GLU A 315 -4.85 -10.64 -38.76
C GLU A 315 -3.96 -11.61 -38.00
N GLU A 316 -2.74 -11.19 -37.69
CA GLU A 316 -1.95 -11.96 -36.73
C GLU A 316 -2.60 -11.81 -35.35
N VAL A 317 -3.04 -10.60 -35.05
CA VAL A 317 -3.67 -10.33 -33.75
C VAL A 317 -4.99 -11.08 -33.61
N LEU A 318 -5.81 -11.01 -34.65
CA LEU A 318 -7.10 -11.71 -34.66
C LEU A 318 -6.95 -13.23 -34.59
N CYS A 319 -5.84 -13.75 -35.11
CA CYS A 319 -5.56 -15.18 -35.00
C CYS A 319 -5.14 -15.59 -33.59
N LYS A 320 -4.20 -14.84 -33.00
CA LYS A 320 -3.76 -15.10 -31.64
C LYS A 320 -4.93 -14.98 -30.67
N ALA A 321 -5.77 -13.96 -30.86
CA ALA A 321 -6.91 -13.75 -29.99
C ALA A 321 -7.86 -14.93 -30.05
N GLU A 322 -8.17 -15.39 -31.26
CA GLU A 322 -9.07 -16.53 -31.39
C GLU A 322 -8.41 -17.79 -30.85
N ALA A 323 -7.10 -17.91 -31.03
CA ALA A 323 -6.36 -19.07 -30.55
C ALA A 323 -6.38 -19.18 -29.02
N ILE A 324 -6.24 -18.04 -28.35
CA ILE A 324 -6.30 -18.00 -26.88
C ILE A 324 -7.68 -18.43 -26.39
N TYR A 325 -8.73 -18.07 -27.13
CA TYR A 325 -10.07 -18.50 -26.78
C TYR A 325 -10.21 -20.02 -26.85
N CYS A 326 -9.75 -20.60 -27.95
CA CYS A 326 -9.85 -22.04 -28.14
C CYS A 326 -9.05 -22.76 -27.07
N GLN A 327 -7.88 -22.22 -26.77
CA GLN A 327 -7.01 -22.81 -25.78
C GLN A 327 -7.71 -22.82 -24.41
N MET A 328 -8.49 -21.79 -24.14
CA MET A 328 -9.22 -21.67 -22.87
C MET A 328 -10.47 -22.55 -22.82
N MET A 329 -11.32 -22.44 -23.82
CA MET A 329 -12.56 -23.21 -23.85
C MET A 329 -12.27 -24.71 -23.84
N LYS A 330 -11.17 -25.11 -24.45
CA LYS A 330 -10.81 -26.53 -24.47
C LYS A 330 -10.26 -27.01 -23.12
N CYS A 331 -9.89 -26.07 -22.26
CA CYS A 331 -9.39 -26.43 -20.94
C CYS A 331 -10.57 -26.79 -20.05
N LYS A 332 -10.58 -28.04 -19.57
CA LYS A 332 -11.73 -28.56 -18.84
C LYS A 332 -11.83 -28.00 -17.42
N ASP A 333 -10.69 -27.92 -16.73
CA ASP A 333 -10.66 -27.25 -15.44
C ASP A 333 -10.27 -25.82 -15.66
N LEU A 334 -11.21 -24.91 -15.49
CA LEU A 334 -10.93 -23.51 -15.70
C LEU A 334 -11.50 -22.76 -14.53
N PRO A 335 -10.77 -21.77 -14.03
CA PRO A 335 -11.33 -21.02 -12.89
C PRO A 335 -12.60 -20.32 -13.32
N GLN A 336 -13.62 -20.33 -12.46
CA GLN A 336 -14.91 -19.77 -12.80
C GLN A 336 -14.78 -18.28 -13.05
N ALA A 337 -13.78 -17.66 -12.43
CA ALA A 337 -13.57 -16.23 -12.61
C ALA A 337 -13.28 -15.91 -14.06
N VAL A 338 -12.42 -16.71 -14.71
CA VAL A 338 -12.10 -16.51 -16.11
C VAL A 338 -13.26 -16.93 -17.00
N GLY A 339 -13.88 -18.06 -16.67
CA GLY A 339 -15.00 -18.58 -17.42
C GLY A 339 -16.19 -17.63 -17.55
N GLU A 340 -16.42 -16.81 -16.53
CA GLU A 340 -17.53 -15.87 -16.54
C GLU A 340 -17.25 -14.68 -17.45
N ILE A 341 -15.98 -14.29 -17.54
CA ILE A 341 -15.61 -13.16 -18.38
C ILE A 341 -15.85 -13.45 -19.85
N LEU A 342 -15.55 -14.69 -20.27
CA LEU A 342 -15.72 -15.09 -21.66
C LEU A 342 -17.14 -15.58 -21.96
N GLY A 343 -17.91 -15.82 -20.91
CA GLY A 343 -19.29 -16.23 -21.07
C GLY A 343 -19.48 -17.72 -21.22
N LEU A 344 -18.48 -18.48 -20.78
CA LEU A 344 -18.53 -19.94 -20.84
C LEU A 344 -19.31 -20.50 -19.65
N LYS A 345 -19.65 -19.62 -18.71
CA LYS A 345 -20.47 -19.97 -17.55
C LYS A 345 -21.65 -18.99 -17.42
N PHE B 11 -8.28 14.00 -16.20
CA PHE B 11 -7.20 14.15 -17.14
C PHE B 11 -6.75 12.80 -17.70
N GLU B 12 -7.70 11.94 -18.08
CA GLU B 12 -7.36 10.65 -18.70
C GLU B 12 -7.15 10.84 -20.20
N VAL B 13 -7.16 12.11 -20.61
CA VAL B 13 -6.77 12.54 -21.94
C VAL B 13 -5.26 12.35 -22.17
N ILE B 14 -4.52 12.21 -21.08
CA ILE B 14 -3.07 12.05 -21.14
C ILE B 14 -2.69 10.66 -21.65
N THR B 15 -3.66 9.75 -21.64
CA THR B 15 -3.42 8.39 -22.11
C THR B 15 -3.20 8.36 -23.63
N ARG B 16 -3.84 9.28 -24.36
CA ARG B 16 -3.69 9.32 -25.81
C ARG B 16 -2.59 10.29 -26.24
N ILE B 17 -2.03 11.01 -25.28
CA ILE B 17 -0.89 11.86 -25.54
C ILE B 17 0.38 11.00 -25.58
N ASP B 18 1.38 11.43 -26.33
CA ASP B 18 2.66 10.71 -26.36
C ASP B 18 3.86 11.65 -26.40
N LEU B 19 4.79 11.44 -25.47
CA LEU B 19 6.03 12.19 -25.43
C LEU B 19 7.13 11.25 -25.87
N GLY B 20 7.62 11.45 -27.09
CA GLY B 20 8.39 10.41 -27.74
C GLY B 20 9.75 10.06 -27.16
N ILE B 21 10.64 11.03 -27.11
CA ILE B 21 12.03 10.77 -26.72
C ILE B 21 12.54 11.92 -25.88
N ARG B 22 13.17 11.59 -24.76
CA ARG B 22 13.77 12.61 -23.91
C ARG B 22 15.18 12.91 -24.40
N PRO B 23 15.39 14.11 -24.96
CA PRO B 23 16.71 14.41 -25.50
C PRO B 23 17.72 14.58 -24.38
N GLU B 24 18.99 14.36 -24.67
CA GLU B 24 20.02 14.65 -23.68
C GLU B 24 20.56 16.05 -23.90
N ILE B 25 20.59 16.81 -22.81
CA ILE B 25 21.04 18.19 -22.85
C ILE B 25 22.48 18.25 -22.39
N GLN B 26 23.33 18.93 -23.14
CA GLN B 26 24.71 19.15 -22.70
C GLN B 26 24.66 20.47 -21.97
N ARG B 27 25.34 20.56 -20.84
CA ARG B 27 25.12 21.68 -19.94
C ARG B 27 25.81 22.97 -20.38
N GLY B 28 27.11 23.07 -20.20
CA GLY B 28 27.79 24.31 -20.54
C GLY B 28 28.90 24.72 -19.58
N GLU B 29 29.36 25.95 -19.74
CA GLU B 29 30.47 26.48 -18.95
C GLU B 29 30.06 27.78 -18.28
N PRO B 30 30.48 27.99 -17.03
CA PRO B 30 30.06 29.19 -16.30
C PRO B 30 30.59 30.47 -16.90
N VAL B 31 29.84 31.55 -16.78
CA VAL B 31 30.22 32.83 -17.37
C VAL B 31 31.43 33.45 -16.65
N SER B 32 32.49 33.68 -17.41
CA SER B 32 33.73 34.26 -16.88
C SER B 32 33.61 35.76 -16.60
N ILE B 33 34.55 36.27 -15.82
CA ILE B 33 34.67 37.72 -15.62
C ILE B 33 34.84 38.43 -16.98
N GLU B 34 35.63 37.80 -17.85
CA GLU B 34 35.91 38.34 -19.18
C GLU B 34 34.63 38.40 -20.00
N ARG B 35 33.88 37.30 -20.02
CA ARG B 35 32.67 37.21 -20.84
C ARG B 35 31.66 38.25 -20.41
N TRP B 36 31.56 38.44 -19.10
CA TRP B 36 30.64 39.43 -18.55
C TRP B 36 30.98 40.85 -18.96
N SER B 37 32.27 41.18 -18.99
CA SER B 37 32.69 42.54 -19.34
C SER B 37 32.31 42.92 -20.78
N GLN B 38 32.28 41.92 -21.67
CA GLN B 38 31.91 42.13 -23.06
C GLN B 38 30.43 42.43 -23.23
N CYS B 39 29.63 41.95 -22.28
CA CYS B 39 28.18 42.15 -22.30
C CYS B 39 27.84 43.56 -21.91
N MET B 40 28.84 44.24 -21.35
CA MET B 40 28.68 45.61 -20.90
C MET B 40 29.18 46.62 -21.93
N ASP B 41 28.39 47.65 -22.16
CA ASP B 41 28.73 48.73 -23.08
C ASP B 41 29.80 49.61 -22.41
N ALA B 42 30.24 50.63 -23.13
CA ALA B 42 31.19 51.57 -22.56
C ALA B 42 30.48 52.47 -21.55
N GLU B 43 29.21 52.78 -21.83
CA GLU B 43 28.39 53.57 -20.91
C GLU B 43 28.03 52.77 -19.67
N GLY B 44 28.16 51.44 -19.78
CA GLY B 44 27.83 50.55 -18.70
C GLY B 44 26.56 49.78 -18.98
N LYS B 45 25.84 50.20 -20.02
CA LYS B 45 24.60 49.51 -20.42
C LYS B 45 24.90 48.07 -20.83
N VAL B 46 23.97 47.16 -20.54
CA VAL B 46 24.13 45.77 -20.97
C VAL B 46 23.71 45.67 -22.43
N LEU B 47 24.63 45.19 -23.27
CA LEU B 47 24.39 45.12 -24.71
C LEU B 47 23.13 44.32 -25.06
N ASP B 48 23.16 43.01 -24.82
CA ASP B 48 22.03 42.15 -25.15
C ASP B 48 21.55 41.36 -23.93
N PRO B 49 20.56 41.92 -23.21
CA PRO B 49 20.12 41.34 -21.93
C PRO B 49 19.53 39.94 -22.11
N GLU B 50 18.92 39.69 -23.26
CA GLU B 50 18.39 38.37 -23.58
C GLU B 50 19.50 37.35 -23.81
N ASN B 51 20.58 37.77 -24.44
CA ASN B 51 21.73 36.91 -24.65
C ASN B 51 22.37 36.57 -23.30
N VAL B 52 22.46 37.58 -22.44
CA VAL B 52 23.02 37.40 -21.10
C VAL B 52 22.28 36.32 -20.33
N LYS B 53 20.95 36.34 -20.42
CA LYS B 53 20.14 35.34 -19.76
C LYS B 53 20.38 33.95 -20.33
N LYS B 54 20.55 33.87 -21.65
CA LYS B 54 20.83 32.60 -22.31
C LYS B 54 22.18 32.05 -21.88
N LEU B 55 23.15 32.95 -21.72
CA LEU B 55 24.49 32.55 -21.30
C LEU B 55 24.48 32.06 -19.87
N ILE B 56 23.81 32.81 -19.00
CA ILE B 56 23.69 32.44 -17.60
C ILE B 56 22.88 31.15 -17.43
N PHE B 57 21.86 30.96 -18.24
CA PHE B 57 21.05 29.76 -18.09
C PHE B 57 21.87 28.49 -18.34
N ARG B 58 22.58 28.41 -19.46
CA ARG B 58 23.33 27.20 -19.78
C ARG B 58 24.52 26.99 -18.84
N GLY B 59 25.35 27.99 -18.68
CA GLY B 59 26.54 27.82 -17.87
C GLY B 59 26.46 28.17 -16.41
N GLY B 60 25.59 29.09 -16.06
CA GLY B 60 25.60 29.62 -14.71
C GLY B 60 26.61 30.74 -14.63
N LEU B 61 27.02 31.13 -13.43
CA LEU B 61 28.00 32.20 -13.26
C LEU B 61 29.19 31.73 -12.43
N CYS B 62 30.38 32.21 -12.77
CA CYS B 62 31.56 32.00 -11.95
C CYS B 62 31.41 32.86 -10.70
N HIS B 63 32.01 32.40 -9.59
CA HIS B 63 31.73 33.01 -8.29
C HIS B 63 32.10 34.49 -8.25
N ALA B 64 33.04 34.89 -9.11
CA ALA B 64 33.55 36.24 -9.08
C ALA B 64 32.53 37.27 -9.54
N VAL B 65 31.82 36.97 -10.61
CA VAL B 65 30.89 37.94 -11.17
C VAL B 65 29.56 38.01 -10.43
N ARG B 66 29.35 37.07 -9.51
CA ARG B 66 28.05 36.92 -8.87
C ARG B 66 27.55 38.17 -8.12
N LYS B 67 28.45 38.95 -7.56
CA LYS B 67 28.03 40.11 -6.79
C LYS B 67 27.37 41.17 -7.65
N LEU B 68 27.93 41.45 -8.82
CA LEU B 68 27.35 42.45 -9.72
C LEU B 68 26.18 41.87 -10.52
N THR B 69 26.35 40.66 -11.03
CA THR B 69 25.38 40.08 -11.95
C THR B 69 24.05 39.74 -11.29
N TRP B 70 24.10 39.27 -10.05
CA TRP B 70 22.89 38.93 -9.30
C TRP B 70 21.99 40.15 -9.12
N LYS B 71 22.59 41.34 -9.06
CA LYS B 71 21.81 42.57 -8.97
C LYS B 71 20.92 42.78 -10.21
N PHE B 72 21.38 42.30 -11.36
CA PHE B 72 20.59 42.37 -12.59
C PHE B 72 19.50 41.28 -12.63
N LEU B 73 19.89 40.06 -12.29
CA LEU B 73 18.96 38.94 -12.30
C LEU B 73 17.76 39.21 -11.39
N LEU B 74 18.02 39.86 -10.27
CA LEU B 74 17.03 40.13 -9.25
C LEU B 74 16.37 41.51 -9.41
N ASN B 75 16.65 42.21 -10.50
CA ASN B 75 15.92 43.42 -10.86
C ASN B 75 16.29 44.64 -10.02
N TYR B 76 17.23 44.45 -9.10
CA TYR B 76 17.86 45.56 -8.39
C TYR B 76 18.43 46.59 -9.37
N PHE B 77 19.25 46.10 -10.30
CA PHE B 77 19.78 46.90 -11.40
C PHE B 77 19.02 46.59 -12.67
N PRO B 78 18.30 47.58 -13.21
CA PRO B 78 17.57 47.36 -14.47
C PRO B 78 18.54 47.10 -15.61
N TRP B 79 18.17 46.22 -16.54
CA TRP B 79 19.08 45.83 -17.61
C TRP B 79 19.47 47.02 -18.49
N ASP B 80 18.50 47.87 -18.76
CA ASP B 80 18.71 49.02 -19.65
C ASP B 80 19.48 50.13 -18.96
N SER B 81 19.78 49.96 -17.68
CA SER B 81 20.47 51.02 -16.94
C SER B 81 21.92 51.17 -17.35
N SER B 82 22.43 52.40 -17.20
CA SER B 82 23.85 52.69 -17.42
C SER B 82 24.56 52.77 -16.09
N LYS B 83 25.86 53.04 -16.12
CA LYS B 83 26.61 53.10 -14.89
C LYS B 83 26.19 54.31 -14.07
N GLU B 84 25.90 55.41 -14.75
CA GLU B 84 25.47 56.62 -14.06
C GLU B 84 24.07 56.44 -13.46
N ASP B 85 23.20 55.74 -14.18
CA ASP B 85 21.86 55.45 -13.68
C ASP B 85 21.93 54.65 -12.39
N ARG B 86 22.79 53.63 -12.38
CA ARG B 86 22.94 52.76 -11.23
C ARG B 86 23.48 53.50 -10.02
N ARG B 87 24.48 54.35 -10.24
CA ARG B 87 25.11 55.07 -9.14
C ARG B 87 24.10 56.00 -8.45
N LEU B 88 23.23 56.60 -9.24
CA LEU B 88 22.20 57.47 -8.69
C LEU B 88 21.11 56.64 -8.01
N LEU B 89 20.84 55.48 -8.59
CA LEU B 89 19.85 54.55 -8.06
C LEU B 89 20.26 54.04 -6.67
N ILE B 90 21.52 53.65 -6.54
CA ILE B 90 22.05 53.14 -5.28
C ILE B 90 21.93 54.17 -4.17
N LYS B 91 22.09 55.44 -4.52
CA LYS B 91 21.95 56.49 -3.53
C LYS B 91 20.52 56.56 -3.00
N ARG B 92 19.54 56.47 -3.92
CA ARG B 92 18.14 56.51 -3.52
C ARG B 92 17.81 55.29 -2.66
N LYS B 93 18.22 54.10 -3.10
CA LYS B 93 17.91 52.85 -2.41
C LYS B 93 18.55 52.76 -1.02
N THR B 94 19.67 53.44 -0.82
CA THR B 94 20.33 53.41 0.48
C THR B 94 19.61 54.28 1.50
N ASP B 95 19.25 55.49 1.09
CA ASP B 95 18.49 56.40 1.94
C ASP B 95 17.15 55.77 2.29
N GLU B 96 16.53 55.17 1.29
CA GLU B 96 15.21 54.58 1.44
C GLU B 96 15.28 53.43 2.44
N TYR B 97 16.36 52.66 2.38
CA TYR B 97 16.52 51.51 3.26
C TYR B 97 16.61 51.95 4.71
N PHE B 98 17.54 52.86 4.98
CA PHE B 98 17.78 53.28 6.35
C PHE B 98 16.63 54.12 6.90
N ARG B 99 15.83 54.67 5.99
CA ARG B 99 14.61 55.33 6.42
C ARG B 99 13.69 54.28 7.04
N MET B 100 13.57 53.14 6.35
CA MET B 100 12.74 52.04 6.85
C MET B 100 13.38 51.35 8.05
N LYS B 101 14.70 51.15 8.01
CA LYS B 101 15.36 50.47 9.11
C LYS B 101 15.18 51.24 10.42
N LEU B 102 15.20 52.56 10.35
CA LEU B 102 15.04 53.39 11.54
C LEU B 102 13.66 53.18 12.17
N GLN B 103 12.69 52.86 11.33
CA GLN B 103 11.33 52.68 11.80
C GLN B 103 11.24 51.54 12.80
N TRP B 104 11.89 50.42 12.52
CA TRP B 104 11.88 49.32 13.49
C TRP B 104 12.93 49.52 14.57
N LYS B 105 14.03 50.20 14.24
CA LYS B 105 15.12 50.27 15.20
C LYS B 105 14.89 51.31 16.30
N SER B 106 14.03 52.28 16.03
CA SER B 106 13.76 53.33 17.00
C SER B 106 12.59 53.01 17.93
N VAL B 107 12.00 51.83 17.78
CA VAL B 107 10.92 51.38 18.66
C VAL B 107 11.47 51.04 20.04
N SER B 108 10.84 51.54 21.10
CA SER B 108 11.37 51.37 22.45
C SER B 108 10.90 50.06 23.08
N GLU B 109 11.38 49.81 24.28
CA GLU B 109 11.01 48.61 25.00
C GLU B 109 9.53 48.66 25.38
N GLU B 110 9.08 49.78 25.95
CA GLU B 110 7.66 49.98 26.28
C GLU B 110 6.80 49.77 25.04
N GLN B 111 7.27 50.39 23.96
CA GLN B 111 6.57 50.45 22.69
C GLN B 111 6.35 49.07 22.10
N GLU B 112 7.37 48.22 22.24
CA GLU B 112 7.38 46.88 21.66
C GLU B 112 6.40 45.95 22.37
N LYS B 113 6.22 46.12 23.68
CA LYS B 113 5.24 45.34 24.43
C LYS B 113 3.84 45.59 23.87
N ARG B 114 3.59 46.80 23.40
CA ARG B 114 2.27 47.18 22.91
C ARG B 114 2.12 46.96 21.40
N ASN B 115 3.19 46.51 20.75
CA ASN B 115 3.05 46.01 19.38
C ASN B 115 3.38 44.53 19.33
N THR B 116 2.35 43.69 19.24
CA THR B 116 2.57 42.25 19.41
C THR B 116 3.04 41.59 18.13
N ARG B 117 2.52 42.04 16.99
CA ARG B 117 2.91 41.44 15.73
C ARG B 117 4.38 41.74 15.42
N LEU B 118 4.83 42.94 15.77
CA LEU B 118 6.23 43.28 15.57
C LEU B 118 7.09 42.51 16.55
N LYS B 119 6.63 42.42 17.79
CA LYS B 119 7.31 41.68 18.83
C LYS B 119 7.47 40.23 18.42
N ASP B 120 6.41 39.68 17.84
CA ASP B 120 6.41 38.30 17.35
C ASP B 120 7.29 38.13 16.11
N TYR B 121 7.25 39.10 15.21
CA TYR B 121 8.14 39.07 14.07
C TYR B 121 9.59 39.04 14.57
N LYS B 122 9.89 39.89 15.52
CA LYS B 122 11.26 40.04 16.01
C LYS B 122 11.78 38.75 16.60
N SER B 123 10.94 38.06 17.37
CA SER B 123 11.38 36.84 18.03
C SER B 123 11.51 35.70 17.01
N LEU B 124 10.59 35.63 16.04
CA LEU B 124 10.69 34.62 14.99
C LEU B 124 11.99 34.77 14.20
N ILE B 125 12.35 36.01 13.91
CA ILE B 125 13.56 36.29 13.17
C ILE B 125 14.76 35.82 13.97
N GLU B 126 14.80 36.17 15.26
CA GLU B 126 15.91 35.81 16.11
C GLU B 126 16.07 34.30 16.29
N LYS B 127 14.95 33.60 16.33
CA LYS B 127 14.95 32.15 16.47
C LYS B 127 15.59 31.50 15.25
N ASP B 128 15.21 31.97 14.06
CA ASP B 128 15.68 31.39 12.81
C ASP B 128 17.11 31.79 12.46
N VAL B 129 17.49 33.01 12.80
CA VAL B 129 18.82 33.51 12.48
C VAL B 129 19.88 32.74 13.25
N ASN B 130 19.60 32.42 14.51
CA ASN B 130 20.53 31.66 15.34
C ASN B 130 20.64 30.22 14.86
N ARG B 131 19.64 29.79 14.09
CA ARG B 131 19.56 28.46 13.53
C ARG B 131 20.01 28.41 12.05
N THR B 132 20.55 29.52 11.56
CA THR B 132 20.97 29.61 10.15
C THR B 132 22.31 28.89 10.08
N ASP B 133 22.86 28.73 8.87
CA ASP B 133 23.99 27.85 8.70
C ASP B 133 25.22 28.42 9.38
N ARG B 134 25.61 27.78 10.48
CA ARG B 134 26.78 28.21 11.23
C ARG B 134 28.03 27.48 10.78
N THR B 135 27.87 26.48 9.93
CA THR B 135 29.02 25.77 9.37
C THR B 135 29.66 26.64 8.29
N ASN B 136 28.88 27.59 7.80
CA ASN B 136 29.31 28.49 6.74
C ASN B 136 30.19 29.60 7.30
N PRO B 137 31.35 29.82 6.68
CA PRO B 137 32.38 30.76 7.14
C PRO B 137 31.88 32.19 7.26
N PHE B 138 30.84 32.53 6.50
CA PHE B 138 30.26 33.87 6.55
C PHE B 138 29.56 34.12 7.89
N TYR B 139 28.75 33.15 8.32
CA TYR B 139 27.92 33.28 9.52
C TYR B 139 28.51 32.63 10.78
N GLU B 140 29.70 32.06 10.64
CA GLU B 140 30.33 31.35 11.74
C GLU B 140 31.28 32.24 12.53
N GLY B 141 31.03 32.33 13.83
CA GLY B 141 31.89 33.08 14.73
C GLY B 141 31.20 33.24 16.07
N HIS B 142 31.95 33.59 17.11
CA HIS B 142 31.35 33.80 18.43
C HIS B 142 30.45 35.04 18.33
N GLU B 143 31.05 36.14 17.91
CA GLU B 143 30.29 37.33 17.57
C GLU B 143 30.39 37.54 16.07
N ASN B 144 29.34 37.20 15.33
CA ASN B 144 29.41 37.26 13.88
C ASN B 144 28.70 38.46 13.29
N PRO B 145 29.42 39.24 12.46
CA PRO B 145 28.86 40.43 11.82
C PRO B 145 27.76 40.08 10.82
N GLY B 146 27.92 38.95 10.14
CA GLY B 146 26.96 38.52 9.15
C GLY B 146 25.59 38.17 9.71
N LEU B 147 25.56 37.54 10.89
CA LEU B 147 24.29 37.19 11.52
C LEU B 147 23.48 38.43 11.92
N ILE B 148 24.18 39.49 12.29
CA ILE B 148 23.53 40.74 12.64
C ILE B 148 22.87 41.36 11.41
N LEU B 149 23.55 41.26 10.27
CA LEU B 149 22.99 41.75 9.02
C LEU B 149 21.71 40.99 8.65
N LEU B 150 21.73 39.66 8.83
CA LEU B 150 20.53 38.85 8.57
C LEU B 150 19.36 39.36 9.38
N HIS B 151 19.60 39.56 10.67
CA HIS B 151 18.58 40.07 11.56
C HIS B 151 18.09 41.43 11.08
N ASP B 152 19.00 42.38 10.92
CA ASP B 152 18.65 43.74 10.55
C ASP B 152 17.88 43.84 9.22
N ILE B 153 18.31 43.05 8.24
CA ILE B 153 17.67 43.08 6.92
C ILE B 153 16.27 42.52 7.02
N LEU B 154 16.11 41.44 7.79
CA LEU B 154 14.80 40.80 7.95
C LEU B 154 13.83 41.70 8.72
N MET B 155 14.31 42.35 9.77
CA MET B 155 13.49 43.32 10.49
C MET B 155 13.06 44.45 9.56
N THR B 156 14.00 44.93 8.73
CA THR B 156 13.69 46.04 7.83
C THR B 156 12.66 45.62 6.79
N TYR B 157 12.64 44.34 6.42
CA TYR B 157 11.62 43.90 5.48
C TYR B 157 10.24 43.96 6.14
N CYS B 158 10.18 43.74 7.44
CA CYS B 158 8.92 43.85 8.16
C CYS B 158 8.33 45.25 8.05
N MET B 159 9.19 46.25 7.93
CA MET B 159 8.70 47.61 7.72
C MET B 159 8.28 47.84 6.26
N TYR B 160 9.00 47.21 5.35
CA TYR B 160 8.66 47.29 3.91
C TYR B 160 7.29 46.67 3.63
N ASP B 161 7.11 45.42 4.06
CA ASP B 161 5.83 44.71 4.02
C ASP B 161 5.46 44.24 5.43
N PHE B 162 4.52 44.92 6.07
CA PHE B 162 4.16 44.55 7.44
C PHE B 162 3.13 43.44 7.50
N ASP B 163 2.29 43.36 6.48
CA ASP B 163 1.26 42.32 6.42
C ASP B 163 1.91 40.96 6.29
N LEU B 164 2.96 40.86 5.49
CA LEU B 164 3.73 39.64 5.37
C LEU B 164 4.65 39.48 6.58
N GLY B 165 5.41 40.53 6.90
CA GLY B 165 6.34 40.49 8.02
C GLY B 165 7.39 39.42 7.84
N TYR B 166 7.56 38.57 8.84
CA TYR B 166 8.47 37.45 8.71
C TYR B 166 7.76 36.11 8.92
N ILE B 167 7.99 35.20 7.98
CA ILE B 167 7.54 33.81 8.08
C ILE B 167 8.77 32.91 8.09
N GLN B 168 8.73 31.84 8.87
CA GLN B 168 9.86 30.92 8.97
C GLN B 168 10.30 30.42 7.60
N GLY B 169 11.62 30.42 7.38
CA GLY B 169 12.18 29.99 6.12
C GLY B 169 12.68 31.15 5.27
N MET B 170 12.23 32.36 5.58
CA MET B 170 12.68 33.50 4.80
C MET B 170 14.16 33.80 5.08
N SER B 171 14.65 33.40 6.25
CA SER B 171 16.06 33.60 6.56
C SER B 171 16.92 32.75 5.65
N ASP B 172 16.38 31.60 5.26
CA ASP B 172 17.05 30.68 4.34
C ASP B 172 17.07 31.25 2.93
N LEU B 173 16.07 32.07 2.59
CA LEU B 173 16.04 32.70 1.28
C LEU B 173 16.99 33.89 1.22
N LEU B 174 17.16 34.59 2.34
CA LEU B 174 18.03 35.76 2.40
C LEU B 174 19.50 35.38 2.53
N SER B 175 19.77 34.29 3.25
CA SER B 175 21.13 33.82 3.55
C SER B 175 22.10 33.78 2.34
N PRO B 176 21.69 33.14 1.22
CA PRO B 176 22.64 33.16 0.09
C PRO B 176 22.81 34.53 -0.53
N ILE B 177 21.74 35.32 -0.59
CA ILE B 177 21.81 36.64 -1.20
C ILE B 177 22.76 37.54 -0.43
N LEU B 178 22.71 37.45 0.90
CA LEU B 178 23.62 38.24 1.72
C LEU B 178 25.05 37.82 1.49
N TYR B 179 25.28 36.51 1.50
CA TYR B 179 26.61 35.93 1.31
C TYR B 179 27.25 36.46 0.01
N VAL B 180 26.44 36.55 -1.04
CA VAL B 180 26.88 37.04 -2.34
C VAL B 180 27.06 38.56 -2.36
N MET B 181 26.11 39.29 -1.81
CA MET B 181 26.12 40.76 -1.88
C MET B 181 27.15 41.41 -0.95
N GLU B 182 27.24 40.90 0.28
CA GLU B 182 28.20 41.39 1.26
C GLU B 182 27.92 42.84 1.67
N ASN B 183 26.85 43.40 1.13
CA ASN B 183 26.39 44.74 1.50
C ASN B 183 24.98 44.67 2.07
N GLU B 184 24.74 45.34 3.19
CA GLU B 184 23.44 45.28 3.87
C GLU B 184 22.31 45.83 2.99
N VAL B 185 22.50 47.01 2.41
CA VAL B 185 21.49 47.62 1.56
C VAL B 185 21.22 46.76 0.32
N ASP B 186 22.30 46.37 -0.37
CA ASP B 186 22.17 45.57 -1.60
C ASP B 186 21.39 44.27 -1.36
N ALA B 187 21.74 43.57 -0.30
CA ALA B 187 21.13 42.29 0.00
C ALA B 187 19.64 42.46 0.27
N PHE B 188 19.30 43.57 0.91
CA PHE B 188 17.91 43.86 1.22
C PHE B 188 17.05 43.93 -0.04
N TRP B 189 17.41 44.81 -0.96
CA TRP B 189 16.59 45.06 -2.15
C TRP B 189 16.54 43.86 -3.10
N CYS B 190 17.55 43.01 -3.03
CA CYS B 190 17.56 41.80 -3.83
C CYS B 190 16.61 40.80 -3.19
N PHE B 191 16.66 40.73 -1.87
CA PHE B 191 15.76 39.88 -1.12
C PHE B 191 14.31 40.28 -1.36
N VAL B 192 14.05 41.58 -1.35
CA VAL B 192 12.70 42.08 -1.60
C VAL B 192 12.21 41.56 -2.92
N ALA B 193 13.06 41.67 -3.93
CA ALA B 193 12.69 41.26 -5.26
C ALA B 193 12.48 39.76 -5.35
N PHE B 194 13.25 39.02 -4.57
CA PHE B 194 13.17 37.56 -4.54
C PHE B 194 11.85 37.10 -3.92
N ILE B 195 11.40 37.81 -2.89
CA ILE B 195 10.14 37.49 -2.24
C ILE B 195 8.94 37.89 -3.11
N GLU B 196 9.05 39.00 -3.85
CA GLU B 196 7.93 39.47 -4.64
C GLU B 196 7.47 38.45 -5.68
N GLN B 197 8.41 37.75 -6.30
CA GLN B 197 8.07 36.70 -7.28
C GLN B 197 7.33 35.57 -6.58
N MET B 198 7.73 35.31 -5.34
CA MET B 198 7.21 34.19 -4.56
C MET B 198 6.11 34.56 -3.58
N HIS B 199 5.70 35.83 -3.58
CA HIS B 199 4.95 36.40 -2.47
C HIS B 199 3.74 35.58 -2.03
N CYS B 200 3.06 34.96 -3.00
CA CYS B 200 1.88 34.17 -2.72
C CYS B 200 2.16 33.04 -1.73
N ASN B 201 3.35 32.45 -1.82
CA ASN B 201 3.72 31.31 -1.00
C ASN B 201 3.69 31.57 0.49
N PHE B 202 4.07 32.79 0.89
CA PHE B 202 4.24 33.09 2.30
C PHE B 202 3.08 33.80 2.99
N GLU B 203 2.03 34.13 2.25
CA GLU B 203 0.86 34.75 2.85
C GLU B 203 0.14 33.74 3.75
N GLU B 204 -0.55 34.23 4.77
CA GLU B 204 -1.10 33.35 5.81
C GLU B 204 -1.93 32.21 5.25
N GLN B 205 -2.86 32.54 4.35
CA GLN B 205 -3.51 31.50 3.58
C GLN B 205 -2.56 31.25 2.44
N MET B 206 -1.96 30.07 2.36
CA MET B 206 -0.89 29.90 1.38
C MET B 206 -1.44 29.36 0.09
N GLN B 207 -1.52 30.24 -0.90
CA GLN B 207 -1.90 29.86 -2.25
C GLN B 207 -0.66 30.09 -3.06
N GLY B 208 -0.42 29.25 -4.06
CA GLY B 208 0.84 29.31 -4.75
C GLY B 208 1.79 28.34 -4.09
N MET B 209 1.54 28.03 -2.83
CA MET B 209 2.04 26.78 -2.26
C MET B 209 1.05 25.68 -2.63
N LYS B 210 -0.22 26.03 -2.60
CA LYS B 210 -1.28 25.11 -3.01
C LYS B 210 -1.33 25.03 -4.53
N THR B 211 -1.22 26.18 -5.18
CA THR B 211 -1.28 26.28 -6.63
C THR B 211 -0.08 25.60 -7.29
N GLU B 212 1.11 25.82 -6.76
CA GLU B 212 2.31 25.21 -7.31
C GLU B 212 2.25 23.70 -7.15
N LEU B 213 1.75 23.24 -6.00
CA LEU B 213 1.65 21.81 -5.75
C LEU B 213 0.63 21.16 -6.67
N SER B 214 -0.42 21.90 -7.02
CA SER B 214 -1.42 21.40 -7.97
C SER B 214 -0.82 21.28 -9.35
N GLN B 215 -0.02 22.28 -9.72
CA GLN B 215 0.63 22.28 -11.01
C GLN B 215 1.67 21.16 -11.09
N LEU B 216 2.30 20.86 -9.97
CA LEU B 216 3.31 19.82 -9.93
C LEU B 216 2.72 18.44 -10.20
N SER B 217 1.60 18.13 -9.56
CA SER B 217 0.99 16.82 -9.74
C SER B 217 0.46 16.69 -11.17
N THR B 218 -0.06 17.80 -11.70
CA THR B 218 -0.55 17.84 -13.07
C THR B 218 0.57 17.47 -14.05
N LEU B 219 1.77 17.99 -13.79
CA LEU B 219 2.94 17.66 -14.61
C LEU B 219 3.31 16.19 -14.42
N LEU B 220 3.29 15.71 -13.18
CA LEU B 220 3.65 14.33 -12.88
C LEU B 220 2.65 13.35 -13.48
N LYS B 221 1.38 13.74 -13.50
CA LYS B 221 0.35 12.92 -14.10
C LYS B 221 0.68 12.63 -15.56
N LEU B 222 1.16 13.66 -16.25
CA LEU B 222 1.50 13.55 -17.66
C LEU B 222 2.80 12.80 -17.90
N LEU B 223 3.78 13.02 -17.02
CA LEU B 223 5.12 12.46 -17.22
C LEU B 223 5.16 10.96 -16.95
N ASP B 224 5.02 10.56 -15.70
CA ASP B 224 4.83 9.15 -15.40
C ASP B 224 3.49 9.00 -14.71
N LEU B 225 2.54 8.39 -15.42
CA LEU B 225 1.16 8.26 -14.94
C LEU B 225 1.06 7.21 -13.86
N GLY B 226 1.87 6.17 -13.97
CA GLY B 226 1.85 5.08 -13.02
C GLY B 226 2.41 5.52 -11.68
N PHE B 227 3.45 6.33 -11.74
CA PHE B 227 4.06 6.86 -10.53
C PHE B 227 3.10 7.83 -9.86
N TRP B 228 2.37 8.57 -10.69
CA TRP B 228 1.37 9.50 -10.18
C TRP B 228 0.29 8.74 -9.43
N ASN B 229 -0.13 7.62 -10.01
CA ASN B 229 -1.15 6.77 -9.39
C ASN B 229 -0.68 6.14 -8.10
N TYR B 230 0.59 5.72 -8.06
CA TYR B 230 1.09 5.06 -6.88
C TYR B 230 1.08 6.02 -5.70
N LEU B 231 1.39 7.28 -5.97
CA LEU B 231 1.36 8.29 -4.91
C LEU B 231 -0.05 8.51 -4.38
N GLU B 232 -1.05 8.41 -5.27
CA GLU B 232 -2.44 8.54 -4.86
C GLU B 232 -2.86 7.37 -3.97
N SER B 233 -2.30 6.20 -4.24
CA SER B 233 -2.59 4.99 -3.48
C SER B 233 -2.10 5.05 -2.04
N GLN B 234 -0.97 5.74 -1.85
CA GLN B 234 -0.33 5.82 -0.55
C GLN B 234 -0.77 7.08 0.20
N GLU B 235 -1.76 7.75 -0.35
CA GLU B 235 -2.34 8.97 0.22
C GLU B 235 -1.31 10.09 0.19
N SER B 236 -0.35 9.96 -0.71
CA SER B 236 0.66 10.98 -0.93
C SER B 236 0.27 11.91 -2.07
N GLY B 237 -0.96 11.74 -2.57
CA GLY B 237 -1.46 12.48 -3.73
C GLY B 237 -1.22 13.97 -3.70
N TYR B 238 -1.54 14.59 -2.57
CA TYR B 238 -1.10 15.94 -2.27
C TYR B 238 0.36 15.79 -1.87
N LEU B 239 1.27 16.51 -2.52
CA LEU B 239 2.67 16.22 -2.29
C LEU B 239 3.21 17.11 -1.19
N TYR B 240 3.41 16.53 -0.01
CA TYR B 240 3.82 17.31 1.14
C TYR B 240 5.32 17.18 1.34
N PHE B 241 5.94 16.32 0.54
CA PHE B 241 7.37 16.12 0.60
C PHE B 241 8.09 17.10 -0.31
N CYS B 242 7.34 17.77 -1.18
CA CYS B 242 7.89 18.79 -2.06
C CYS B 242 7.68 20.19 -1.48
N PHE B 243 7.08 20.25 -0.29
CA PHE B 243 6.81 21.54 0.34
C PHE B 243 8.12 22.27 0.61
N ARG B 244 9.05 21.59 1.27
CA ARG B 244 10.34 22.18 1.61
C ARG B 244 11.12 22.56 0.36
N TRP B 245 10.94 21.75 -0.69
CA TRP B 245 11.57 22.01 -1.97
C TRP B 245 11.12 23.35 -2.54
N LEU B 246 9.81 23.51 -2.65
CA LEU B 246 9.24 24.68 -3.31
C LEU B 246 9.34 25.94 -2.45
N LEU B 247 9.08 25.80 -1.15
CA LEU B 247 9.05 26.95 -0.26
C LEU B 247 10.40 27.62 -0.15
N ILE B 248 11.44 26.83 0.08
CA ILE B 248 12.79 27.35 0.26
C ILE B 248 13.57 27.34 -1.05
N ARG B 249 12.91 26.94 -2.14
CA ARG B 249 13.54 26.82 -3.46
C ARG B 249 14.78 25.93 -3.40
N PHE B 250 14.60 24.73 -2.85
CA PHE B 250 15.59 23.66 -2.85
C PHE B 250 16.81 23.90 -1.96
N LYS B 251 16.88 25.06 -1.33
CA LYS B 251 18.03 25.42 -0.48
C LYS B 251 18.42 24.32 0.52
N ARG B 252 17.45 23.63 1.09
CA ARG B 252 17.72 22.56 2.04
C ARG B 252 18.31 21.31 1.38
N GLU B 253 18.14 21.19 0.07
CA GLU B 253 18.52 19.96 -0.65
C GLU B 253 19.90 20.04 -1.33
N PHE B 254 20.58 21.18 -1.21
CA PHE B 254 21.85 21.34 -1.88
C PHE B 254 22.90 22.03 -1.02
N ASN B 255 24.15 21.87 -1.42
CA ASN B 255 25.26 22.57 -0.79
C ASN B 255 25.10 24.06 -1.03
N PHE B 256 25.78 24.88 -0.23
CA PHE B 256 25.71 26.32 -0.44
C PHE B 256 26.12 26.71 -1.85
N GLN B 257 27.25 26.20 -2.32
CA GLN B 257 27.73 26.56 -3.66
C GLN B 257 26.79 26.00 -4.72
N ASP B 258 26.23 24.84 -4.43
CA ASP B 258 25.24 24.21 -5.29
C ASP B 258 23.97 25.06 -5.43
N THR B 259 23.53 25.62 -4.31
CA THR B 259 22.33 26.44 -4.27
C THR B 259 22.50 27.72 -5.08
N LEU B 260 23.68 28.32 -5.00
CA LEU B 260 23.96 29.57 -5.70
C LEU B 260 23.73 29.41 -7.21
N ARG B 261 24.19 28.30 -7.79
CA ARG B 261 24.05 28.09 -9.23
C ARG B 261 22.61 27.84 -9.64
N LEU B 262 21.94 27.00 -8.84
CA LEU B 262 20.56 26.63 -9.10
C LEU B 262 19.66 27.87 -9.18
N TRP B 263 19.88 28.81 -8.26
CA TRP B 263 19.10 30.05 -8.26
C TRP B 263 19.45 30.96 -9.43
N GLU B 264 20.73 31.06 -9.77
CA GLU B 264 21.19 31.82 -10.95
C GLU B 264 20.41 31.42 -12.19
N VAL B 265 20.45 30.13 -12.46
CA VAL B 265 19.88 29.57 -13.67
C VAL B 265 18.38 29.81 -13.73
N MET B 266 17.71 29.60 -12.60
CA MET B 266 16.27 29.81 -12.52
C MET B 266 15.87 31.27 -12.76
N TRP B 267 16.57 32.18 -12.12
CA TRP B 267 16.22 33.60 -12.14
C TRP B 267 16.30 34.21 -13.53
N THR B 268 16.87 33.48 -14.49
CA THR B 268 16.87 33.90 -15.88
C THR B 268 15.47 33.76 -16.50
N GLY B 269 14.66 32.90 -15.90
CA GLY B 269 13.32 32.67 -16.40
C GLY B 269 13.31 31.83 -17.67
N LEU B 270 14.32 30.98 -17.81
CA LEU B 270 14.42 30.10 -18.97
C LEU B 270 14.39 28.64 -18.52
N PRO B 271 13.98 27.74 -19.44
CA PRO B 271 13.35 27.96 -20.74
C PRO B 271 11.89 28.36 -20.67
N CYS B 272 11.21 27.94 -19.60
CA CYS B 272 9.77 28.10 -19.51
C CYS B 272 9.30 28.89 -18.30
N GLN B 273 7.98 29.00 -18.15
CA GLN B 273 7.39 29.86 -17.14
C GLN B 273 7.71 29.43 -15.72
N ASN B 274 7.40 28.18 -15.37
CA ASN B 274 7.82 27.66 -14.08
C ASN B 274 8.85 26.58 -14.30
N PHE B 275 10.11 26.92 -14.11
CA PHE B 275 11.17 25.95 -14.34
C PHE B 275 11.33 25.09 -13.10
N HIS B 276 11.06 25.68 -11.94
CA HIS B 276 11.27 24.99 -10.67
C HIS B 276 10.38 23.77 -10.52
N LEU B 277 9.26 23.77 -11.23
CA LEU B 277 8.37 22.62 -11.19
C LEU B 277 9.02 21.45 -11.92
N LEU B 278 9.73 21.76 -12.99
CA LEU B 278 10.44 20.74 -13.75
C LEU B 278 11.64 20.24 -12.94
N ILE B 279 12.22 21.13 -12.14
CA ILE B 279 13.33 20.75 -11.28
C ILE B 279 12.84 19.69 -10.29
N CYS B 280 11.62 19.88 -9.78
CA CYS B 280 10.97 18.88 -8.93
C CYS B 280 10.76 17.56 -9.65
N CYS B 281 10.24 17.64 -10.87
CA CYS B 281 10.02 16.46 -11.69
C CYS B 281 11.35 15.75 -11.96
N ALA B 282 12.40 16.53 -12.20
CA ALA B 282 13.70 15.99 -12.49
C ALA B 282 14.22 15.18 -11.31
N ILE B 283 14.08 15.73 -10.11
CA ILE B 283 14.57 15.04 -8.92
C ILE B 283 13.78 13.77 -8.65
N LEU B 284 12.48 13.84 -8.87
CA LEU B 284 11.62 12.68 -8.63
C LEU B 284 11.74 11.61 -9.71
N ASP B 285 12.08 12.01 -10.93
CA ASP B 285 12.14 11.05 -12.04
C ASP B 285 13.14 9.94 -11.74
N SER B 286 14.28 10.31 -11.17
CA SER B 286 15.32 9.34 -10.89
C SER B 286 14.93 8.42 -9.74
N GLU B 287 14.04 8.89 -8.85
CA GLU B 287 13.66 8.11 -7.68
C GLU B 287 12.35 7.33 -7.83
N LYS B 288 11.73 7.39 -9.00
CA LYS B 288 10.44 6.73 -9.23
C LYS B 288 10.46 5.23 -8.94
N GLN B 289 11.48 4.54 -9.46
CA GLN B 289 11.55 3.08 -9.35
C GLN B 289 11.77 2.58 -7.92
N LYS B 290 12.76 3.10 -7.22
CA LYS B 290 13.04 2.62 -5.86
C LYS B 290 11.80 2.74 -4.97
N ILE B 291 11.00 3.76 -5.20
CA ILE B 291 9.80 3.98 -4.41
C ILE B 291 8.75 2.93 -4.78
N MET B 292 8.59 2.70 -6.08
CA MET B 292 7.59 1.76 -6.58
C MET B 292 8.00 0.30 -6.39
N GLU B 293 9.26 -0.02 -6.70
CA GLU B 293 9.76 -1.39 -6.54
C GLU B 293 9.68 -1.87 -5.09
N ASN B 294 10.13 -1.02 -4.17
CA ASN B 294 10.18 -1.38 -2.75
C ASN B 294 8.81 -1.28 -2.06
N HIS B 295 7.81 -0.79 -2.80
CA HIS B 295 6.45 -0.69 -2.28
C HIS B 295 6.44 0.12 -1.00
N TYR B 296 7.06 1.30 -1.04
CA TYR B 296 7.32 2.07 0.17
C TYR B 296 6.09 2.45 0.99
N GLY B 297 5.27 3.36 0.49
CA GLY B 297 4.17 3.87 1.29
C GLY B 297 4.48 5.23 1.88
N PHE B 298 3.47 5.88 2.47
CA PHE B 298 3.56 7.27 2.90
C PHE B 298 4.76 7.51 3.80
N ASN B 299 4.96 6.61 4.75
CA ASN B 299 6.03 6.76 5.72
C ASN B 299 7.43 6.74 5.12
N GLU B 300 7.70 5.74 4.29
CA GLU B 300 9.01 5.58 3.65
C GLU B 300 9.29 6.64 2.59
N ILE B 301 8.23 7.13 1.95
CA ILE B 301 8.37 8.15 0.91
C ILE B 301 8.88 9.47 1.50
N LEU B 302 8.30 9.90 2.62
CA LEU B 302 8.74 11.11 3.29
C LEU B 302 10.18 10.94 3.74
N LYS B 303 10.52 9.75 4.19
CA LYS B 303 11.87 9.44 4.64
C LYS B 303 12.88 9.41 3.50
N HIS B 304 12.54 8.73 2.41
CA HIS B 304 13.47 8.55 1.29
C HIS B 304 13.81 9.88 0.63
N ILE B 305 12.84 10.78 0.56
CA ILE B 305 13.06 12.07 -0.06
C ILE B 305 13.83 13.01 0.87
N ASN B 306 13.56 12.92 2.17
CA ASN B 306 14.32 13.72 3.12
C ASN B 306 15.80 13.34 3.18
N GLU B 307 16.10 12.07 2.94
CA GLU B 307 17.50 11.62 2.98
C GLU B 307 18.13 11.72 1.60
N LEU B 308 17.36 12.29 0.68
CA LEU B 308 17.84 12.55 -0.67
C LEU B 308 18.64 13.86 -0.67
N SER B 309 18.51 14.60 0.42
CA SER B 309 19.16 15.89 0.59
C SER B 309 20.68 15.74 0.57
N LEU B 310 21.33 16.63 -0.18
CA LEU B 310 22.80 16.69 -0.33
C LEU B 310 23.37 15.52 -1.14
N LYS B 311 22.51 14.58 -1.53
CA LYS B 311 22.94 13.44 -2.35
C LYS B 311 22.69 13.73 -3.83
N LEU B 312 22.24 14.94 -4.13
CA LEU B 312 21.86 15.32 -5.49
C LEU B 312 22.95 16.09 -6.23
N ASP B 313 23.12 15.80 -7.53
CA ASP B 313 24.05 16.55 -8.37
C ASP B 313 23.32 17.61 -9.19
N VAL B 314 23.72 18.86 -9.01
CA VAL B 314 22.97 20.00 -9.51
C VAL B 314 22.76 20.01 -11.00
N GLU B 315 23.85 19.85 -11.74
CA GLU B 315 23.79 20.04 -13.18
C GLU B 315 23.17 18.83 -13.88
N GLU B 316 23.20 17.69 -13.22
CA GLU B 316 22.47 16.52 -13.73
C GLU B 316 20.96 16.78 -13.61
N VAL B 317 20.55 17.40 -12.51
CA VAL B 317 19.16 17.75 -12.33
C VAL B 317 18.73 18.81 -13.35
N LEU B 318 19.55 19.83 -13.52
CA LEU B 318 19.30 20.89 -14.49
C LEU B 318 19.27 20.37 -15.93
N CYS B 319 20.00 19.30 -16.21
CA CYS B 319 19.94 18.68 -17.53
C CYS B 319 18.60 17.96 -17.72
N LYS B 320 18.21 17.14 -16.75
CA LYS B 320 16.92 16.47 -16.80
C LYS B 320 15.75 17.47 -16.86
N ALA B 321 15.84 18.53 -16.07
CA ALA B 321 14.78 19.52 -16.03
C ALA B 321 14.58 20.17 -17.39
N GLU B 322 15.68 20.61 -18.01
CA GLU B 322 15.60 21.23 -19.32
C GLU B 322 15.16 20.21 -20.38
N ALA B 323 15.60 18.97 -20.22
CA ALA B 323 15.24 17.90 -21.13
C ALA B 323 13.74 17.64 -21.14
N ILE B 324 13.13 17.69 -19.95
CA ILE B 324 11.69 17.51 -19.82
C ILE B 324 10.95 18.64 -20.55
N TYR B 325 11.50 19.85 -20.48
CA TYR B 325 10.90 20.98 -21.19
C TYR B 325 10.90 20.75 -22.71
N CYS B 326 12.05 20.32 -23.24
CA CYS B 326 12.17 20.06 -24.67
C CYS B 326 11.23 18.94 -25.09
N GLN B 327 11.16 17.90 -24.26
CA GLN B 327 10.31 16.75 -24.52
C GLN B 327 8.84 17.14 -24.65
N MET B 328 8.43 18.12 -23.85
CA MET B 328 7.07 18.62 -23.83
C MET B 328 6.78 19.59 -24.96
N MET B 329 7.56 20.67 -25.04
CA MET B 329 7.36 21.70 -26.05
C MET B 329 7.37 21.15 -27.48
N LYS B 330 8.16 20.11 -27.72
CA LYS B 330 8.23 19.50 -29.05
C LYS B 330 7.02 18.62 -29.39
N CYS B 331 6.20 18.28 -28.39
CA CYS B 331 4.98 17.50 -28.60
C CYS B 331 3.81 18.34 -29.11
N LYS B 332 3.27 18.00 -30.29
CA LYS B 332 2.22 18.81 -30.90
C LYS B 332 0.86 18.65 -30.25
N ASP B 333 0.46 17.41 -29.95
CA ASP B 333 -0.78 17.26 -29.20
C ASP B 333 -0.36 17.23 -27.75
N LEU B 334 -0.67 18.31 -27.06
CA LEU B 334 -0.27 18.46 -25.67
C LEU B 334 -1.48 18.95 -24.94
N PRO B 335 -1.73 18.41 -23.74
CA PRO B 335 -2.90 18.88 -23.02
C PRO B 335 -2.78 20.36 -22.75
N GLN B 336 -3.88 21.06 -22.92
CA GLN B 336 -3.89 22.51 -22.79
C GLN B 336 -3.53 22.92 -21.36
N ALA B 337 -3.85 22.05 -20.41
CA ALA B 337 -3.57 22.30 -19.01
C ALA B 337 -2.07 22.42 -18.74
N VAL B 338 -1.29 21.49 -19.31
CA VAL B 338 0.14 21.47 -19.11
C VAL B 338 0.80 22.63 -19.85
N GLY B 339 0.33 22.88 -21.08
CA GLY B 339 0.87 23.95 -21.89
C GLY B 339 0.77 25.31 -21.20
N GLU B 340 -0.27 25.50 -20.40
CA GLU B 340 -0.47 26.77 -19.70
C GLU B 340 0.51 26.95 -18.55
N ILE B 341 0.83 25.86 -17.87
CA ILE B 341 1.75 25.90 -16.75
C ILE B 341 3.15 26.31 -17.20
N LEU B 342 3.59 25.79 -18.36
CA LEU B 342 4.91 26.11 -18.87
C LEU B 342 4.93 27.38 -19.74
N GLY B 343 3.76 27.85 -20.16
CA GLY B 343 3.68 29.07 -20.94
C GLY B 343 3.84 28.88 -22.44
N LEU B 344 3.56 27.68 -22.93
CA LEU B 344 3.71 27.37 -24.34
C LEU B 344 2.56 27.90 -25.19
N ARG C 16 33.28 -19.40 -7.32
CA ARG C 16 34.56 -19.88 -6.89
C ARG C 16 34.31 -21.13 -6.03
N ILE C 17 33.04 -21.43 -5.69
CA ILE C 17 32.74 -22.63 -4.89
C ILE C 17 32.80 -23.86 -5.80
N ASP C 18 33.05 -25.03 -5.20
CA ASP C 18 33.10 -26.25 -5.99
C ASP C 18 32.42 -27.44 -5.32
N LEU C 19 31.54 -28.10 -6.07
CA LEU C 19 30.93 -29.36 -5.64
C LEU C 19 31.53 -30.45 -6.51
N GLY C 20 32.38 -31.29 -5.92
CA GLY C 20 33.28 -32.09 -6.73
C GLY C 20 32.72 -33.16 -7.64
N ILE C 21 32.01 -34.14 -7.08
CA ILE C 21 31.57 -35.29 -7.88
C ILE C 21 30.20 -35.74 -7.45
N ARG C 22 29.32 -35.95 -8.42
CA ARG C 22 28.01 -36.51 -8.17
C ARG C 22 28.11 -38.04 -8.17
N PRO C 23 27.89 -38.66 -7.00
CA PRO C 23 28.01 -40.11 -6.84
C PRO C 23 26.93 -40.89 -7.58
N GLU C 24 27.15 -42.19 -7.78
CA GLU C 24 26.14 -43.05 -8.37
C GLU C 24 25.28 -43.62 -7.26
N ILE C 25 23.99 -43.32 -7.27
CA ILE C 25 23.08 -43.78 -6.22
C ILE C 25 22.20 -44.93 -6.73
N GLN C 26 22.21 -46.06 -6.01
CA GLN C 26 21.32 -47.15 -6.37
C GLN C 26 20.11 -47.20 -5.46
N ARG C 27 18.94 -47.44 -6.03
CA ARG C 27 17.72 -47.64 -5.23
C ARG C 27 17.63 -49.09 -4.75
N GLY C 28 17.11 -49.28 -3.54
CA GLY C 28 17.01 -50.60 -2.97
C GLY C 28 15.71 -51.27 -3.37
N GLU C 29 15.15 -52.06 -2.47
CA GLU C 29 13.96 -52.83 -2.75
C GLU C 29 12.93 -52.49 -1.69
N PRO C 30 11.65 -52.43 -2.08
CA PRO C 30 10.62 -52.01 -1.14
C PRO C 30 10.46 -52.99 0.03
N VAL C 31 10.08 -52.47 1.20
CA VAL C 31 9.95 -53.31 2.38
C VAL C 31 8.79 -54.28 2.26
N SER C 32 9.11 -55.56 2.37
CA SER C 32 8.12 -56.64 2.31
C SER C 32 7.33 -56.79 3.61
N ILE C 33 6.19 -57.48 3.53
CA ILE C 33 5.45 -57.90 4.71
C ILE C 33 6.35 -58.66 5.67
N GLU C 34 7.22 -59.50 5.10
CA GLU C 34 8.18 -60.26 5.90
C GLU C 34 9.16 -59.31 6.60
N ARG C 35 9.75 -58.38 5.86
CA ARG C 35 10.75 -57.48 6.40
C ARG C 35 10.18 -56.63 7.53
N TRP C 36 8.96 -56.16 7.32
CA TRP C 36 8.28 -55.34 8.32
C TRP C 36 7.98 -56.11 9.61
N SER C 37 7.55 -57.35 9.48
CA SER C 37 7.21 -58.19 10.63
C SER C 37 8.42 -58.45 11.54
N GLN C 38 9.63 -58.42 10.96
CA GLN C 38 10.85 -58.57 11.73
C GLN C 38 11.15 -57.33 12.55
N CYS C 39 10.67 -56.19 12.06
CA CYS C 39 10.85 -54.90 12.72
C CYS C 39 9.90 -54.62 13.88
N MET C 40 8.80 -55.37 13.95
CA MET C 40 7.83 -55.19 15.01
C MET C 40 7.96 -56.27 16.10
N ASP C 41 7.87 -55.81 17.35
CA ASP C 41 7.98 -56.64 18.53
C ASP C 41 6.75 -57.52 18.68
N ALA C 42 6.76 -58.39 19.69
CA ALA C 42 5.63 -59.25 19.97
C ALA C 42 4.55 -58.46 20.66
N GLU C 43 4.97 -57.50 21.48
CA GLU C 43 4.04 -56.62 22.19
C GLU C 43 3.42 -55.62 21.21
N GLY C 44 4.02 -55.49 20.04
CA GLY C 44 3.54 -54.58 19.02
C GLY C 44 4.40 -53.35 18.82
N LYS C 45 5.33 -53.12 19.74
CA LYS C 45 6.27 -51.99 19.64
C LYS C 45 7.18 -52.16 18.42
N VAL C 46 7.51 -51.07 17.75
CA VAL C 46 8.48 -51.12 16.66
C VAL C 46 9.88 -51.13 17.22
N LEU C 47 10.64 -52.17 16.89
CA LEU C 47 11.97 -52.38 17.45
C LEU C 47 12.95 -51.23 17.23
N ASP C 48 13.35 -51.01 15.99
CA ASP C 48 14.35 -49.97 15.70
C ASP C 48 13.80 -48.97 14.69
N PRO C 49 13.17 -47.89 15.18
CA PRO C 49 12.47 -46.94 14.32
C PRO C 49 13.42 -46.20 13.39
N GLU C 50 14.65 -45.98 13.84
CA GLU C 50 15.61 -45.29 13.00
C GLU C 50 16.01 -46.15 11.81
N ASN C 51 16.15 -47.47 12.02
CA ASN C 51 16.42 -48.40 10.94
C ASN C 51 15.29 -48.52 9.96
N VAL C 52 14.08 -48.60 10.50
CA VAL C 52 12.88 -48.68 9.66
C VAL C 52 12.86 -47.52 8.66
N LYS C 53 13.22 -46.34 9.13
CA LYS C 53 13.28 -45.16 8.27
C LYS C 53 14.36 -45.29 7.19
N LYS C 54 15.50 -45.88 7.52
CA LYS C 54 16.56 -46.09 6.52
C LYS C 54 16.10 -47.05 5.44
N LEU C 55 15.35 -48.07 5.85
CA LEU C 55 14.84 -49.06 4.92
C LEU C 55 13.81 -48.46 4.00
N ILE C 56 12.85 -47.76 4.60
CA ILE C 56 11.79 -47.14 3.83
C ILE C 56 12.38 -46.11 2.88
N PHE C 57 13.40 -45.39 3.31
CA PHE C 57 13.99 -44.40 2.43
C PHE C 57 14.60 -45.05 1.17
N ARG C 58 15.45 -46.07 1.36
CA ARG C 58 16.16 -46.66 0.22
C ARG C 58 15.20 -47.38 -0.73
N GLY C 59 14.40 -48.30 -0.20
CA GLY C 59 13.50 -49.05 -1.03
C GLY C 59 12.07 -48.58 -1.20
N GLY C 60 11.56 -47.87 -0.21
CA GLY C 60 10.14 -47.56 -0.19
C GLY C 60 9.38 -48.69 0.50
N LEU C 61 8.07 -48.74 0.30
CA LEU C 61 7.25 -49.78 0.90
C LEU C 61 6.44 -50.51 -0.17
N CYS C 62 6.24 -51.80 0.02
CA CYS C 62 5.30 -52.52 -0.83
C CYS C 62 3.89 -52.11 -0.43
N HIS C 63 2.96 -52.16 -1.40
CA HIS C 63 1.63 -51.62 -1.19
C HIS C 63 0.82 -52.29 -0.08
N ALA C 64 1.13 -53.54 0.24
CA ALA C 64 0.35 -54.26 1.24
C ALA C 64 0.57 -53.71 2.65
N VAL C 65 1.84 -53.45 3.00
CA VAL C 65 2.20 -52.99 4.34
C VAL C 65 1.87 -51.52 4.52
N ARG C 66 1.55 -50.89 3.40
CA ARG C 66 1.41 -49.44 3.31
C ARG C 66 0.33 -48.87 4.24
N LYS C 67 -0.71 -49.65 4.50
CA LYS C 67 -1.80 -49.20 5.38
C LYS C 67 -1.36 -49.04 6.84
N LEU C 68 -0.57 -49.98 7.34
CA LEU C 68 -0.11 -49.89 8.73
C LEU C 68 1.08 -48.96 8.89
N THR C 69 2.04 -49.03 7.97
CA THR C 69 3.29 -48.28 8.11
C THR C 69 3.11 -46.79 7.93
N TRP C 70 2.17 -46.39 7.08
CA TRP C 70 1.91 -44.96 6.86
C TRP C 70 1.43 -44.27 8.14
N LYS C 71 0.71 -45.02 8.99
CA LYS C 71 0.26 -44.47 10.25
C LYS C 71 1.44 -44.06 11.13
N PHE C 72 2.56 -44.76 10.99
CA PHE C 72 3.77 -44.40 11.73
C PHE C 72 4.47 -43.20 11.11
N LEU C 73 4.60 -43.21 9.79
CA LEU C 73 5.27 -42.14 9.06
C LEU C 73 4.57 -40.81 9.28
N LEU C 74 3.24 -40.85 9.34
CA LEU C 74 2.45 -39.65 9.49
C LEU C 74 2.15 -39.35 10.97
N ASN C 75 2.76 -40.12 11.86
CA ASN C 75 2.74 -39.85 13.30
C ASN C 75 1.40 -40.13 13.99
N TYR C 76 0.42 -40.61 13.22
CA TYR C 76 -0.82 -41.14 13.79
C TYR C 76 -0.54 -42.19 14.88
N PHE C 77 0.32 -43.15 14.56
CA PHE C 77 0.82 -44.13 15.52
C PHE C 77 2.23 -43.74 15.96
N PRO C 78 2.38 -43.39 17.25
CA PRO C 78 3.73 -43.06 17.74
C PRO C 78 4.68 -44.27 17.66
N TRP C 79 5.93 -44.04 17.33
CA TRP C 79 6.91 -45.10 17.15
C TRP C 79 7.16 -45.94 18.40
N ASP C 80 7.15 -45.28 19.56
CA ASP C 80 7.39 -45.93 20.84
C ASP C 80 6.17 -46.67 21.36
N SER C 81 5.03 -46.53 20.69
CA SER C 81 3.80 -47.13 21.17
C SER C 81 3.74 -48.64 20.98
N SER C 82 3.00 -49.29 21.89
CA SER C 82 2.71 -50.71 21.80
C SER C 82 1.31 -50.89 21.22
N LYS C 83 0.89 -52.14 21.04
CA LYS C 83 -0.42 -52.38 20.49
C LYS C 83 -1.47 -51.96 21.51
N GLU C 84 -1.18 -52.17 22.79
CA GLU C 84 -2.11 -51.80 23.85
C GLU C 84 -2.22 -50.28 23.96
N ASP C 85 -1.09 -49.60 23.80
CA ASP C 85 -1.10 -48.14 23.78
C ASP C 85 -1.98 -47.66 22.62
N ARG C 86 -1.82 -48.31 21.48
CA ARG C 86 -2.56 -47.97 20.28
C ARG C 86 -4.06 -48.19 20.45
N ARG C 87 -4.43 -49.26 21.16
CA ARG C 87 -5.84 -49.60 21.31
C ARG C 87 -6.59 -48.48 21.98
N LEU C 88 -5.93 -47.86 22.96
CA LEU C 88 -6.51 -46.76 23.72
C LEU C 88 -6.52 -45.47 22.91
N LEU C 89 -5.45 -45.26 22.16
CA LEU C 89 -5.28 -44.05 21.36
C LEU C 89 -6.35 -43.93 20.29
N ILE C 90 -6.59 -45.02 19.58
CA ILE C 90 -7.60 -45.06 18.53
C ILE C 90 -8.99 -44.76 19.10
N LYS C 91 -9.24 -45.20 20.34
CA LYS C 91 -10.53 -44.94 20.97
C LYS C 91 -10.75 -43.44 21.16
N ARG C 92 -9.70 -42.77 21.63
CA ARG C 92 -9.75 -41.32 21.84
C ARG C 92 -9.93 -40.60 20.51
N LYS C 93 -9.10 -40.96 19.54
CA LYS C 93 -9.09 -40.31 18.24
C LYS C 93 -10.39 -40.51 17.46
N THR C 94 -11.08 -41.61 17.73
CA THR C 94 -12.32 -41.91 17.03
C THR C 94 -13.45 -41.08 17.59
N ASP C 95 -13.56 -41.07 18.92
CA ASP C 95 -14.56 -40.28 19.62
C ASP C 95 -14.35 -38.81 19.30
N GLU C 96 -13.08 -38.43 19.28
CA GLU C 96 -12.70 -37.06 19.03
C GLU C 96 -13.07 -36.65 17.59
N TYR C 97 -12.89 -37.57 16.65
CA TYR C 97 -13.19 -37.28 15.26
C TYR C 97 -14.68 -36.99 15.05
N PHE C 98 -15.52 -37.92 15.49
CA PHE C 98 -16.94 -37.80 15.23
C PHE C 98 -17.62 -36.72 16.06
N ARG C 99 -16.98 -36.34 17.17
CA ARG C 99 -17.42 -35.19 17.93
C ARG C 99 -17.27 -33.94 17.06
N MET C 100 -16.14 -33.85 16.36
CA MET C 100 -15.91 -32.71 15.45
C MET C 100 -16.78 -32.80 14.20
N LYS C 101 -16.95 -34.02 13.68
CA LYS C 101 -17.75 -34.21 12.47
C LYS C 101 -19.19 -33.76 12.70
N LEU C 102 -19.71 -34.02 13.90
CA LEU C 102 -21.07 -33.63 14.26
C LEU C 102 -21.25 -32.11 14.25
N GLN C 103 -20.17 -31.40 14.56
CA GLN C 103 -20.21 -29.95 14.64
C GLN C 103 -20.59 -29.31 13.30
N TRP C 104 -20.00 -29.78 12.20
CA TRP C 104 -20.40 -29.26 10.89
C TRP C 104 -21.65 -29.93 10.34
N LYS C 105 -21.90 -31.17 10.74
CA LYS C 105 -23.00 -31.93 10.15
C LYS C 105 -24.33 -31.53 10.75
N SER C 106 -24.31 -30.98 11.96
CA SER C 106 -25.55 -30.61 12.61
C SER C 106 -25.94 -29.16 12.34
N VAL C 107 -25.15 -28.48 11.52
CA VAL C 107 -25.48 -27.14 11.05
C VAL C 107 -26.63 -27.18 10.06
N SER C 108 -27.65 -26.34 10.28
CA SER C 108 -28.84 -26.37 9.43
C SER C 108 -28.67 -25.48 8.20
N GLU C 109 -29.69 -25.45 7.34
CA GLU C 109 -29.63 -24.64 6.12
C GLU C 109 -29.61 -23.17 6.47
N GLU C 110 -30.52 -22.76 7.36
CA GLU C 110 -30.56 -21.38 7.86
C GLU C 110 -29.24 -21.00 8.52
N GLN C 111 -28.74 -21.90 9.35
CA GLN C 111 -27.51 -21.68 10.10
C GLN C 111 -26.33 -21.43 9.16
N GLU C 112 -26.34 -22.15 8.03
CA GLU C 112 -25.26 -22.11 7.06
C GLU C 112 -25.24 -20.80 6.29
N LYS C 113 -26.41 -20.24 5.97
CA LYS C 113 -26.46 -18.93 5.31
C LYS C 113 -25.85 -17.84 6.20
N ARG C 114 -26.00 -17.99 7.52
CA ARG C 114 -25.50 -16.99 8.45
C ARG C 114 -24.05 -17.25 8.89
N ASN C 115 -23.47 -18.34 8.39
CA ASN C 115 -22.02 -18.53 8.51
C ASN C 115 -21.36 -18.54 7.13
N THR C 116 -20.69 -17.44 6.78
CA THR C 116 -20.20 -17.32 5.40
C THR C 116 -18.92 -18.09 5.19
N ARG C 117 -18.04 -18.09 6.19
CA ARG C 117 -16.79 -18.83 6.03
C ARG C 117 -17.02 -20.34 5.97
N LEU C 118 -17.98 -20.85 6.74
CA LEU C 118 -18.31 -22.27 6.69
C LEU C 118 -19.01 -22.61 5.40
N LYS C 119 -19.93 -21.75 4.97
CA LYS C 119 -20.65 -21.94 3.72
C LYS C 119 -19.67 -21.98 2.53
N ASP C 120 -18.69 -21.09 2.57
CA ASP C 120 -17.68 -21.00 1.51
C ASP C 120 -16.72 -22.19 1.51
N TYR C 121 -16.31 -22.64 2.70
CA TYR C 121 -15.49 -23.84 2.82
C TYR C 121 -16.21 -25.02 2.18
N LYS C 122 -17.50 -25.14 2.48
CA LYS C 122 -18.31 -26.25 1.98
C LYS C 122 -18.35 -26.26 0.45
N SER C 123 -18.42 -25.09 -0.15
CA SER C 123 -18.51 -25.00 -1.60
C SER C 123 -17.17 -25.34 -2.28
N LEU C 124 -16.05 -24.87 -1.72
CA LEU C 124 -14.73 -25.16 -2.25
C LEU C 124 -14.46 -26.65 -2.22
N ILE C 125 -14.89 -27.30 -1.15
CA ILE C 125 -14.72 -28.73 -1.01
C ILE C 125 -15.48 -29.44 -2.11
N GLU C 126 -16.73 -29.07 -2.30
CA GLU C 126 -17.55 -29.71 -3.33
C GLU C 126 -16.99 -29.45 -4.74
N LYS C 127 -16.43 -28.26 -4.96
CA LYS C 127 -15.88 -27.91 -6.26
C LYS C 127 -14.70 -28.85 -6.55
N ASP C 128 -13.84 -29.04 -5.55
CA ASP C 128 -12.62 -29.84 -5.71
C ASP C 128 -12.82 -31.36 -5.64
N VAL C 129 -13.76 -31.82 -4.84
CA VAL C 129 -13.98 -33.25 -4.67
C VAL C 129 -14.45 -33.91 -5.96
N ASN C 130 -15.37 -33.26 -6.67
CA ASN C 130 -15.83 -33.77 -7.95
C ASN C 130 -14.75 -33.66 -9.02
N ARG C 131 -13.77 -32.82 -8.74
CA ARG C 131 -12.66 -32.57 -9.63
C ARG C 131 -11.39 -33.36 -9.25
N THR C 132 -11.51 -34.31 -8.33
CA THR C 132 -10.32 -35.04 -7.87
C THR C 132 -10.18 -36.22 -8.84
N ASP C 133 -9.27 -37.16 -8.57
CA ASP C 133 -8.96 -38.14 -9.59
C ASP C 133 -10.07 -39.18 -9.75
N ARG C 134 -10.81 -39.06 -10.85
CA ARG C 134 -11.87 -40.02 -11.17
C ARG C 134 -11.38 -41.14 -12.07
N THR C 135 -10.15 -41.03 -12.54
CA THR C 135 -9.56 -42.06 -13.36
C THR C 135 -9.19 -43.25 -12.48
N ASN C 136 -9.07 -42.97 -11.19
CA ASN C 136 -8.69 -43.97 -10.20
C ASN C 136 -9.91 -44.78 -9.78
N PRO C 137 -9.78 -46.12 -9.78
CA PRO C 137 -10.88 -47.06 -9.50
C PRO C 137 -11.54 -46.84 -8.13
N PHE C 138 -10.81 -46.25 -7.20
CA PHE C 138 -11.33 -46.00 -5.86
C PHE C 138 -12.44 -44.95 -5.90
N TYR C 139 -12.17 -43.86 -6.61
CA TYR C 139 -13.07 -42.71 -6.66
C TYR C 139 -13.97 -42.70 -7.90
N GLU C 140 -13.87 -43.76 -8.70
CA GLU C 140 -14.64 -43.87 -9.92
C GLU C 140 -15.91 -44.69 -9.68
N GLY C 141 -17.06 -44.09 -9.96
CA GLY C 141 -18.34 -44.77 -9.81
C GLY C 141 -19.46 -43.76 -9.94
N HIS C 142 -20.69 -44.25 -10.14
CA HIS C 142 -21.84 -43.35 -10.25
C HIS C 142 -22.12 -42.66 -8.91
N GLU C 143 -22.36 -43.45 -7.86
CA GLU C 143 -22.35 -42.90 -6.51
C GLU C 143 -21.18 -43.50 -5.75
N ASN C 144 -20.09 -42.74 -5.63
CA ASN C 144 -18.87 -43.29 -5.05
C ASN C 144 -18.75 -43.03 -3.55
N PRO C 145 -18.50 -44.09 -2.76
CA PRO C 145 -18.35 -43.93 -1.31
C PRO C 145 -17.11 -43.13 -0.94
N GLY C 146 -16.02 -43.32 -1.69
CA GLY C 146 -14.76 -42.67 -1.39
C GLY C 146 -14.79 -41.16 -1.53
N LEU C 147 -15.50 -40.66 -2.54
CA LEU C 147 -15.63 -39.23 -2.75
C LEU C 147 -16.42 -38.61 -1.61
N ILE C 148 -17.37 -39.37 -1.06
CA ILE C 148 -18.13 -38.95 0.10
C ILE C 148 -17.24 -38.85 1.33
N LEU C 149 -16.32 -39.80 1.49
CA LEU C 149 -15.37 -39.73 2.58
C LEU C 149 -14.46 -38.51 2.44
N LEU C 150 -14.02 -38.23 1.21
CA LEU C 150 -13.17 -37.07 0.93
C LEU C 150 -13.83 -35.80 1.44
N HIS C 151 -15.10 -35.64 1.09
CA HIS C 151 -15.89 -34.51 1.53
C HIS C 151 -15.97 -34.43 3.06
N ASP C 152 -16.41 -35.51 3.70
CA ASP C 152 -16.60 -35.53 5.14
C ASP C 152 -15.31 -35.25 5.91
N ILE C 153 -14.19 -35.82 5.44
CA ILE C 153 -12.92 -35.63 6.13
C ILE C 153 -12.47 -34.18 6.02
N LEU C 154 -12.65 -33.60 4.83
CA LEU C 154 -12.25 -32.23 4.59
C LEU C 154 -13.11 -31.24 5.41
N MET C 155 -14.42 -31.50 5.45
CA MET C 155 -15.34 -30.73 6.29
C MET C 155 -14.99 -30.83 7.78
N THR C 156 -14.67 -32.03 8.23
CA THR C 156 -14.30 -32.24 9.62
C THR C 156 -12.97 -31.52 9.91
N TYR C 157 -12.12 -31.39 8.91
CA TYR C 157 -10.88 -30.65 9.14
C TYR C 157 -11.18 -29.17 9.34
N CYS C 158 -12.20 -28.65 8.67
CA CYS C 158 -12.59 -27.25 8.84
C CYS C 158 -13.01 -26.98 10.28
N MET C 159 -13.58 -27.97 10.95
CA MET C 159 -13.90 -27.85 12.37
C MET C 159 -12.65 -28.00 13.22
N TYR C 160 -11.72 -28.84 12.78
CA TYR C 160 -10.46 -29.02 13.47
C TYR C 160 -9.61 -27.75 13.46
N ASP C 161 -9.37 -27.22 12.27
CA ASP C 161 -8.71 -25.92 12.12
C ASP C 161 -9.63 -25.02 11.31
N PHE C 162 -10.27 -24.06 11.97
CA PHE C 162 -11.25 -23.23 11.27
C PHE C 162 -10.61 -22.05 10.55
N ASP C 163 -9.51 -21.56 11.11
CA ASP C 163 -8.83 -20.43 10.51
C ASP C 163 -8.27 -20.81 9.16
N LEU C 164 -7.72 -22.01 9.05
CA LEU C 164 -7.27 -22.56 7.77
C LEU C 164 -8.45 -23.03 6.91
N GLY C 165 -9.31 -23.85 7.51
CA GLY C 165 -10.45 -24.41 6.79
C GLY C 165 -9.99 -25.24 5.62
N TYR C 166 -10.52 -24.95 4.44
CA TYR C 166 -10.10 -25.64 3.23
C TYR C 166 -9.52 -24.66 2.22
N ILE C 167 -8.36 -25.02 1.67
CA ILE C 167 -7.76 -24.27 0.57
C ILE C 167 -7.69 -25.19 -0.63
N GLN C 168 -7.97 -24.67 -1.81
CA GLN C 168 -8.01 -25.50 -3.02
C GLN C 168 -6.72 -26.27 -3.23
N GLY C 169 -6.86 -27.57 -3.49
CA GLY C 169 -5.72 -28.45 -3.67
C GLY C 169 -5.50 -29.37 -2.48
N MET C 170 -6.12 -29.06 -1.34
CA MET C 170 -5.97 -29.90 -0.16
C MET C 170 -6.66 -31.24 -0.37
N SER C 171 -7.63 -31.29 -1.27
CA SER C 171 -8.29 -32.55 -1.58
C SER C 171 -7.31 -33.49 -2.28
N ASP C 172 -6.38 -32.90 -3.03
CA ASP C 172 -5.37 -33.67 -3.74
C ASP C 172 -4.35 -34.27 -2.79
N LEU C 173 -4.12 -33.61 -1.67
CA LEU C 173 -3.22 -34.12 -0.66
C LEU C 173 -3.89 -35.25 0.13
N LEU C 174 -5.21 -35.14 0.30
CA LEU C 174 -5.94 -36.11 1.09
C LEU C 174 -6.20 -37.39 0.30
N SER C 175 -6.42 -37.23 -1.00
CA SER C 175 -6.80 -38.33 -1.89
C SER C 175 -5.95 -39.61 -1.71
N PRO C 176 -4.61 -39.52 -1.77
CA PRO C 176 -3.79 -40.74 -1.59
C PRO C 176 -3.85 -41.32 -0.17
N ILE C 177 -3.91 -40.44 0.83
CA ILE C 177 -3.91 -40.89 2.22
C ILE C 177 -5.19 -41.68 2.50
N LEU C 178 -6.30 -41.24 1.95
CA LEU C 178 -7.55 -41.97 2.12
C LEU C 178 -7.45 -43.31 1.41
N TYR C 179 -6.92 -43.28 0.19
CA TYR C 179 -6.77 -44.47 -0.63
C TYR C 179 -5.98 -45.56 0.10
N VAL C 180 -4.93 -45.15 0.80
CA VAL C 180 -4.08 -46.07 1.55
C VAL C 180 -4.74 -46.55 2.84
N MET C 181 -5.35 -45.63 3.57
CA MET C 181 -5.93 -45.94 4.87
C MET C 181 -7.25 -46.71 4.78
N GLU C 182 -8.13 -46.26 3.89
CA GLU C 182 -9.44 -46.86 3.68
C GLU C 182 -10.30 -46.83 4.94
N ASN C 183 -9.91 -46.00 5.90
CA ASN C 183 -10.73 -45.72 7.07
C ASN C 183 -10.96 -44.21 7.19
N GLU C 184 -12.19 -43.79 7.44
CA GLU C 184 -12.51 -42.37 7.50
C GLU C 184 -11.71 -41.67 8.61
N VAL C 185 -11.73 -42.25 9.81
CA VAL C 185 -11.01 -41.69 10.94
C VAL C 185 -9.49 -41.67 10.72
N ASP C 186 -8.93 -42.80 10.31
CA ASP C 186 -7.50 -42.93 10.09
C ASP C 186 -7.01 -41.92 9.07
N ALA C 187 -7.73 -41.79 7.97
CA ALA C 187 -7.33 -40.88 6.90
C ALA C 187 -7.34 -39.43 7.39
N PHE C 188 -8.30 -39.11 8.24
CA PHE C 188 -8.39 -37.76 8.78
C PHE C 188 -7.14 -37.39 9.57
N TRP C 189 -6.84 -38.18 10.59
CA TRP C 189 -5.74 -37.84 11.48
C TRP C 189 -4.38 -37.89 10.78
N CYS C 190 -4.27 -38.69 9.72
CA CYS C 190 -3.04 -38.73 8.94
C CYS C 190 -2.95 -37.49 8.07
N PHE C 191 -4.10 -37.12 7.51
CA PHE C 191 -4.20 -35.90 6.73
C PHE C 191 -3.78 -34.70 7.56
N VAL C 192 -4.26 -34.64 8.79
CA VAL C 192 -3.94 -33.55 9.70
C VAL C 192 -2.44 -33.38 9.87
N ALA C 193 -1.74 -34.48 10.14
CA ALA C 193 -0.30 -34.43 10.37
C ALA C 193 0.44 -34.02 9.12
N PHE C 194 -0.08 -34.44 7.97
CA PHE C 194 0.52 -34.10 6.68
C PHE C 194 0.39 -32.60 6.44
N ILE C 195 -0.76 -32.03 6.82
CA ILE C 195 -0.99 -30.60 6.65
C ILE C 195 -0.16 -29.78 7.65
N GLU C 196 0.04 -30.29 8.86
CA GLU C 196 0.85 -29.56 9.84
C GLU C 196 2.30 -29.35 9.41
N GLN C 197 2.90 -30.31 8.72
CA GLN C 197 4.24 -30.13 8.19
C GLN C 197 4.21 -28.97 7.19
N MET C 198 3.09 -28.87 6.47
CA MET C 198 2.93 -27.98 5.35
C MET C 198 2.26 -26.66 5.74
N HIS C 199 1.86 -26.52 7.01
CA HIS C 199 0.80 -25.57 7.38
C HIS C 199 0.95 -24.13 6.91
N CYS C 200 2.17 -23.59 6.96
CA CYS C 200 2.40 -22.22 6.51
C CYS C 200 2.05 -22.06 5.03
N ASN C 201 2.25 -23.11 4.24
CA ASN C 201 1.99 -23.04 2.79
C ASN C 201 0.56 -22.66 2.48
N PHE C 202 -0.38 -23.10 3.31
CA PHE C 202 -1.81 -22.91 3.03
C PHE C 202 -2.46 -21.73 3.73
N GLU C 203 -1.70 -21.02 4.56
CA GLU C 203 -2.24 -19.84 5.23
C GLU C 203 -2.50 -18.73 4.21
N GLU C 204 -3.45 -17.85 4.52
CA GLU C 204 -3.97 -16.88 3.57
C GLU C 204 -2.86 -16.06 2.89
N GLN C 205 -1.97 -15.50 3.69
CA GLN C 205 -0.72 -15.01 3.13
C GLN C 205 0.20 -16.21 3.10
N MET C 206 0.62 -16.64 1.91
CA MET C 206 1.32 -17.91 1.85
C MET C 206 2.82 -17.72 1.99
N GLN C 207 3.31 -18.07 3.17
CA GLN C 207 4.73 -18.12 3.44
C GLN C 207 5.04 -19.59 3.57
N GLY C 208 6.21 -20.01 3.13
CA GLY C 208 6.48 -21.43 3.09
C GLY C 208 6.09 -21.90 1.71
N MET C 209 5.20 -21.18 1.05
CA MET C 209 5.20 -21.23 -0.40
C MET C 209 6.23 -20.22 -0.87
N LYS C 210 6.28 -19.09 -0.19
CA LYS C 210 7.32 -18.11 -0.49
C LYS C 210 8.65 -18.56 0.07
N THR C 211 8.64 -19.08 1.30
CA THR C 211 9.86 -19.51 1.97
C THR C 211 10.50 -20.69 1.25
N GLU C 212 9.69 -21.67 0.86
CA GLU C 212 10.21 -22.83 0.16
C GLU C 212 10.76 -22.43 -1.19
N LEU C 213 10.10 -21.49 -1.87
CA LEU C 213 10.58 -20.99 -3.15
C LEU C 213 11.84 -20.15 -2.98
N SER C 214 11.93 -19.46 -1.85
CA SER C 214 13.12 -18.68 -1.52
C SER C 214 14.29 -19.63 -1.23
N GLN C 215 13.99 -20.70 -0.50
CA GLN C 215 14.98 -21.72 -0.18
C GLN C 215 15.41 -22.48 -1.41
N LEU C 216 14.48 -22.67 -2.35
CA LEU C 216 14.76 -23.39 -3.58
C LEU C 216 15.77 -22.66 -4.47
N SER C 217 15.61 -21.35 -4.62
CA SER C 217 16.52 -20.57 -5.46
C SER C 217 17.92 -20.55 -4.83
N THR C 218 17.98 -20.54 -3.51
CA THR C 218 19.24 -20.59 -2.78
C THR C 218 20.03 -21.84 -3.14
N LEU C 219 19.31 -22.96 -3.24
CA LEU C 219 19.91 -24.24 -3.61
C LEU C 219 20.37 -24.23 -5.08
N LEU C 220 19.57 -23.62 -5.95
CA LEU C 220 19.92 -23.54 -7.36
C LEU C 220 21.14 -22.65 -7.60
N LYS C 221 21.26 -21.60 -6.82
CA LYS C 221 22.41 -20.70 -6.90
C LYS C 221 23.70 -21.50 -6.70
N LEU C 222 23.64 -22.45 -5.77
CA LEU C 222 24.79 -23.29 -5.45
C LEU C 222 25.04 -24.37 -6.51
N LEU C 223 23.98 -24.95 -7.06
CA LEU C 223 24.13 -26.03 -8.02
C LEU C 223 24.58 -25.56 -9.38
N ASP C 224 23.71 -24.86 -10.10
CA ASP C 224 24.13 -24.22 -11.33
C ASP C 224 23.94 -22.72 -11.17
N LEU C 225 25.06 -21.99 -11.07
CA LEU C 225 25.03 -20.56 -10.85
C LEU C 225 24.69 -19.85 -12.17
N GLY C 226 25.07 -20.46 -13.28
CA GLY C 226 24.81 -19.89 -14.59
C GLY C 226 23.33 -19.98 -14.92
N PHE C 227 22.71 -21.09 -14.53
CA PHE C 227 21.28 -21.28 -14.72
C PHE C 227 20.47 -20.37 -13.81
N TRP C 228 20.97 -20.16 -12.59
CA TRP C 228 20.31 -19.28 -11.65
C TRP C 228 20.33 -17.86 -12.17
N ASN C 229 21.45 -17.49 -12.78
CA ASN C 229 21.62 -16.15 -13.37
C ASN C 229 20.68 -15.91 -14.56
N TYR C 230 20.48 -16.93 -15.38
CA TYR C 230 19.59 -16.81 -16.52
C TYR C 230 18.14 -16.59 -16.09
N LEU C 231 17.73 -17.24 -15.00
CA LEU C 231 16.37 -17.10 -14.48
C LEU C 231 16.15 -15.68 -14.01
N GLU C 232 17.18 -15.06 -13.47
CA GLU C 232 17.10 -13.67 -13.04
C GLU C 232 16.91 -12.75 -14.25
N SER C 233 17.52 -13.13 -15.37
CA SER C 233 17.42 -12.37 -16.61
C SER C 233 16.00 -12.36 -17.16
N GLN C 234 15.27 -13.45 -16.95
CA GLN C 234 13.92 -13.61 -17.45
C GLN C 234 12.87 -13.17 -16.42
N GLU C 235 13.35 -12.65 -15.29
CA GLU C 235 12.50 -12.23 -14.18
C GLU C 235 11.74 -13.43 -13.61
N SER C 236 12.31 -14.61 -13.81
CA SER C 236 11.78 -15.86 -13.29
C SER C 236 12.42 -16.22 -11.95
N GLY C 237 13.18 -15.27 -11.39
CA GLY C 237 13.88 -15.46 -10.12
C GLY C 237 13.02 -16.05 -9.00
N TYR C 238 11.82 -15.50 -8.80
CA TYR C 238 10.82 -16.16 -7.97
C TYR C 238 10.27 -17.29 -8.83
N LEU C 239 10.33 -18.53 -8.38
CA LEU C 239 10.02 -19.62 -9.30
C LEU C 239 8.59 -20.11 -9.12
N TYR C 240 7.71 -19.68 -10.02
CA TYR C 240 6.30 -20.01 -9.90
C TYR C 240 5.91 -21.18 -10.78
N PHE C 241 6.86 -21.66 -11.57
CA PHE C 241 6.60 -22.84 -12.39
C PHE C 241 6.83 -24.07 -11.52
N CYS C 242 7.43 -23.84 -10.35
CA CYS C 242 7.58 -24.88 -9.34
C CYS C 242 6.48 -24.83 -8.26
N PHE C 243 5.54 -23.91 -8.40
CA PHE C 243 4.50 -23.69 -7.39
C PHE C 243 3.62 -24.92 -7.19
N ARG C 244 3.11 -25.48 -8.27
CA ARG C 244 2.27 -26.68 -8.21
C ARG C 244 3.05 -27.89 -7.68
N TRP C 245 4.35 -27.92 -7.95
CA TRP C 245 5.22 -28.98 -7.42
C TRP C 245 5.25 -29.02 -5.90
N LEU C 246 5.58 -27.89 -5.30
CA LEU C 246 5.77 -27.80 -3.85
C LEU C 246 4.45 -27.83 -3.10
N LEU C 247 3.44 -27.14 -3.60
CA LEU C 247 2.16 -27.03 -2.91
C LEU C 247 1.46 -28.37 -2.75
N ILE C 248 1.33 -29.10 -3.86
CA ILE C 248 0.63 -30.37 -3.88
C ILE C 248 1.62 -31.55 -3.70
N ARG C 249 2.89 -31.25 -3.45
CA ARG C 249 3.93 -32.26 -3.24
C ARG C 249 4.01 -33.26 -4.38
N PHE C 250 4.13 -32.71 -5.59
CA PHE C 250 4.37 -33.48 -6.82
C PHE C 250 3.24 -34.39 -7.27
N LYS C 251 2.14 -34.44 -6.52
CA LYS C 251 1.00 -35.30 -6.84
C LYS C 251 0.54 -35.11 -8.30
N ARG C 252 0.60 -33.86 -8.77
CA ARG C 252 0.18 -33.52 -10.14
C ARG C 252 1.14 -34.04 -11.21
N GLU C 253 2.38 -34.33 -10.82
CA GLU C 253 3.44 -34.70 -11.76
C GLU C 253 3.69 -36.21 -11.86
N PHE C 254 2.93 -37.01 -11.10
CA PHE C 254 3.16 -38.45 -11.08
C PHE C 254 1.89 -39.29 -11.10
N ASN C 255 2.07 -40.55 -11.45
CA ASN C 255 1.02 -41.55 -11.38
C ASN C 255 0.62 -41.72 -9.93
N PHE C 256 -0.57 -42.28 -9.70
CA PHE C 256 -1.02 -42.49 -8.34
C PHE C 256 -0.06 -43.39 -7.56
N GLN C 257 0.32 -44.52 -8.16
CA GLN C 257 1.20 -45.48 -7.48
C GLN C 257 2.60 -44.90 -7.28
N ASP C 258 3.01 -44.07 -8.24
CA ASP C 258 4.26 -43.34 -8.16
C ASP C 258 4.26 -42.32 -7.02
N THR C 259 3.14 -41.61 -6.87
CA THR C 259 3.01 -40.59 -5.82
C THR C 259 3.13 -41.23 -4.44
N LEU C 260 2.51 -42.40 -4.28
CA LEU C 260 2.55 -43.09 -2.99
C LEU C 260 4.00 -43.37 -2.59
N ARG C 261 4.84 -43.83 -3.52
CA ARG C 261 6.23 -44.14 -3.15
C ARG C 261 7.00 -42.87 -2.85
N LEU C 262 6.80 -41.86 -3.69
CA LEU C 262 7.47 -40.59 -3.50
C LEU C 262 7.16 -40.00 -2.12
N TRP C 263 5.90 -40.08 -1.67
CA TRP C 263 5.55 -39.56 -0.37
C TRP C 263 6.13 -40.40 0.76
N GLU C 264 6.11 -41.72 0.63
CA GLU C 264 6.72 -42.62 1.61
C GLU C 264 8.13 -42.22 1.95
N VAL C 265 8.95 -42.14 0.90
CA VAL C 265 10.37 -41.86 1.02
C VAL C 265 10.59 -40.50 1.66
N MET C 266 9.79 -39.50 1.28
CA MET C 266 9.88 -38.15 1.86
C MET C 266 9.56 -38.15 3.35
N TRP C 267 8.49 -38.83 3.73
CA TRP C 267 7.99 -38.81 5.11
C TRP C 267 8.95 -39.45 6.12
N THR C 268 10.00 -40.09 5.63
CA THR C 268 11.06 -40.64 6.49
C THR C 268 11.95 -39.55 7.05
N GLY C 269 11.97 -38.41 6.36
CA GLY C 269 12.79 -37.29 6.77
C GLY C 269 14.25 -37.51 6.48
N LEU C 270 14.53 -38.29 5.45
CA LEU C 270 15.90 -38.56 5.05
C LEU C 270 16.11 -38.12 3.60
N PRO C 271 17.37 -37.83 3.22
CA PRO C 271 18.58 -37.66 4.03
C PRO C 271 18.68 -36.34 4.80
N CYS C 272 18.06 -35.28 4.29
CA CYS C 272 18.24 -33.95 4.88
C CYS C 272 16.92 -33.30 5.30
N GLN C 273 17.01 -32.07 5.79
CA GLN C 273 15.86 -31.43 6.41
C GLN C 273 14.77 -31.16 5.38
N ASN C 274 15.08 -30.49 4.28
CA ASN C 274 14.07 -30.41 3.23
C ASN C 274 14.52 -31.18 2.01
N PHE C 275 13.98 -32.37 1.84
CA PHE C 275 14.36 -33.23 0.73
C PHE C 275 13.55 -32.86 -0.51
N HIS C 276 12.33 -32.39 -0.29
CA HIS C 276 11.42 -32.10 -1.39
C HIS C 276 12.00 -31.00 -2.26
N LEU C 277 12.83 -30.16 -1.65
CA LEU C 277 13.50 -29.10 -2.39
C LEU C 277 14.57 -29.67 -3.33
N LEU C 278 15.26 -30.73 -2.88
CA LEU C 278 16.29 -31.35 -3.70
C LEU C 278 15.66 -32.12 -4.86
N ILE C 279 14.45 -32.63 -4.63
CA ILE C 279 13.71 -33.32 -5.68
C ILE C 279 13.39 -32.36 -6.84
N CYS C 280 13.09 -31.11 -6.50
CA CYS C 280 12.92 -30.06 -7.51
C CYS C 280 14.19 -29.82 -8.30
N CYS C 281 15.30 -29.75 -7.58
CA CYS C 281 16.60 -29.57 -8.20
C CYS C 281 16.90 -30.72 -9.14
N ALA C 282 16.55 -31.94 -8.74
CA ALA C 282 16.79 -33.10 -9.56
C ALA C 282 16.00 -33.03 -10.86
N ILE C 283 14.72 -32.70 -10.76
CA ILE C 283 13.84 -32.62 -11.93
C ILE C 283 14.22 -31.45 -12.83
N LEU C 284 14.61 -30.36 -12.21
CA LEU C 284 15.00 -29.16 -12.93
C LEU C 284 16.38 -29.27 -13.61
N ASP C 285 17.30 -30.01 -13.00
CA ASP C 285 18.68 -30.11 -13.48
C ASP C 285 18.77 -30.66 -14.89
N SER C 286 17.97 -31.68 -15.19
CA SER C 286 18.02 -32.29 -16.50
C SER C 286 17.44 -31.36 -17.57
N GLU C 287 16.61 -30.42 -17.14
CA GLU C 287 15.94 -29.52 -18.07
C GLU C 287 16.64 -28.16 -18.23
N LYS C 288 17.76 -27.95 -17.53
CA LYS C 288 18.50 -26.68 -17.59
C LYS C 288 18.88 -26.34 -19.03
N GLN C 289 19.32 -27.36 -19.76
CA GLN C 289 19.87 -27.19 -21.09
C GLN C 289 18.85 -26.63 -22.08
N LYS C 290 17.70 -27.29 -22.18
CA LYS C 290 16.65 -26.88 -23.13
C LYS C 290 16.21 -25.45 -22.87
N ILE C 291 16.19 -25.06 -21.59
CA ILE C 291 15.70 -23.73 -21.22
C ILE C 291 16.65 -22.60 -21.60
N MET C 292 17.93 -22.77 -21.28
CA MET C 292 18.91 -21.70 -21.52
C MET C 292 19.24 -21.53 -23.00
N GLU C 293 19.46 -22.64 -23.71
CA GLU C 293 19.76 -22.59 -25.13
C GLU C 293 18.62 -22.01 -25.97
N ASN C 294 17.41 -22.50 -25.76
CA ASN C 294 16.26 -22.07 -26.54
C ASN C 294 15.74 -20.69 -26.11
N HIS C 295 16.35 -20.14 -25.06
CA HIS C 295 16.02 -18.79 -24.59
C HIS C 295 14.53 -18.69 -24.24
N TYR C 296 14.06 -19.65 -23.45
CA TYR C 296 12.63 -19.81 -23.19
C TYR C 296 11.91 -18.63 -22.54
N GLY C 297 12.21 -18.33 -21.28
CA GLY C 297 11.44 -17.31 -20.58
C GLY C 297 10.30 -17.98 -19.82
N PHE C 298 9.64 -17.25 -18.92
CA PHE C 298 8.72 -17.88 -17.95
C PHE C 298 7.62 -18.74 -18.56
N ASN C 299 6.97 -18.26 -19.61
CA ASN C 299 5.87 -19.00 -20.19
C ASN C 299 6.29 -20.34 -20.80
N GLU C 300 7.38 -20.32 -21.57
CA GLU C 300 7.90 -21.55 -22.18
C GLU C 300 8.51 -22.49 -21.13
N ILE C 301 9.02 -21.94 -20.04
CA ILE C 301 9.53 -22.75 -18.95
C ILE C 301 8.38 -23.50 -18.26
N LEU C 302 7.30 -22.78 -17.98
CA LEU C 302 6.10 -23.39 -17.41
C LEU C 302 5.51 -24.40 -18.40
N LYS C 303 5.60 -24.07 -19.68
CA LYS C 303 5.08 -24.94 -20.72
C LYS C 303 5.87 -26.24 -20.78
N HIS C 304 7.19 -26.13 -20.73
CA HIS C 304 8.06 -27.29 -20.82
C HIS C 304 7.92 -28.21 -19.60
N ILE C 305 7.70 -27.60 -18.44
CA ILE C 305 7.58 -28.35 -17.19
C ILE C 305 6.22 -29.03 -17.12
N ASN C 306 5.19 -28.37 -17.65
CA ASN C 306 3.86 -28.96 -17.75
C ASN C 306 3.92 -30.20 -18.65
N GLU C 307 4.91 -30.25 -19.53
CA GLU C 307 5.07 -31.39 -20.43
C GLU C 307 5.87 -32.52 -19.79
N LEU C 308 6.34 -32.31 -18.57
CA LEU C 308 7.04 -33.36 -17.82
C LEU C 308 6.06 -34.24 -17.03
N SER C 309 4.82 -33.77 -16.87
CA SER C 309 3.84 -34.45 -16.02
C SER C 309 3.55 -35.87 -16.48
N LEU C 310 3.59 -36.79 -15.51
CA LEU C 310 3.37 -38.22 -15.71
C LEU C 310 4.45 -38.91 -16.55
N LYS C 311 5.36 -38.13 -17.13
CA LYS C 311 6.47 -38.63 -17.94
C LYS C 311 7.80 -38.75 -17.18
N LEU C 312 7.76 -38.51 -15.87
CA LEU C 312 8.96 -38.53 -15.02
C LEU C 312 9.16 -39.90 -14.40
N ASP C 313 10.42 -40.31 -14.25
CA ASP C 313 10.71 -41.57 -13.57
C ASP C 313 11.07 -41.37 -12.08
N VAL C 314 10.28 -41.97 -11.19
CA VAL C 314 10.40 -41.70 -9.77
C VAL C 314 11.75 -42.05 -9.19
N GLU C 315 12.24 -43.26 -9.47
CA GLU C 315 13.48 -43.69 -8.84
C GLU C 315 14.71 -43.03 -9.43
N GLU C 316 14.64 -42.59 -10.68
CA GLU C 316 15.74 -41.80 -11.24
C GLU C 316 15.80 -40.44 -10.55
N VAL C 317 14.63 -39.87 -10.29
CA VAL C 317 14.53 -38.59 -9.61
C VAL C 317 15.00 -38.68 -8.15
N LEU C 318 14.54 -39.71 -7.44
CA LEU C 318 14.98 -39.95 -6.07
C LEU C 318 16.49 -40.22 -5.99
N CYS C 319 17.06 -40.78 -7.06
CA CYS C 319 18.50 -40.99 -7.10
C CYS C 319 19.24 -39.70 -7.27
N LYS C 320 18.79 -38.90 -8.24
CA LYS C 320 19.42 -37.61 -8.52
C LYS C 320 19.37 -36.71 -7.31
N ALA C 321 18.22 -36.68 -6.62
CA ALA C 321 18.05 -35.84 -5.45
C ALA C 321 19.02 -36.23 -4.34
N GLU C 322 19.11 -37.52 -4.06
CA GLU C 322 20.02 -38.01 -3.03
C GLU C 322 21.49 -37.79 -3.44
N ALA C 323 21.78 -37.94 -4.73
CA ALA C 323 23.14 -37.71 -5.25
C ALA C 323 23.59 -36.27 -5.04
N ILE C 324 22.67 -35.33 -5.25
CA ILE C 324 22.92 -33.92 -5.00
C ILE C 324 23.18 -33.68 -3.51
N TYR C 325 22.47 -34.39 -2.65
CA TYR C 325 22.69 -34.24 -1.21
C TYR C 325 24.09 -34.66 -0.81
N CYS C 326 24.53 -35.80 -1.32
CA CYS C 326 25.85 -36.34 -1.02
C CYS C 326 26.89 -35.34 -1.49
N GLN C 327 26.66 -34.79 -2.67
CA GLN C 327 27.54 -33.82 -3.29
C GLN C 327 27.68 -32.55 -2.46
N MET C 328 26.59 -32.14 -1.82
CA MET C 328 26.58 -30.95 -0.98
C MET C 328 27.20 -31.22 0.39
N MET C 329 26.77 -32.31 1.02
CA MET C 329 27.33 -32.71 2.31
C MET C 329 28.85 -32.96 2.22
N LYS C 330 29.30 -33.53 1.11
CA LYS C 330 30.74 -33.77 0.90
C LYS C 330 31.48 -32.50 0.54
N CYS C 331 30.75 -31.45 0.19
CA CYS C 331 31.35 -30.19 -0.19
C CYS C 331 31.88 -29.45 1.04
N LYS C 332 33.18 -29.18 1.04
CA LYS C 332 33.86 -28.61 2.20
C LYS C 332 33.53 -27.13 2.37
N ASP C 333 33.51 -26.40 1.27
CA ASP C 333 33.07 -25.01 1.32
C ASP C 333 31.58 -24.95 1.04
N LEU C 334 30.79 -24.65 2.06
CA LEU C 334 29.35 -24.56 1.87
C LEU C 334 28.83 -23.33 2.57
N PRO C 335 27.93 -22.59 1.90
CA PRO C 335 27.34 -21.40 2.51
C PRO C 335 26.43 -21.79 3.66
N GLN C 336 26.43 -21.00 4.73
CA GLN C 336 25.61 -21.33 5.89
C GLN C 336 24.12 -21.29 5.52
N ALA C 337 23.79 -20.51 4.50
CA ALA C 337 22.42 -20.41 4.03
C ALA C 337 21.92 -21.78 3.58
N VAL C 338 22.76 -22.50 2.84
CA VAL C 338 22.42 -23.85 2.38
C VAL C 338 22.44 -24.84 3.56
N GLY C 339 23.42 -24.71 4.42
CA GLY C 339 23.53 -25.57 5.58
C GLY C 339 22.33 -25.52 6.50
N GLU C 340 21.70 -24.35 6.61
CA GLU C 340 20.54 -24.17 7.48
C GLU C 340 19.30 -24.82 6.86
N ILE C 341 19.21 -24.75 5.53
CA ILE C 341 18.11 -25.35 4.80
C ILE C 341 18.12 -26.87 4.87
N LEU C 342 19.32 -27.44 4.76
CA LEU C 342 19.50 -28.89 4.76
C LEU C 342 19.59 -29.49 6.17
N GLY C 343 19.73 -28.63 7.18
CA GLY C 343 19.72 -29.08 8.56
C GLY C 343 21.08 -29.46 9.12
N LEU C 344 22.14 -28.95 8.50
CA LEU C 344 23.50 -29.23 8.92
C LEU C 344 23.90 -28.38 10.13
N LYS C 345 23.07 -27.39 10.45
CA LYS C 345 23.27 -26.55 11.64
C LYS C 345 21.99 -26.46 12.48
N GLU D 12 3.77 23.39 10.57
CA GLU D 12 4.45 22.90 9.37
C GLU D 12 5.95 22.75 9.66
N VAL D 13 6.33 22.95 10.92
CA VAL D 13 7.71 22.77 11.37
C VAL D 13 8.15 21.30 11.41
N ILE D 14 7.20 20.38 11.44
CA ILE D 14 7.47 18.96 11.55
C ILE D 14 8.04 18.36 10.25
N THR D 15 7.99 19.14 9.17
CA THR D 15 8.47 18.69 7.87
C THR D 15 9.99 18.47 7.81
N ARG D 16 10.72 19.28 8.58
CA ARG D 16 12.19 19.22 8.61
C ARG D 16 12.77 18.37 9.74
N ILE D 17 11.91 17.84 10.61
CA ILE D 17 12.34 16.97 11.71
C ILE D 17 12.63 15.53 11.26
N ASP D 18 13.53 14.85 11.98
CA ASP D 18 13.83 13.43 11.72
C ASP D 18 14.06 12.62 13.01
N LEU D 19 13.38 11.47 13.14
CA LEU D 19 13.63 10.53 14.25
C LEU D 19 14.31 9.26 13.73
N GLY D 20 15.58 9.12 14.04
CA GLY D 20 16.38 8.14 13.33
C GLY D 20 16.07 6.66 13.54
N ILE D 21 16.16 6.19 14.78
CA ILE D 21 16.08 4.74 15.04
C ILE D 21 15.29 4.41 16.29
N ARG D 22 14.36 3.46 16.19
CA ARG D 22 13.64 2.95 17.35
C ARG D 22 14.36 1.77 17.98
N PRO D 23 14.89 1.96 19.20
CA PRO D 23 15.65 0.94 19.92
C PRO D 23 14.82 -0.24 20.40
N GLU D 24 15.50 -1.35 20.70
CA GLU D 24 14.89 -2.53 21.30
C GLU D 24 14.97 -2.45 22.82
N ILE D 25 13.85 -2.66 23.51
CA ILE D 25 13.83 -2.51 24.97
C ILE D 25 13.97 -3.85 25.68
N GLN D 26 14.91 -3.86 26.63
CA GLN D 26 15.36 -5.05 27.37
C GLN D 26 14.74 -5.39 28.74
N ARG D 27 13.68 -4.71 29.17
CA ARG D 27 13.26 -4.81 30.58
C ARG D 27 12.70 -6.19 31.00
N GLY D 28 13.41 -6.84 31.92
CA GLY D 28 13.07 -8.20 32.32
C GLY D 28 12.59 -8.78 33.65
N GLU D 29 12.79 -8.14 34.79
CA GLU D 29 12.43 -8.86 36.03
C GLU D 29 11.61 -8.13 37.09
N PRO D 30 10.60 -8.82 37.66
CA PRO D 30 9.78 -8.27 38.75
C PRO D 30 10.59 -8.25 40.04
N VAL D 31 10.35 -7.28 40.91
CA VAL D 31 11.12 -7.20 42.15
C VAL D 31 10.72 -8.36 43.07
N SER D 32 11.70 -9.17 43.46
CA SER D 32 11.44 -10.30 44.33
C SER D 32 11.20 -9.85 45.77
N ILE D 33 10.60 -10.75 46.56
CA ILE D 33 10.44 -10.53 47.99
C ILE D 33 11.79 -10.23 48.65
N GLU D 34 12.81 -10.95 48.22
CA GLU D 34 14.16 -10.78 48.76
C GLU D 34 14.73 -9.39 48.47
N ARG D 35 14.66 -8.97 47.20
CA ARG D 35 15.26 -7.72 46.76
C ARG D 35 14.66 -6.51 47.47
N TRP D 36 13.35 -6.53 47.68
CA TRP D 36 12.68 -5.43 48.37
C TRP D 36 13.21 -5.25 49.80
N SER D 37 13.44 -6.37 50.48
CA SER D 37 13.92 -6.35 51.86
C SER D 37 15.31 -5.71 51.97
N GLN D 38 16.11 -5.83 50.92
CA GLN D 38 17.45 -5.23 50.87
C GLN D 38 17.38 -3.71 50.71
N CYS D 39 16.31 -3.22 50.09
CA CYS D 39 16.12 -1.79 49.87
C CYS D 39 15.70 -1.08 51.15
N MET D 40 15.31 -1.87 52.15
CA MET D 40 14.83 -1.35 53.42
C MET D 40 15.94 -1.23 54.45
N ASP D 41 15.97 -0.09 55.12
CA ASP D 41 16.94 0.19 56.17
C ASP D 41 16.57 -0.62 57.42
N ALA D 42 17.36 -0.49 58.48
CA ALA D 42 17.08 -1.17 59.74
C ALA D 42 15.92 -0.47 60.45
N GLU D 43 15.86 0.85 60.31
CA GLU D 43 14.76 1.63 60.85
C GLU D 43 13.47 1.42 60.04
N GLY D 44 13.62 0.92 58.82
CA GLY D 44 12.50 0.75 57.91
C GLY D 44 12.51 1.73 56.75
N LYS D 45 13.37 2.73 56.81
CA LYS D 45 13.52 3.71 55.74
C LYS D 45 13.94 3.04 54.42
N VAL D 46 13.48 3.58 53.31
CA VAL D 46 13.93 3.10 52.02
C VAL D 46 15.29 3.70 51.72
N LEU D 47 16.28 2.81 51.53
CA LEU D 47 17.68 3.20 51.32
C LEU D 47 17.85 4.13 50.11
N ASP D 48 17.63 3.59 48.92
CA ASP D 48 17.75 4.39 47.70
C ASP D 48 16.44 4.32 46.91
N PRO D 49 15.54 5.29 47.15
CA PRO D 49 14.20 5.29 46.55
C PRO D 49 14.27 5.47 45.04
N GLU D 50 15.28 6.18 44.55
CA GLU D 50 15.45 6.39 43.12
C GLU D 50 15.78 5.09 42.41
N ASN D 51 16.62 4.26 43.04
CA ASN D 51 16.94 2.95 42.50
C ASN D 51 15.71 2.07 42.51
N VAL D 52 14.94 2.17 43.60
CA VAL D 52 13.70 1.42 43.73
C VAL D 52 12.74 1.74 42.57
N LYS D 53 12.65 3.02 42.21
CA LYS D 53 11.78 3.42 41.10
C LYS D 53 12.30 2.87 39.78
N LYS D 54 13.61 2.86 39.59
CA LYS D 54 14.22 2.30 38.39
C LYS D 54 13.98 0.79 38.31
N LEU D 55 14.01 0.13 39.46
CA LEU D 55 13.77 -1.31 39.53
C LEU D 55 12.33 -1.65 39.21
N ILE D 56 11.40 -0.91 39.80
CA ILE D 56 9.99 -1.11 39.53
C ILE D 56 9.67 -0.79 38.07
N PHE D 57 10.32 0.24 37.54
CA PHE D 57 10.04 0.69 36.17
C PHE D 57 10.39 -0.38 35.13
N ARG D 58 11.61 -0.92 35.21
CA ARG D 58 12.04 -1.91 34.23
C ARG D 58 11.28 -3.22 34.40
N GLY D 59 11.32 -3.80 35.59
CA GLY D 59 10.67 -5.07 35.80
C GLY D 59 9.23 -5.10 36.34
N GLY D 60 8.85 -4.06 37.09
CA GLY D 60 7.61 -4.10 37.82
C GLY D 60 7.84 -4.70 39.20
N LEU D 61 6.76 -5.12 39.85
CA LEU D 61 6.84 -5.72 41.17
C LEU D 61 6.19 -7.09 41.18
N CYS D 62 6.74 -8.02 41.95
CA CYS D 62 6.05 -9.30 42.13
C CYS D 62 4.86 -9.05 43.05
N HIS D 63 3.81 -9.85 42.86
CA HIS D 63 2.50 -9.62 43.47
C HIS D 63 2.53 -9.64 45.00
N ALA D 64 3.51 -10.32 45.59
CA ALA D 64 3.59 -10.46 47.04
C ALA D 64 3.98 -9.14 47.73
N VAL D 65 4.99 -8.48 47.18
CA VAL D 65 5.49 -7.23 47.79
C VAL D 65 4.60 -6.06 47.41
N ARG D 66 3.63 -6.35 46.54
CA ARG D 66 2.80 -5.32 45.92
C ARG D 66 2.00 -4.48 46.91
N LYS D 67 1.63 -5.07 48.05
CA LYS D 67 0.84 -4.36 49.05
C LYS D 67 1.59 -3.23 49.76
N LEU D 68 2.83 -3.49 50.15
CA LEU D 68 3.61 -2.50 50.86
C LEU D 68 4.19 -1.47 49.91
N THR D 69 4.65 -1.93 48.75
CA THR D 69 5.35 -1.07 47.80
C THR D 69 4.42 -0.03 47.15
N TRP D 70 3.18 -0.41 46.90
CA TRP D 70 2.23 0.51 46.28
C TRP D 70 1.96 1.71 47.19
N LYS D 71 2.01 1.48 48.49
CA LYS D 71 1.82 2.54 49.47
C LYS D 71 2.88 3.62 49.33
N PHE D 72 4.08 3.22 48.92
CA PHE D 72 5.17 4.17 48.67
C PHE D 72 5.01 4.86 47.32
N LEU D 73 4.68 4.07 46.30
CA LEU D 73 4.50 4.61 44.95
C LEU D 73 3.40 5.66 44.91
N LEU D 74 2.36 5.41 45.69
CA LEU D 74 1.17 6.26 45.75
C LEU D 74 1.26 7.32 46.85
N ASN D 75 2.43 7.44 47.48
CA ASN D 75 2.73 8.55 48.40
C ASN D 75 2.01 8.44 49.74
N TYR D 76 1.20 7.41 49.90
CA TYR D 76 0.61 7.07 51.20
C TYR D 76 1.73 6.97 52.25
N PHE D 77 2.76 6.19 51.93
CA PHE D 77 3.96 6.12 52.74
C PHE D 77 5.10 6.91 52.09
N PRO D 78 5.56 7.99 52.74
CA PRO D 78 6.69 8.74 52.19
C PRO D 78 7.96 7.88 52.18
N TRP D 79 8.80 8.05 51.16
CA TRP D 79 10.00 7.25 50.99
C TRP D 79 10.99 7.41 52.15
N ASP D 80 11.09 8.63 52.65
CA ASP D 80 12.01 8.97 53.73
C ASP D 80 11.51 8.54 55.11
N SER D 81 10.30 8.00 55.17
CA SER D 81 9.70 7.59 56.44
C SER D 81 10.33 6.31 57.00
N SER D 82 10.30 6.19 58.32
CA SER D 82 10.74 4.97 58.99
C SER D 82 9.53 4.11 59.36
N LYS D 83 9.77 2.95 59.96
CA LYS D 83 8.68 2.05 60.32
C LYS D 83 7.87 2.61 61.48
N GLU D 84 8.55 3.23 62.42
CA GLU D 84 7.88 3.80 63.58
C GLU D 84 7.04 5.03 63.19
N ASP D 85 7.54 5.81 62.24
CA ASP D 85 6.81 6.95 61.68
C ASP D 85 5.49 6.49 61.07
N ARG D 86 5.55 5.36 60.38
CA ARG D 86 4.40 4.80 59.71
C ARG D 86 3.30 4.44 60.71
N ARG D 87 3.70 3.94 61.87
CA ARG D 87 2.74 3.55 62.89
C ARG D 87 1.92 4.75 63.34
N LEU D 88 2.56 5.91 63.44
CA LEU D 88 1.88 7.13 63.85
C LEU D 88 1.02 7.71 62.73
N LEU D 89 1.53 7.64 61.49
CA LEU D 89 0.82 8.17 60.32
C LEU D 89 -0.46 7.40 60.06
N ILE D 90 -0.37 6.08 60.08
CA ILE D 90 -1.53 5.22 59.89
C ILE D 90 -2.57 5.46 60.98
N LYS D 91 -2.07 5.75 62.18
CA LYS D 91 -2.92 6.05 63.32
C LYS D 91 -3.75 7.33 63.05
N ARG D 92 -3.09 8.35 62.53
CA ARG D 92 -3.77 9.61 62.17
C ARG D 92 -4.73 9.42 61.00
N LYS D 93 -4.24 8.80 59.93
CA LYS D 93 -5.03 8.62 58.70
C LYS D 93 -6.27 7.77 58.91
N THR D 94 -6.24 6.87 59.89
CA THR D 94 -7.36 5.98 60.14
C THR D 94 -8.49 6.71 60.87
N ASP D 95 -8.11 7.45 61.90
CA ASP D 95 -9.06 8.26 62.65
C ASP D 95 -9.70 9.26 61.69
N GLU D 96 -8.85 9.83 60.84
CA GLU D 96 -9.28 10.83 59.87
C GLU D 96 -10.27 10.22 58.88
N TYR D 97 -10.03 8.97 58.50
CA TYR D 97 -10.89 8.30 57.55
C TYR D 97 -12.31 8.08 58.08
N PHE D 98 -12.42 7.46 59.25
CA PHE D 98 -13.74 7.11 59.78
C PHE D 98 -14.51 8.33 60.24
N ARG D 99 -13.79 9.42 60.52
CA ARG D 99 -14.43 10.68 60.83
C ARG D 99 -15.23 11.14 59.63
N MET D 100 -14.62 11.05 58.46
CA MET D 100 -15.27 11.42 57.21
C MET D 100 -16.36 10.43 56.85
N LYS D 101 -16.11 9.15 57.11
CA LYS D 101 -17.08 8.11 56.77
C LYS D 101 -18.37 8.34 57.54
N LEU D 102 -18.26 8.76 58.79
CA LEU D 102 -19.40 8.99 59.65
C LEU D 102 -20.31 10.07 59.09
N GLN D 103 -19.71 11.01 58.37
CA GLN D 103 -20.43 12.14 57.79
C GLN D 103 -21.48 11.73 56.77
N TRP D 104 -21.15 10.82 55.87
CA TRP D 104 -22.14 10.35 54.89
C TRP D 104 -23.03 9.26 55.47
N LYS D 105 -22.50 8.50 56.41
CA LYS D 105 -23.21 7.34 56.91
C LYS D 105 -24.33 7.71 57.91
N SER D 106 -24.18 8.87 58.56
CA SER D 106 -25.17 9.30 59.55
C SER D 106 -26.26 10.15 58.94
N VAL D 107 -26.18 10.37 57.63
CA VAL D 107 -27.22 11.08 56.91
C VAL D 107 -28.46 10.20 56.82
N SER D 108 -29.62 10.76 57.16
CA SER D 108 -30.85 10.00 57.19
C SER D 108 -31.54 10.04 55.83
N GLU D 109 -32.66 9.33 55.72
CA GLU D 109 -33.43 9.34 54.48
C GLU D 109 -34.06 10.72 54.27
N GLU D 110 -34.66 11.28 55.32
CA GLU D 110 -35.25 12.62 55.28
C GLU D 110 -34.18 13.60 54.80
N GLN D 111 -33.01 13.52 55.42
CA GLN D 111 -31.88 14.41 55.16
C GLN D 111 -31.36 14.31 53.73
N GLU D 112 -31.35 13.09 53.20
CA GLU D 112 -30.79 12.81 51.89
C GLU D 112 -31.64 13.35 50.74
N LYS D 113 -32.96 13.35 50.90
CA LYS D 113 -33.84 13.91 49.87
C LYS D 113 -33.51 15.38 49.65
N ARG D 114 -33.15 16.06 50.72
CA ARG D 114 -32.89 17.49 50.65
C ARG D 114 -31.42 17.75 50.29
N ASN D 115 -30.64 16.70 50.15
CA ASN D 115 -29.32 16.86 49.51
C ASN D 115 -29.28 16.08 48.20
N THR D 116 -29.43 16.77 47.07
CA THR D 116 -29.57 16.07 45.79
C THR D 116 -28.23 15.67 45.22
N ARG D 117 -27.22 16.51 45.45
CA ARG D 117 -25.90 16.23 44.93
C ARG D 117 -25.32 14.99 45.60
N LEU D 118 -25.62 14.80 46.88
CA LEU D 118 -25.18 13.60 47.57
C LEU D 118 -26.00 12.40 47.13
N LYS D 119 -27.30 12.61 46.98
CA LYS D 119 -28.23 11.58 46.52
C LYS D 119 -27.80 11.01 45.16
N ASP D 120 -27.36 11.91 44.27
CA ASP D 120 -26.92 11.52 42.94
C ASP D 120 -25.60 10.76 42.96
N TYR D 121 -24.66 11.22 43.78
CA TYR D 121 -23.39 10.53 43.96
C TYR D 121 -23.61 9.09 44.46
N LYS D 122 -24.47 8.95 45.46
CA LYS D 122 -24.74 7.65 46.07
C LYS D 122 -25.32 6.71 45.03
N SER D 123 -26.20 7.22 44.18
CA SER D 123 -26.82 6.39 43.16
C SER D 123 -25.81 6.02 42.08
N LEU D 124 -24.98 7.00 41.71
CA LEU D 124 -23.94 6.76 40.72
C LEU D 124 -22.98 5.68 41.21
N ILE D 125 -22.61 5.76 42.48
CA ILE D 125 -21.71 4.78 43.08
C ILE D 125 -22.35 3.39 43.09
N GLU D 126 -23.60 3.29 43.51
CA GLU D 126 -24.27 2.00 43.55
C GLU D 126 -24.41 1.41 42.15
N LYS D 127 -24.59 2.29 41.17
CA LYS D 127 -24.73 1.89 39.77
C LYS D 127 -23.46 1.20 39.27
N ASP D 128 -22.31 1.80 39.57
CA ASP D 128 -21.03 1.32 39.09
C ASP D 128 -20.50 0.14 39.88
N VAL D 129 -20.80 0.09 41.17
CA VAL D 129 -20.36 -1.01 42.02
C VAL D 129 -21.08 -2.32 41.63
N ASN D 130 -22.36 -2.23 41.31
CA ASN D 130 -23.12 -3.39 40.84
C ASN D 130 -22.66 -3.89 39.46
N ARG D 131 -21.95 -3.04 38.74
CA ARG D 131 -21.42 -3.38 37.42
C ARG D 131 -19.93 -3.79 37.50
N THR D 132 -19.41 -3.94 38.73
CA THR D 132 -17.99 -4.24 38.93
C THR D 132 -17.59 -5.64 38.46
N ASP D 133 -16.32 -5.76 38.08
CA ASP D 133 -15.75 -7.00 37.54
C ASP D 133 -15.94 -8.22 38.42
N ARG D 134 -16.56 -9.24 37.85
CA ARG D 134 -16.72 -10.53 38.52
C ARG D 134 -15.49 -11.35 38.13
N THR D 135 -14.66 -10.76 37.29
CA THR D 135 -13.47 -11.43 36.76
C THR D 135 -12.39 -11.63 37.80
N ASN D 136 -12.33 -10.73 38.78
CA ASN D 136 -11.37 -10.88 39.85
C ASN D 136 -11.97 -11.62 41.03
N PRO D 137 -11.28 -12.66 41.53
CA PRO D 137 -11.77 -13.54 42.62
C PRO D 137 -12.12 -12.79 43.92
N PHE D 138 -11.57 -11.59 44.09
CA PHE D 138 -11.78 -10.77 45.27
C PHE D 138 -13.25 -10.35 45.39
N TYR D 139 -13.82 -9.93 44.26
CA TYR D 139 -15.15 -9.32 44.23
C TYR D 139 -16.33 -10.25 43.90
N GLU D 140 -16.10 -11.56 43.77
CA GLU D 140 -17.20 -12.44 43.38
C GLU D 140 -17.95 -13.07 44.57
N GLY D 141 -19.24 -12.73 44.67
CA GLY D 141 -20.13 -13.28 45.67
C GLY D 141 -21.42 -12.49 45.73
N HIS D 142 -22.47 -13.09 46.30
CA HIS D 142 -23.74 -12.40 46.50
C HIS D 142 -23.61 -11.37 47.62
N GLU D 143 -23.10 -11.84 48.76
CA GLU D 143 -22.86 -11.04 49.95
C GLU D 143 -21.42 -10.54 50.08
N ASN D 144 -20.63 -10.69 49.02
CA ASN D 144 -19.20 -10.39 49.02
C ASN D 144 -18.83 -9.08 49.72
N PRO D 145 -17.86 -9.15 50.66
CA PRO D 145 -17.40 -8.02 51.49
C PRO D 145 -16.74 -6.89 50.70
N GLY D 146 -16.06 -7.24 49.62
CA GLY D 146 -15.37 -6.24 48.82
C GLY D 146 -16.31 -5.26 48.14
N LEU D 147 -17.46 -5.74 47.69
CA LEU D 147 -18.45 -4.89 47.02
C LEU D 147 -18.99 -3.84 47.96
N ILE D 148 -19.14 -4.20 49.23
CA ILE D 148 -19.57 -3.27 50.27
C ILE D 148 -18.48 -2.25 50.58
N LEU D 149 -17.23 -2.70 50.60
CA LEU D 149 -16.09 -1.82 50.81
C LEU D 149 -15.93 -0.79 49.67
N LEU D 150 -16.18 -1.22 48.43
CA LEU D 150 -16.11 -0.33 47.28
C LEU D 150 -17.01 0.86 47.48
N HIS D 151 -18.26 0.57 47.85
CA HIS D 151 -19.27 1.57 48.13
C HIS D 151 -18.83 2.52 49.22
N ASP D 152 -18.43 1.98 50.37
CA ASP D 152 -18.05 2.79 51.53
C ASP D 152 -16.88 3.73 51.23
N ILE D 153 -15.88 3.23 50.52
CA ILE D 153 -14.70 4.04 50.20
C ILE D 153 -15.05 5.17 49.24
N LEU D 154 -15.87 4.86 48.24
CA LEU D 154 -16.27 5.85 47.24
C LEU D 154 -17.14 6.95 47.87
N MET D 155 -18.08 6.55 48.73
CA MET D 155 -18.92 7.51 49.44
C MET D 155 -18.06 8.40 50.33
N THR D 156 -17.08 7.80 51.01
CA THR D 156 -16.22 8.57 51.89
C THR D 156 -15.36 9.55 51.10
N TYR D 157 -15.03 9.21 49.85
CA TYR D 157 -14.27 10.17 49.04
C TYR D 157 -15.13 11.39 48.70
N CYS D 158 -16.44 11.17 48.55
CA CYS D 158 -17.36 12.29 48.30
C CYS D 158 -17.31 13.27 49.46
N MET D 159 -17.08 12.78 50.66
CA MET D 159 -16.92 13.64 51.82
C MET D 159 -15.55 14.31 51.82
N TYR D 160 -14.54 13.60 51.31
CA TYR D 160 -13.20 14.17 51.21
C TYR D 160 -13.18 15.34 50.23
N ASP D 161 -13.65 15.10 49.01
CA ASP D 161 -13.83 16.15 48.01
C ASP D 161 -15.29 16.14 47.54
N PHE D 162 -16.06 17.12 47.97
CA PHE D 162 -17.48 17.14 47.62
C PHE D 162 -17.73 17.76 46.26
N ASP D 163 -16.86 18.70 45.88
CA ASP D 163 -16.97 19.38 44.58
C ASP D 163 -16.76 18.38 43.44
N LEU D 164 -15.79 17.49 43.62
CA LEU D 164 -15.52 16.43 42.65
C LEU D 164 -16.53 15.30 42.77
N GLY D 165 -16.71 14.82 43.99
CA GLY D 165 -17.62 13.72 44.27
C GLY D 165 -17.27 12.45 43.52
N TYR D 166 -18.26 11.84 42.88
CA TYR D 166 -18.04 10.63 42.11
C TYR D 166 -18.42 10.81 40.65
N ILE D 167 -17.52 10.39 39.74
CA ILE D 167 -17.78 10.39 38.31
C ILE D 167 -17.76 8.93 37.85
N GLN D 168 -18.62 8.57 36.91
CA GLN D 168 -18.67 7.18 36.43
C GLN D 168 -17.28 6.71 36.00
N GLY D 169 -16.90 5.52 36.45
CA GLY D 169 -15.60 4.96 36.11
C GLY D 169 -14.58 4.99 37.22
N MET D 170 -14.86 5.76 38.27
CA MET D 170 -13.93 5.86 39.38
C MET D 170 -13.89 4.56 40.18
N SER D 171 -14.97 3.79 40.13
CA SER D 171 -15.02 2.50 40.81
C SER D 171 -14.03 1.54 40.17
N ASP D 172 -13.82 1.71 38.86
CA ASP D 172 -12.87 0.89 38.12
C ASP D 172 -11.44 1.27 38.48
N LEU D 173 -11.23 2.51 38.89
CA LEU D 173 -9.90 2.95 39.33
C LEU D 173 -9.59 2.48 40.74
N LEU D 174 -10.63 2.37 41.57
CA LEU D 174 -10.47 1.95 42.96
C LEU D 174 -10.30 0.43 43.08
N SER D 175 -11.02 -0.30 42.23
CA SER D 175 -11.05 -1.76 42.25
C SER D 175 -9.66 -2.43 42.32
N PRO D 176 -8.71 -2.05 41.44
CA PRO D 176 -7.40 -2.69 41.57
C PRO D 176 -6.66 -2.30 42.84
N ILE D 177 -6.80 -1.04 43.27
CA ILE D 177 -6.10 -0.56 44.46
C ILE D 177 -6.60 -1.25 45.73
N LEU D 178 -7.91 -1.47 45.82
CA LEU D 178 -8.50 -2.17 46.95
C LEU D 178 -8.01 -3.62 46.98
N TYR D 179 -8.01 -4.27 45.82
CA TYR D 179 -7.54 -5.65 45.69
C TYR D 179 -6.13 -5.84 46.24
N VAL D 180 -5.27 -4.85 46.00
CA VAL D 180 -3.89 -4.90 46.48
C VAL D 180 -3.79 -4.63 47.98
N MET D 181 -4.50 -3.60 48.44
CA MET D 181 -4.41 -3.15 49.83
C MET D 181 -5.15 -4.04 50.83
N GLU D 182 -6.38 -4.43 50.46
CA GLU D 182 -7.23 -5.30 51.27
C GLU D 182 -7.67 -4.66 52.58
N ASN D 183 -7.23 -3.41 52.80
CA ASN D 183 -7.65 -2.61 53.95
C ASN D 183 -8.42 -1.37 53.51
N GLU D 184 -9.55 -1.11 54.17
CA GLU D 184 -10.46 -0.03 53.81
C GLU D 184 -9.80 1.35 53.93
N VAL D 185 -9.14 1.61 55.05
CA VAL D 185 -8.49 2.89 55.24
C VAL D 185 -7.37 3.10 54.23
N ASP D 186 -6.50 2.10 54.11
CA ASP D 186 -5.36 2.13 53.21
C ASP D 186 -5.76 2.34 51.76
N ALA D 187 -6.74 1.57 51.31
CA ALA D 187 -7.19 1.64 49.93
C ALA D 187 -7.74 3.03 49.63
N PHE D 188 -8.43 3.63 50.60
CA PHE D 188 -8.96 4.97 50.46
C PHE D 188 -7.85 5.98 50.21
N TRP D 189 -6.87 6.02 51.11
CA TRP D 189 -5.82 7.03 51.04
C TRP D 189 -4.89 6.81 49.85
N CYS D 190 -4.84 5.59 49.35
CA CYS D 190 -4.11 5.33 48.12
C CYS D 190 -4.91 5.83 46.94
N PHE D 191 -6.20 5.55 46.96
CA PHE D 191 -7.14 6.01 45.93
C PHE D 191 -7.15 7.53 45.84
N VAL D 192 -7.15 8.19 46.99
CA VAL D 192 -7.12 9.65 47.05
C VAL D 192 -5.90 10.21 46.31
N ALA D 193 -4.74 9.64 46.60
CA ALA D 193 -3.49 10.08 46.00
C ALA D 193 -3.43 9.80 44.50
N PHE D 194 -4.08 8.72 44.10
CA PHE D 194 -4.17 8.35 42.69
C PHE D 194 -4.99 9.38 41.92
N ILE D 195 -6.04 9.89 42.56
CA ILE D 195 -6.92 10.91 41.98
C ILE D 195 -6.26 12.29 41.93
N GLU D 196 -5.41 12.61 42.91
CA GLU D 196 -4.75 13.92 42.96
C GLU D 196 -3.90 14.20 41.72
N GLN D 197 -3.20 13.17 41.23
CA GLN D 197 -2.44 13.29 39.99
C GLN D 197 -3.36 13.51 38.80
N MET D 198 -4.56 12.93 38.89
CA MET D 198 -5.54 12.91 37.80
C MET D 198 -6.59 14.03 37.88
N HIS D 199 -6.48 14.87 38.92
CA HIS D 199 -7.61 15.71 39.37
C HIS D 199 -8.26 16.54 38.26
N CYS D 200 -7.45 17.05 37.34
CA CYS D 200 -7.94 17.85 36.23
C CYS D 200 -8.92 17.08 35.35
N ASN D 201 -8.66 15.79 35.16
CA ASN D 201 -9.49 14.96 34.29
C ASN D 201 -10.94 14.83 34.75
N PHE D 202 -11.14 14.78 36.06
CA PHE D 202 -12.45 14.46 36.61
C PHE D 202 -13.32 15.67 37.01
N GLU D 203 -12.78 16.88 36.88
CA GLU D 203 -13.55 18.07 37.21
C GLU D 203 -14.74 18.22 36.25
N GLU D 204 -15.79 18.89 36.71
CA GLU D 204 -17.08 18.89 36.01
C GLU D 204 -16.97 19.24 34.53
N GLN D 205 -16.37 20.40 34.24
CA GLN D 205 -15.93 20.67 32.88
C GLN D 205 -14.55 20.06 32.74
N MET D 206 -14.41 19.06 31.86
CA MET D 206 -13.19 18.28 31.85
C MET D 206 -12.17 18.86 30.88
N GLN D 207 -11.16 19.47 31.46
CA GLN D 207 -9.98 19.91 30.74
C GLN D 207 -8.87 19.02 31.24
N GLY D 208 -7.93 18.67 30.38
CA GLY D 208 -6.98 17.63 30.72
C GLY D 208 -7.53 16.34 30.17
N MET D 209 -8.83 16.29 29.94
CA MET D 209 -9.37 15.33 28.99
C MET D 209 -9.24 15.95 27.59
N LYS D 210 -9.50 17.26 27.49
CA LYS D 210 -9.28 17.98 26.23
C LYS D 210 -7.81 18.34 26.02
N THR D 211 -7.15 18.77 27.08
CA THR D 211 -5.76 19.19 27.01
C THR D 211 -4.86 18.02 26.66
N GLU D 212 -5.08 16.87 27.28
CA GLU D 212 -4.31 15.67 26.96
C GLU D 212 -4.53 15.24 25.52
N LEU D 213 -5.75 15.39 25.04
CA LEU D 213 -6.08 15.03 23.66
C LEU D 213 -5.38 15.97 22.67
N SER D 214 -5.21 17.24 23.06
CA SER D 214 -4.45 18.17 22.25
C SER D 214 -2.99 17.74 22.26
N GLN D 215 -2.51 17.32 23.43
CA GLN D 215 -1.15 16.80 23.58
C GLN D 215 -0.98 15.46 22.86
N LEU D 216 -2.04 14.65 22.87
CA LEU D 216 -1.98 13.31 22.30
C LEU D 216 -1.81 13.35 20.78
N SER D 217 -2.59 14.21 20.12
CA SER D 217 -2.53 14.34 18.67
C SER D 217 -1.19 14.93 18.24
N THR D 218 -0.66 15.83 19.06
CA THR D 218 0.64 16.45 18.80
C THR D 218 1.77 15.43 18.74
N LEU D 219 1.73 14.46 19.66
CA LEU D 219 2.74 13.40 19.69
C LEU D 219 2.65 12.47 18.49
N LEU D 220 1.43 12.13 18.09
CA LEU D 220 1.20 11.25 16.95
C LEU D 220 1.62 11.91 15.63
N LYS D 221 1.42 13.21 15.54
CA LYS D 221 1.81 14.00 14.36
C LYS D 221 3.30 13.86 14.06
N LEU D 222 4.11 13.85 15.11
CA LEU D 222 5.55 13.75 14.98
C LEU D 222 5.99 12.32 14.69
N LEU D 223 5.31 11.35 15.28
CA LEU D 223 5.69 9.94 15.15
C LEU D 223 5.29 9.36 13.80
N ASP D 224 3.99 9.21 13.57
CA ASP D 224 3.50 8.84 12.26
C ASP D 224 2.67 9.97 11.66
N LEU D 225 3.23 10.64 10.65
CA LEU D 225 2.56 11.78 10.05
C LEU D 225 1.48 11.28 9.10
N GLY D 226 1.74 10.13 8.50
CA GLY D 226 0.81 9.53 7.55
C GLY D 226 -0.42 8.95 8.19
N PHE D 227 -0.25 8.32 9.34
CA PHE D 227 -1.39 7.74 10.07
C PHE D 227 -2.23 8.89 10.63
N TRP D 228 -1.56 9.97 10.98
CA TRP D 228 -2.22 11.19 11.44
C TRP D 228 -3.08 11.79 10.32
N ASN D 229 -2.57 11.76 9.10
CA ASN D 229 -3.29 12.31 7.95
C ASN D 229 -4.57 11.52 7.68
N TYR D 230 -4.48 10.20 7.83
CA TYR D 230 -5.62 9.32 7.59
C TYR D 230 -6.76 9.57 8.58
N LEU D 231 -6.39 9.83 9.82
CA LEU D 231 -7.35 10.05 10.90
C LEU D 231 -8.19 11.31 10.71
N GLU D 232 -7.59 12.33 10.11
CA GLU D 232 -8.31 13.57 9.80
C GLU D 232 -9.44 13.33 8.80
N SER D 233 -9.22 12.39 7.89
CA SER D 233 -10.21 12.05 6.86
C SER D 233 -11.48 11.42 7.44
N GLN D 234 -11.34 10.68 8.53
CA GLN D 234 -12.48 9.99 9.14
C GLN D 234 -13.14 10.83 10.24
N GLU D 235 -12.67 12.07 10.40
CA GLU D 235 -13.18 13.00 11.41
C GLU D 235 -12.93 12.45 12.81
N SER D 236 -11.94 11.58 12.91
CA SER D 236 -11.53 10.98 14.18
C SER D 236 -10.39 11.80 14.79
N GLY D 237 -10.09 12.94 14.17
CA GLY D 237 -8.96 13.77 14.54
C GLY D 237 -8.86 14.03 16.04
N TYR D 238 -9.96 14.45 16.66
CA TYR D 238 -10.05 14.40 18.11
C TYR D 238 -10.32 12.96 18.52
N LEU D 239 -9.51 12.42 19.42
CA LEU D 239 -9.65 11.02 19.74
C LEU D 239 -10.51 10.94 21.00
N TYR D 240 -11.79 10.65 20.82
CA TYR D 240 -12.72 10.58 21.94
C TYR D 240 -12.84 9.12 22.29
N PHE D 241 -12.21 8.32 21.45
CA PHE D 241 -12.18 6.87 21.59
C PHE D 241 -11.04 6.42 22.48
N CYS D 242 -10.16 7.35 22.80
CA CYS D 242 -9.08 7.10 23.74
C CYS D 242 -9.53 7.53 25.11
N PHE D 243 -10.80 7.94 25.19
CA PHE D 243 -11.36 8.46 26.42
C PHE D 243 -11.29 7.40 27.51
N ARG D 244 -11.81 6.22 27.22
CA ARG D 244 -11.81 5.12 28.19
C ARG D 244 -10.38 4.69 28.52
N TRP D 245 -9.50 4.84 27.54
CA TRP D 245 -8.07 4.58 27.72
C TRP D 245 -7.45 5.53 28.75
N LEU D 246 -7.65 6.82 28.52
CA LEU D 246 -7.01 7.90 29.29
C LEU D 246 -7.61 8.14 30.68
N LEU D 247 -8.94 8.23 30.74
CA LEU D 247 -9.65 8.56 31.98
C LEU D 247 -9.50 7.46 33.02
N ILE D 248 -9.74 6.22 32.58
CA ILE D 248 -9.74 5.06 33.47
C ILE D 248 -8.33 4.42 33.51
N ARG D 249 -7.36 5.07 32.87
CA ARG D 249 -5.97 4.59 32.83
C ARG D 249 -5.84 3.18 32.26
N PHE D 250 -6.47 2.95 31.11
CA PHE D 250 -6.29 1.71 30.35
C PHE D 250 -6.90 0.47 31.01
N LYS D 251 -7.47 0.63 32.20
CA LYS D 251 -8.02 -0.49 32.99
C LYS D 251 -8.95 -1.43 32.20
N ARG D 252 -9.82 -0.85 31.37
CA ARG D 252 -10.75 -1.65 30.56
C ARG D 252 -10.06 -2.37 29.42
N GLU D 253 -8.84 -1.95 29.10
CA GLU D 253 -8.12 -2.48 27.96
C GLU D 253 -7.14 -3.59 28.33
N PHE D 254 -7.10 -3.95 29.61
CA PHE D 254 -6.17 -4.96 30.08
C PHE D 254 -6.77 -5.90 31.13
N ASN D 255 -6.13 -7.04 31.34
CA ASN D 255 -6.49 -7.96 32.40
C ASN D 255 -6.24 -7.34 33.77
N PHE D 256 -6.88 -7.87 34.82
CA PHE D 256 -6.69 -7.34 36.18
C PHE D 256 -5.20 -7.43 36.57
N GLN D 257 -4.60 -8.60 36.31
CA GLN D 257 -3.17 -8.80 36.61
C GLN D 257 -2.30 -7.95 35.69
N ASP D 258 -2.76 -7.76 34.46
CA ASP D 258 -2.07 -6.91 33.50
C ASP D 258 -2.04 -5.45 33.96
N THR D 259 -3.18 -5.00 34.47
CA THR D 259 -3.38 -3.63 34.92
C THR D 259 -2.47 -3.30 36.10
N LEU D 260 -2.32 -4.26 37.00
CA LEU D 260 -1.48 -4.07 38.19
C LEU D 260 -0.03 -3.73 37.84
N ARG D 261 0.55 -4.42 36.87
CA ARG D 261 1.94 -4.17 36.49
C ARG D 261 2.07 -2.85 35.74
N LEU D 262 1.10 -2.58 34.85
CA LEU D 262 1.10 -1.34 34.08
C LEU D 262 1.12 -0.09 34.94
N TRP D 263 0.31 -0.08 36.00
CA TRP D 263 0.20 1.06 36.91
C TRP D 263 1.44 1.24 37.79
N GLU D 264 2.02 0.12 38.26
CA GLU D 264 3.29 0.16 38.99
C GLU D 264 4.32 0.97 38.21
N VAL D 265 4.50 0.60 36.95
CA VAL D 265 5.51 1.20 36.10
C VAL D 265 5.24 2.68 35.92
N MET D 266 3.98 3.03 35.70
CA MET D 266 3.60 4.42 35.53
C MET D 266 3.86 5.26 36.79
N TRP D 267 3.46 4.73 37.94
CA TRP D 267 3.49 5.46 39.21
C TRP D 267 4.90 5.79 39.68
N THR D 268 5.89 5.22 39.00
CA THR D 268 7.29 5.57 39.25
C THR D 268 7.62 6.95 38.67
N GLY D 269 6.80 7.39 37.71
CA GLY D 269 6.99 8.68 37.10
C GLY D 269 8.19 8.65 36.16
N LEU D 270 8.46 7.48 35.61
CA LEU D 270 9.59 7.29 34.70
C LEU D 270 9.11 6.83 33.32
N PRO D 271 9.92 7.09 32.27
CA PRO D 271 11.09 7.96 32.21
C PRO D 271 10.76 9.45 32.14
N CYS D 272 9.58 9.77 31.62
CA CYS D 272 9.26 11.15 31.32
C CYS D 272 7.99 11.67 32.03
N GLN D 273 7.64 12.92 31.76
CA GLN D 273 6.60 13.60 32.51
C GLN D 273 5.24 12.96 32.27
N ASN D 274 4.84 12.83 31.01
CA ASN D 274 3.64 12.05 30.72
C ASN D 274 4.03 10.79 29.99
N PHE D 275 4.06 9.68 30.70
CA PHE D 275 4.40 8.42 30.08
C PHE D 275 3.15 7.81 29.45
N HIS D 276 2.01 8.11 30.06
CA HIS D 276 0.72 7.54 29.64
C HIS D 276 0.36 7.98 28.23
N LEU D 277 0.87 9.14 27.83
CA LEU D 277 0.62 9.63 26.49
C LEU D 277 1.36 8.79 25.46
N LEU D 278 2.57 8.36 25.81
CA LEU D 278 3.37 7.51 24.93
C LEU D 278 2.76 6.13 24.86
N ILE D 279 2.17 5.71 25.98
CA ILE D 279 1.51 4.43 26.08
C ILE D 279 0.27 4.37 25.19
N CYS D 280 -0.44 5.48 25.05
CA CYS D 280 -1.52 5.56 24.07
C CYS D 280 -1.01 5.37 22.64
N CYS D 281 0.10 6.04 22.32
CA CYS D 281 0.73 5.92 21.02
C CYS D 281 1.22 4.50 20.75
N ALA D 282 1.75 3.84 21.78
CA ALA D 282 2.23 2.47 21.66
C ALA D 282 1.07 1.55 21.28
N ILE D 283 -0.09 1.74 21.89
CA ILE D 283 -1.29 0.97 21.60
C ILE D 283 -1.78 1.25 20.17
N LEU D 284 -1.66 2.49 19.76
CA LEU D 284 -2.08 2.93 18.43
C LEU D 284 -1.12 2.44 17.33
N ASP D 285 0.14 2.26 17.69
CA ASP D 285 1.17 1.85 16.74
C ASP D 285 0.83 0.50 16.11
N SER D 286 0.32 -0.40 16.93
CA SER D 286 -0.05 -1.75 16.48
C SER D 286 -1.30 -1.75 15.60
N GLU D 287 -2.13 -0.71 15.74
CA GLU D 287 -3.43 -0.66 15.06
C GLU D 287 -3.46 0.10 13.73
N LYS D 288 -2.30 0.58 13.29
CA LYS D 288 -2.20 1.35 12.05
C LYS D 288 -2.79 0.60 10.86
N GLN D 289 -2.44 -0.68 10.72
CA GLN D 289 -2.85 -1.47 9.56
C GLN D 289 -4.35 -1.79 9.50
N LYS D 290 -4.88 -2.35 10.60
CA LYS D 290 -6.28 -2.81 10.63
C LYS D 290 -7.29 -1.73 10.30
N ILE D 291 -7.05 -0.53 10.80
CA ILE D 291 -7.96 0.59 10.63
C ILE D 291 -7.89 1.26 9.25
N MET D 292 -6.67 1.47 8.73
CA MET D 292 -6.50 2.23 7.49
C MET D 292 -6.98 1.51 6.24
N GLU D 293 -6.65 0.23 6.13
CA GLU D 293 -7.05 -0.57 4.97
C GLU D 293 -8.56 -0.68 4.86
N ASN D 294 -9.21 -0.96 6.00
CA ASN D 294 -10.63 -1.25 6.04
C ASN D 294 -11.54 -0.03 5.93
N HIS D 295 -10.96 1.16 5.95
CA HIS D 295 -11.69 2.43 5.82
C HIS D 295 -12.77 2.58 6.89
N TYR D 296 -12.38 2.31 8.14
CA TYR D 296 -13.30 2.27 9.29
C TYR D 296 -13.96 3.62 9.57
N GLY D 297 -15.29 3.61 9.67
CA GLY D 297 -16.03 4.84 9.95
C GLY D 297 -16.04 5.01 11.46
N PHE D 298 -16.46 6.18 11.96
CA PHE D 298 -16.34 6.48 13.38
C PHE D 298 -17.07 5.44 14.25
N ASN D 299 -18.27 5.06 13.83
CA ASN D 299 -19.04 4.06 14.55
C ASN D 299 -18.32 2.71 14.53
N GLU D 300 -17.76 2.37 13.37
CA GLU D 300 -17.02 1.13 13.19
C GLU D 300 -15.74 1.14 14.03
N ILE D 301 -15.17 2.34 14.21
CA ILE D 301 -13.96 2.53 15.02
C ILE D 301 -14.27 2.30 16.51
N LEU D 302 -15.43 2.76 16.94
CA LEU D 302 -15.85 2.60 18.34
C LEU D 302 -15.93 1.12 18.73
N LYS D 303 -16.37 0.27 17.81
CA LYS D 303 -16.39 -1.17 18.02
C LYS D 303 -14.98 -1.76 18.08
N HIS D 304 -14.14 -1.29 17.14
CA HIS D 304 -12.77 -1.79 16.94
C HIS D 304 -11.91 -1.62 18.19
N ILE D 305 -12.16 -0.56 18.94
CA ILE D 305 -11.42 -0.25 20.16
C ILE D 305 -11.90 -1.04 21.39
N ASN D 306 -13.19 -1.31 21.47
CA ASN D 306 -13.69 -2.13 22.56
C ASN D 306 -13.17 -3.59 22.52
N GLU D 307 -13.01 -4.12 21.32
CA GLU D 307 -12.55 -5.50 21.10
C GLU D 307 -11.04 -5.55 20.94
N LEU D 308 -10.41 -4.40 21.14
CA LEU D 308 -8.95 -4.27 21.08
C LEU D 308 -8.35 -4.71 22.41
N SER D 309 -9.22 -4.86 23.41
CA SER D 309 -8.83 -5.13 24.78
C SER D 309 -7.98 -6.40 24.91
N LEU D 310 -8.56 -7.54 24.55
CA LEU D 310 -7.88 -8.83 24.69
C LEU D 310 -6.72 -9.08 23.72
N LYS D 311 -6.49 -8.18 22.78
CA LYS D 311 -5.41 -8.41 21.82
C LYS D 311 -4.11 -7.70 22.20
N LEU D 312 -4.09 -6.99 23.34
CA LEU D 312 -2.91 -6.20 23.69
C LEU D 312 -2.00 -6.90 24.69
N ASP D 313 -0.70 -6.82 24.46
CA ASP D 313 0.29 -7.31 25.42
C ASP D 313 0.95 -6.17 26.19
N VAL D 314 0.89 -6.25 27.51
CA VAL D 314 1.37 -5.15 28.36
C VAL D 314 2.85 -4.86 28.14
N GLU D 315 3.66 -5.92 28.19
CA GLU D 315 5.09 -5.75 28.21
C GLU D 315 5.61 -5.32 26.85
N GLU D 316 4.86 -5.63 25.80
CA GLU D 316 5.17 -5.12 24.47
C GLU D 316 4.90 -3.63 24.39
N VAL D 317 3.81 -3.21 25.01
CA VAL D 317 3.42 -1.82 25.05
C VAL D 317 4.42 -1.00 25.86
N LEU D 318 4.80 -1.52 27.03
CA LEU D 318 5.78 -0.86 27.87
C LEU D 318 7.14 -0.77 27.20
N CYS D 319 7.44 -1.74 26.34
CA CYS D 319 8.67 -1.69 25.54
C CYS D 319 8.55 -0.65 24.42
N LYS D 320 7.46 -0.70 23.66
CA LYS D 320 7.22 0.25 22.57
C LYS D 320 7.20 1.69 23.07
N ALA D 321 6.50 1.92 24.17
CA ALA D 321 6.36 3.25 24.75
C ALA D 321 7.71 3.81 25.20
N GLU D 322 8.49 2.97 25.89
CA GLU D 322 9.81 3.38 26.36
C GLU D 322 10.73 3.63 25.17
N ALA D 323 10.57 2.82 24.13
CA ALA D 323 11.35 2.95 22.91
C ALA D 323 11.11 4.30 22.24
N ILE D 324 9.86 4.73 22.27
CA ILE D 324 9.48 6.03 21.71
C ILE D 324 10.15 7.17 22.48
N TYR D 325 10.28 7.01 23.79
CA TYR D 325 10.93 8.01 24.62
C TYR D 325 12.41 8.16 24.27
N CYS D 326 13.10 7.03 24.18
CA CYS D 326 14.52 7.04 23.85
C CYS D 326 14.78 7.65 22.49
N GLN D 327 13.93 7.28 21.53
CA GLN D 327 14.05 7.77 20.16
C GLN D 327 13.90 9.29 20.11
N MET D 328 13.04 9.83 20.96
CA MET D 328 12.79 11.27 21.01
C MET D 328 13.85 12.08 21.76
N MET D 329 14.22 11.64 22.95
CA MET D 329 15.22 12.34 23.76
C MET D 329 16.56 12.53 23.07
N LYS D 330 16.99 11.53 22.30
CA LYS D 330 18.27 11.58 21.61
C LYS D 330 18.27 12.48 20.37
N CYS D 331 17.07 12.86 19.92
CA CYS D 331 16.92 13.71 18.75
C CYS D 331 17.24 15.18 19.04
N LYS D 332 18.21 15.73 18.31
CA LYS D 332 18.70 17.08 18.59
C LYS D 332 17.71 18.17 18.17
N ASP D 333 17.13 18.04 16.98
CA ASP D 333 16.07 18.95 16.57
C ASP D 333 14.70 18.40 16.91
N LEU D 334 14.06 19.01 17.89
CA LEU D 334 12.74 18.60 18.33
C LEU D 334 11.91 19.86 18.49
N PRO D 335 10.64 19.82 18.07
CA PRO D 335 9.80 21.01 18.21
C PRO D 335 9.60 21.35 19.68
N GLN D 336 9.55 22.64 19.99
CA GLN D 336 9.48 23.09 21.38
C GLN D 336 8.21 22.58 22.06
N ALA D 337 7.16 22.37 21.27
CA ALA D 337 5.89 21.84 21.78
C ALA D 337 6.00 20.44 22.37
N VAL D 338 6.68 19.56 21.65
CA VAL D 338 6.85 18.17 22.05
C VAL D 338 7.78 18.00 23.24
N GLY D 339 8.89 18.73 23.24
CA GLY D 339 9.86 18.65 24.32
C GLY D 339 9.27 18.96 25.69
N GLU D 340 8.27 19.83 25.70
CA GLU D 340 7.62 20.25 26.93
C GLU D 340 6.69 19.19 27.53
N ILE D 341 6.04 18.41 26.66
CA ILE D 341 5.12 17.36 27.12
C ILE D 341 5.86 16.27 27.90
N LEU D 342 7.07 15.94 27.46
CA LEU D 342 7.85 14.89 28.10
C LEU D 342 8.67 15.41 29.28
N GLY D 343 8.75 16.73 29.41
CA GLY D 343 9.44 17.35 30.51
C GLY D 343 10.91 17.56 30.21
N LEU D 344 11.23 17.56 28.92
CA LEU D 344 12.61 17.75 28.47
C LEU D 344 13.00 19.23 28.48
#